data_8V4R
#
_entry.id   8V4R
#
_cell.length_a   139.407
_cell.length_b   139.407
_cell.length_c   542.252
_cell.angle_alpha   90.00
_cell.angle_beta   90.00
_cell.angle_gamma   120.00
#
_symmetry.space_group_name_H-M   'P 61 2 2'
#
loop_
_entity.id
_entity.type
_entity.pdbx_description
1 polymer 'Acetyl-coenzyme A synthetase 2'
2 non-polymer 'ADENOSINE MONOPHOSPHATE'
3 non-polymer 'COENZYME A'
4 non-polymer 'ACETIC ACID'
5 non-polymer GLYCEROL
6 water water
#
_entity_poly.entity_id   1
_entity_poly.type   'polypeptide(L)'
_entity_poly.pdbx_seq_one_letter_code
;MHHHHHHHHENLYFQGPTEQTHNVVHEANGVKLRETPKEFFERQPNKGHIHDVNQYKQMYEQSIKDPQGFFGPLAKELLS
WDHDFHTVKSGTLKNGDAAWFLGGELNASYNCVDRHAFANPDKPALICEADDEKDSHILTYGDLLREVSKVAGVLQSWGI
KKGDTVAVYLPMNAQAIIAMLAIARLGAAHSVIFAGFSAGSIKDRVNDASCKALITCDEGKRGGRTTNIKKLCDEALVDC
PTVEKVLVYKRTNNPEIHLTEGRDYYWDVETAKFPGYLPPVSVNSEDPLFLLYTSGSTGTPKGVVHSTAGYLLGAALSTK
YIFDIHPEDILFTAGDVGWITGHTYALYGPLLLGVPTIIFEGTPAYPDYGRFWQIVEKHKATHFYVAPTALRLLRKAGEQ
EIAKYDLSSLRTLGSVGEPISPDIWEWYNEFVGKNQCHISDTYWQTESGSHLIAPLAGVVPNKPGSASYPFFGIDAALID
PVTGVEIEGNDAEGVLAIKDHWPSMARTVYKNHTKYMDTYMNPYPGYYFTGDGAARDHDGYYWIRGRVDDVVNVSGHRLS
TAEIEAALIEDKKVSEAAVVGIHDDITGQAVIAYVALKEGNSDEDSEGLRKELVLQVRKTIGPFAAPKSVIIVQDLPKTR
SGKIMRRILRKVSSNEADQLGDISTLSNPQSVEGIISAFGAQFGKK
;
_entity_poly.pdbx_strand_id   A,B,C
#
# COMPACT_ATOMS: atom_id res chain seq x y z
N GLN A 20 -32.67 30.30 -38.48
CA GLN A 20 -33.70 29.37 -38.05
C GLN A 20 -33.73 28.13 -38.95
N THR A 21 -33.07 28.21 -40.10
CA THR A 21 -33.02 27.12 -41.06
C THR A 21 -31.61 26.58 -41.12
N HIS A 22 -31.47 25.28 -40.92
CA HIS A 22 -30.17 24.62 -40.93
C HIS A 22 -29.87 24.08 -42.33
N ASN A 23 -28.70 24.43 -42.85
CA ASN A 23 -28.26 23.94 -44.14
C ASN A 23 -27.36 22.72 -44.02
N VAL A 24 -26.89 22.41 -42.83
CA VAL A 24 -26.05 21.24 -42.57
C VAL A 24 -26.73 20.26 -41.62
N VAL A 25 -27.20 20.77 -40.48
CA VAL A 25 -27.82 19.91 -39.45
C VAL A 25 -29.29 19.80 -39.83
N HIS A 26 -29.58 18.86 -40.72
CA HIS A 26 -30.93 18.70 -41.24
C HIS A 26 -31.88 18.04 -40.25
N GLU A 27 -31.35 17.36 -39.23
CA GLU A 27 -32.21 16.79 -38.20
C GLU A 27 -32.88 17.87 -37.35
N ALA A 28 -32.34 19.08 -37.33
CA ALA A 28 -32.80 20.12 -36.42
C ALA A 28 -33.92 20.97 -37.00
N ASN A 29 -34.17 20.90 -38.30
CA ASN A 29 -35.15 21.78 -38.93
C ASN A 29 -36.55 21.38 -38.50
N GLY A 30 -37.33 22.37 -38.08
CA GLY A 30 -38.73 22.14 -37.71
C GLY A 30 -38.90 21.17 -36.56
N VAL A 31 -38.07 21.28 -35.54
CA VAL A 31 -38.13 20.41 -34.37
C VAL A 31 -38.43 21.28 -33.16
N LYS A 32 -39.65 21.17 -32.64
CA LYS A 32 -40.07 21.97 -31.50
C LYS A 32 -39.40 21.48 -30.23
N LEU A 33 -38.90 22.43 -29.43
CA LEU A 33 -38.36 22.09 -28.12
C LEU A 33 -39.42 21.44 -27.27
N ARG A 34 -39.02 20.41 -26.53
CA ARG A 34 -39.92 19.66 -25.67
C ARG A 34 -39.53 19.97 -24.22
N GLU A 35 -40.25 20.89 -23.60
CA GLU A 35 -40.01 21.21 -22.21
C GLU A 35 -40.36 20.01 -21.34
N THR A 36 -39.74 19.92 -20.17
CA THR A 36 -40.02 18.80 -19.29
C THR A 36 -41.42 18.98 -18.69
N PRO A 37 -42.22 17.92 -18.65
CA PRO A 37 -43.59 18.07 -18.13
C PRO A 37 -43.61 18.58 -16.70
N LYS A 38 -44.72 19.21 -16.33
CA LYS A 38 -44.87 19.73 -14.98
C LYS A 38 -44.94 18.58 -13.96
N GLU A 39 -45.49 17.43 -14.36
CA GLU A 39 -45.56 16.30 -13.45
C GLU A 39 -44.18 15.87 -12.98
N PHE A 40 -43.15 16.14 -13.78
CA PHE A 40 -41.79 15.80 -13.36
C PHE A 40 -41.45 16.45 -12.03
N PHE A 41 -41.79 17.73 -11.86
CA PHE A 41 -41.42 18.44 -10.64
C PHE A 41 -42.36 18.12 -9.49
N GLU A 42 -43.61 17.77 -9.78
CA GLU A 42 -44.49 17.28 -8.73
C GLU A 42 -43.90 16.02 -8.10
N ARG A 43 -43.38 15.10 -8.92
CA ARG A 43 -42.83 13.85 -8.43
C ARG A 43 -41.44 14.01 -7.85
N GLN A 44 -40.76 15.11 -8.18
CA GLN A 44 -39.43 15.37 -7.64
C GLN A 44 -39.51 15.46 -6.11
N PRO A 45 -38.70 14.68 -5.38
CA PRO A 45 -38.88 14.63 -3.92
C PRO A 45 -38.29 15.83 -3.17
N ASN A 46 -37.39 16.58 -3.77
CA ASN A 46 -36.79 17.73 -3.12
C ASN A 46 -36.54 18.82 -4.15
N LYS A 47 -36.04 19.96 -3.67
CA LYS A 47 -35.56 21.00 -4.55
C LYS A 47 -34.53 20.41 -5.51
N GLY A 48 -34.68 20.71 -6.80
CA GLY A 48 -33.77 20.18 -7.78
C GLY A 48 -32.33 20.59 -7.50
N HIS A 49 -31.41 19.77 -8.02
CA HIS A 49 -29.99 20.05 -7.81
C HIS A 49 -29.50 21.24 -8.61
N ILE A 50 -30.20 21.64 -9.66
CA ILE A 50 -29.84 22.78 -10.49
C ILE A 50 -31.08 23.65 -10.66
N HIS A 51 -30.90 24.95 -10.43
CA HIS A 51 -32.02 25.87 -10.40
C HIS A 51 -32.71 25.97 -11.77
N ASP A 52 -31.96 26.34 -12.79
CA ASP A 52 -32.53 26.52 -14.12
C ASP A 52 -31.41 26.30 -15.13
N VAL A 53 -31.74 26.46 -16.41
CA VAL A 53 -30.74 26.26 -17.45
C VAL A 53 -29.61 27.27 -17.32
N ASN A 54 -29.89 28.44 -16.75
CA ASN A 54 -28.85 29.46 -16.63
C ASN A 54 -27.83 29.10 -15.56
N GLN A 55 -28.29 28.55 -14.43
CA GLN A 55 -27.32 28.05 -13.46
C GLN A 55 -26.52 26.90 -14.06
N TYR A 56 -27.12 26.11 -14.94
CA TYR A 56 -26.37 25.05 -15.59
C TYR A 56 -25.26 25.62 -16.46
N LYS A 57 -25.59 26.62 -17.28
CA LYS A 57 -24.58 27.21 -18.17
C LYS A 57 -23.46 27.85 -17.36
N GLN A 58 -23.79 28.47 -16.23
CA GLN A 58 -22.76 29.03 -15.36
C GLN A 58 -21.87 27.94 -14.80
N MET A 59 -22.47 26.89 -14.25
CA MET A 59 -21.66 25.78 -13.74
C MET A 59 -20.84 25.14 -14.85
N TYR A 60 -21.41 25.00 -16.04
CA TYR A 60 -20.65 24.42 -17.14
C TYR A 60 -19.46 25.30 -17.51
N GLU A 61 -19.69 26.60 -17.65
CA GLU A 61 -18.62 27.50 -18.03
C GLU A 61 -17.48 27.48 -17.02
N GLN A 62 -17.78 27.26 -15.75
CA GLN A 62 -16.70 27.16 -14.77
C GLN A 62 -15.96 25.83 -14.89
N SER A 63 -16.70 24.74 -15.18
CA SER A 63 -16.04 23.45 -15.28
C SER A 63 -15.07 23.40 -16.45
N ILE A 64 -15.23 24.28 -17.43
CA ILE A 64 -14.30 24.35 -18.56
C ILE A 64 -13.22 25.39 -18.32
N LYS A 65 -13.57 26.57 -17.80
CA LYS A 65 -12.60 27.64 -17.63
C LYS A 65 -11.80 27.50 -16.34
N ASP A 66 -12.39 26.92 -15.29
CA ASP A 66 -11.75 26.83 -13.98
C ASP A 66 -12.03 25.45 -13.40
N PRO A 67 -11.42 24.40 -13.96
CA PRO A 67 -11.70 23.05 -13.45
C PRO A 67 -11.30 22.87 -11.99
N GLN A 68 -10.24 23.53 -11.55
CA GLN A 68 -9.80 23.39 -10.16
C GLN A 68 -10.86 23.90 -9.20
N GLY A 69 -11.44 25.07 -9.49
CA GLY A 69 -12.44 25.64 -8.62
C GLY A 69 -13.79 24.97 -8.70
N PHE A 70 -14.05 24.23 -9.76
CA PHE A 70 -15.33 23.56 -9.94
C PHE A 70 -15.30 22.14 -9.37
N PHE A 71 -14.34 21.32 -9.80
CA PHE A 71 -14.33 19.92 -9.40
C PHE A 71 -13.74 19.70 -8.01
N GLY A 72 -12.87 20.60 -7.57
CA GLY A 72 -12.28 20.47 -6.25
C GLY A 72 -13.33 20.36 -5.18
N PRO A 73 -14.18 21.38 -5.07
CA PRO A 73 -15.26 21.32 -4.05
C PRO A 73 -16.21 20.17 -4.26
N LEU A 74 -16.60 19.89 -5.51
CA LEU A 74 -17.52 18.78 -5.76
C LEU A 74 -16.89 17.46 -5.37
N ALA A 75 -15.57 17.32 -5.59
CA ALA A 75 -14.89 16.10 -5.22
C ALA A 75 -14.92 15.89 -3.71
N LYS A 76 -14.78 16.98 -2.93
CA LYS A 76 -14.83 16.86 -1.48
C LYS A 76 -16.26 16.59 -1.00
N GLU A 77 -17.26 17.09 -1.73
CA GLU A 77 -18.65 16.91 -1.31
C GLU A 77 -19.11 15.48 -1.53
N LEU A 78 -18.85 14.93 -2.72
CA LEU A 78 -19.47 13.69 -3.14
C LEU A 78 -18.68 12.44 -2.78
N LEU A 79 -17.38 12.57 -2.50
CA LEU A 79 -16.53 11.43 -2.20
C LEU A 79 -15.98 11.57 -0.79
N SER A 80 -15.76 10.43 -0.15
CA SER A 80 -15.11 10.38 1.16
C SER A 80 -13.65 10.00 0.95
N TRP A 81 -12.75 10.82 1.47
CA TRP A 81 -11.32 10.70 1.21
C TRP A 81 -10.60 10.19 2.44
N ASP A 82 -9.67 9.25 2.22
CA ASP A 82 -8.76 8.84 3.29
C ASP A 82 -7.56 9.77 3.37
N HIS A 83 -7.21 10.42 2.27
CA HIS A 83 -6.14 11.42 2.23
C HIS A 83 -6.57 12.51 1.26
N ASP A 84 -6.46 13.76 1.69
CA ASP A 84 -6.87 14.86 0.83
C ASP A 84 -5.95 14.94 -0.37
N PHE A 85 -6.50 15.36 -1.51
CA PHE A 85 -5.71 15.61 -2.70
C PHE A 85 -5.13 17.02 -2.66
N HIS A 86 -3.97 17.19 -3.29
CA HIS A 86 -3.29 18.47 -3.30
C HIS A 86 -3.38 19.20 -4.63
N THR A 87 -3.75 18.51 -5.71
CA THR A 87 -3.85 19.09 -7.04
C THR A 87 -5.06 18.50 -7.74
N VAL A 88 -5.95 19.36 -8.24
CA VAL A 88 -7.19 18.87 -8.82
C VAL A 88 -6.93 18.21 -10.18
N LYS A 89 -6.04 18.79 -10.98
CA LYS A 89 -5.94 18.44 -12.39
C LYS A 89 -4.50 18.54 -12.86
N SER A 90 -4.08 17.55 -13.66
CA SER A 90 -2.72 17.52 -14.20
C SER A 90 -2.72 16.84 -15.55
N GLY A 91 -1.67 17.09 -16.33
CA GLY A 91 -1.49 16.40 -17.59
C GLY A 91 -2.25 17.04 -18.73
N THR A 92 -2.03 16.48 -19.92
CA THR A 92 -2.68 16.93 -21.14
C THR A 92 -3.01 15.72 -22.00
N LEU A 93 -3.91 15.91 -22.97
CA LEU A 93 -4.25 14.82 -23.87
C LEU A 93 -3.09 14.47 -24.79
N LYS A 94 -2.44 15.49 -25.35
CA LYS A 94 -1.38 15.24 -26.32
C LYS A 94 -0.28 14.36 -25.74
N ASN A 95 -0.08 14.43 -24.43
CA ASN A 95 0.93 13.64 -23.74
C ASN A 95 0.38 12.41 -23.05
N GLY A 96 -0.94 12.22 -23.05
CA GLY A 96 -1.50 11.01 -22.45
C GLY A 96 -1.08 10.80 -21.02
N ASP A 97 -1.10 11.85 -20.22
CA ASP A 97 -0.70 11.79 -18.82
C ASP A 97 -1.73 12.47 -17.94
N ALA A 98 -3.01 12.36 -18.31
CA ALA A 98 -4.08 12.96 -17.54
C ALA A 98 -4.15 12.36 -16.14
N ALA A 99 -4.49 13.20 -15.17
CA ALA A 99 -4.61 12.77 -13.78
C ALA A 99 -5.46 13.79 -13.03
N TRP A 100 -6.20 13.31 -12.04
CA TRP A 100 -7.10 14.16 -11.26
C TRP A 100 -6.96 13.85 -9.78
N PHE A 101 -7.04 14.89 -8.95
CA PHE A 101 -7.04 14.75 -7.50
C PHE A 101 -5.77 14.05 -7.04
N LEU A 102 -4.64 14.55 -7.51
CA LEU A 102 -3.36 13.93 -7.24
C LEU A 102 -3.03 14.03 -5.76
N GLY A 103 -2.45 12.95 -5.23
CA GLY A 103 -2.15 12.86 -3.82
C GLY A 103 -3.29 12.35 -2.97
N GLY A 104 -4.51 12.33 -3.49
CA GLY A 104 -5.63 11.85 -2.72
C GLY A 104 -5.66 10.34 -2.65
N GLU A 105 -6.24 9.84 -1.56
CA GLU A 105 -6.46 8.41 -1.37
C GLU A 105 -7.90 8.18 -0.95
N LEU A 106 -8.42 7.03 -1.34
CA LEU A 106 -9.80 6.65 -1.06
C LEU A 106 -9.94 5.17 -1.38
N ASN A 107 -11.14 4.64 -1.19
CA ASN A 107 -11.46 3.28 -1.55
C ASN A 107 -12.87 3.25 -2.14
N ALA A 108 -13.01 2.52 -3.26
CA ALA A 108 -14.29 2.53 -3.97
C ALA A 108 -15.38 1.83 -3.16
N SER A 109 -15.05 0.74 -2.47
CA SER A 109 -16.10 0.04 -1.73
C SER A 109 -16.49 0.79 -0.46
N TYR A 110 -15.59 1.62 0.09
CA TYR A 110 -15.99 2.46 1.21
C TYR A 110 -17.03 3.49 0.80
N ASN A 111 -16.84 4.11 -0.36
CA ASN A 111 -17.77 5.14 -0.82
C ASN A 111 -19.07 4.55 -1.32
N CYS A 112 -19.06 3.29 -1.74
CA CYS A 112 -20.27 2.65 -2.25
C CYS A 112 -21.02 1.85 -1.19
N VAL A 113 -20.38 1.49 -0.08
CA VAL A 113 -21.00 0.59 0.89
C VAL A 113 -20.82 1.10 2.32
N ASP A 114 -19.59 1.06 2.82
CA ASP A 114 -19.35 1.30 4.25
C ASP A 114 -20.06 2.56 4.74
N ARG A 115 -19.81 3.70 4.08
CA ARG A 115 -20.31 4.96 4.62
C ARG A 115 -21.83 5.02 4.64
N HIS A 116 -22.49 4.26 3.75
CA HIS A 116 -23.95 4.19 3.80
C HIS A 116 -24.41 3.18 4.82
N ALA A 117 -23.70 2.06 4.94
CA ALA A 117 -24.06 1.05 5.93
C ALA A 117 -23.97 1.60 7.35
N PHE A 118 -22.92 2.39 7.63
CA PHE A 118 -22.79 2.98 8.96
C PHE A 118 -23.91 3.96 9.25
N ALA A 119 -24.38 4.69 8.24
CA ALA A 119 -25.42 5.70 8.45
C ALA A 119 -26.80 5.04 8.59
N ASN A 120 -27.15 4.16 7.65
CA ASN A 120 -28.44 3.48 7.64
C ASN A 120 -28.22 2.07 7.10
N PRO A 121 -27.84 1.14 7.98
CA PRO A 121 -27.52 -0.22 7.49
C PRO A 121 -28.71 -0.95 6.89
N ASP A 122 -29.93 -0.55 7.24
CA ASP A 122 -31.13 -1.23 6.78
C ASP A 122 -31.68 -0.67 5.48
N LYS A 123 -31.06 0.36 4.92
CA LYS A 123 -31.53 0.91 3.65
C LYS A 123 -31.28 -0.08 2.53
N PRO A 124 -32.25 -0.29 1.64
CA PRO A 124 -32.00 -1.20 0.51
C PRO A 124 -30.87 -0.69 -0.35
N ALA A 125 -30.02 -1.61 -0.80
CA ALA A 125 -28.92 -1.29 -1.71
C ALA A 125 -29.09 -1.99 -3.05
N LEU A 126 -29.13 -3.32 -3.07
CA LEU A 126 -29.28 -4.10 -4.29
C LEU A 126 -30.69 -4.70 -4.28
N ILE A 127 -31.58 -4.14 -5.10
CA ILE A 127 -32.88 -4.72 -5.35
C ILE A 127 -32.69 -5.71 -6.50
N CYS A 128 -32.51 -6.98 -6.15
CA CYS A 128 -32.11 -7.99 -7.12
C CYS A 128 -33.35 -8.70 -7.64
N GLU A 129 -33.63 -8.50 -8.92
CA GLU A 129 -34.74 -9.17 -9.59
C GLU A 129 -34.16 -10.30 -10.43
N ALA A 130 -34.41 -11.54 -10.01
CA ALA A 130 -33.81 -12.70 -10.64
C ALA A 130 -34.53 -13.02 -11.94
N ASP A 131 -33.90 -13.86 -12.75
CA ASP A 131 -34.52 -14.31 -13.99
C ASP A 131 -35.93 -14.81 -13.73
N ASP A 132 -36.11 -15.54 -12.63
CA ASP A 132 -37.42 -16.00 -12.19
C ASP A 132 -37.76 -15.26 -10.91
N GLU A 133 -38.91 -14.56 -10.92
CA GLU A 133 -39.20 -13.63 -9.83
C GLU A 133 -39.23 -14.30 -8.47
N LYS A 134 -39.53 -15.60 -8.42
CA LYS A 134 -39.55 -16.30 -7.14
C LYS A 134 -38.19 -16.22 -6.45
N ASP A 135 -37.11 -16.08 -7.22
CA ASP A 135 -35.76 -16.05 -6.65
C ASP A 135 -35.27 -14.64 -6.37
N SER A 136 -36.12 -13.62 -6.51
CA SER A 136 -35.70 -12.25 -6.26
C SER A 136 -35.47 -12.02 -4.77
N HIS A 137 -34.66 -11.00 -4.47
CA HIS A 137 -34.32 -10.67 -3.09
C HIS A 137 -33.73 -9.27 -3.05
N ILE A 138 -33.54 -8.77 -1.83
CA ILE A 138 -33.04 -7.42 -1.59
C ILE A 138 -31.93 -7.48 -0.55
N LEU A 139 -30.80 -6.83 -0.85
CA LEU A 139 -29.70 -6.67 0.09
C LEU A 139 -29.65 -5.24 0.59
N THR A 140 -29.64 -5.08 1.92
CA THR A 140 -29.42 -3.76 2.49
C THR A 140 -27.93 -3.42 2.45
N TYR A 141 -27.63 -2.13 2.65
CA TYR A 141 -26.22 -1.72 2.69
C TYR A 141 -25.47 -2.45 3.78
N GLY A 142 -26.14 -2.79 4.89
CA GLY A 142 -25.51 -3.62 5.90
C GLY A 142 -25.21 -5.02 5.39
N ASP A 143 -26.17 -5.63 4.68
CA ASP A 143 -25.92 -6.93 4.08
C ASP A 143 -24.77 -6.86 3.08
N LEU A 144 -24.79 -5.83 2.23
CA LEU A 144 -23.76 -5.72 1.20
C LEU A 144 -22.38 -5.57 1.83
N LEU A 145 -22.29 -4.80 2.92
CA LEU A 145 -21.02 -4.65 3.60
C LEU A 145 -20.48 -5.99 4.09
N ARG A 146 -21.37 -6.84 4.61
CA ARG A 146 -20.94 -8.13 5.13
C ARG A 146 -20.51 -9.07 4.02
N GLU A 147 -21.28 -9.12 2.92
CA GLU A 147 -20.94 -10.02 1.82
C GLU A 147 -19.68 -9.57 1.11
N VAL A 148 -19.50 -8.25 0.95
CA VAL A 148 -18.28 -7.73 0.34
C VAL A 148 -17.08 -8.04 1.24
N SER A 149 -17.22 -7.80 2.54
CA SER A 149 -16.12 -8.06 3.47
C SER A 149 -15.70 -9.52 3.43
N LYS A 150 -16.66 -10.44 3.34
CA LYS A 150 -16.33 -11.86 3.37
C LYS A 150 -15.61 -12.31 2.11
N VAL A 151 -16.11 -11.91 0.94
CA VAL A 151 -15.43 -12.26 -0.31
C VAL A 151 -14.04 -11.64 -0.34
N ALA A 152 -13.92 -10.39 0.08
CA ALA A 152 -12.61 -9.76 0.15
C ALA A 152 -11.68 -10.54 1.07
N GLY A 153 -12.22 -11.10 2.15
CA GLY A 153 -11.40 -11.92 3.02
C GLY A 153 -10.88 -13.17 2.34
N VAL A 154 -11.72 -13.81 1.53
CA VAL A 154 -11.28 -14.99 0.79
C VAL A 154 -10.16 -14.61 -0.18
N LEU A 155 -10.39 -13.57 -0.98
CA LEU A 155 -9.40 -13.15 -1.96
C LEU A 155 -8.09 -12.76 -1.28
N GLN A 156 -8.19 -12.05 -0.15
CA GLN A 156 -6.98 -11.66 0.57
C GLN A 156 -6.20 -12.88 1.03
N SER A 157 -6.89 -13.90 1.55
CA SER A 157 -6.20 -15.11 1.97
C SER A 157 -5.60 -15.86 0.81
N TRP A 158 -6.15 -15.70 -0.40
CA TRP A 158 -5.56 -16.30 -1.59
C TRP A 158 -4.36 -15.53 -2.10
N GLY A 159 -4.05 -14.38 -1.51
CA GLY A 159 -2.92 -13.57 -1.90
C GLY A 159 -3.25 -12.43 -2.84
N ILE A 160 -4.52 -12.19 -3.14
CA ILE A 160 -4.89 -11.05 -3.98
C ILE A 160 -4.62 -9.77 -3.20
N LYS A 161 -3.77 -8.92 -3.75
CA LYS A 161 -3.35 -7.70 -3.11
C LYS A 161 -3.43 -6.56 -4.11
N LYS A 162 -3.37 -5.33 -3.59
CA LYS A 162 -3.38 -4.14 -4.43
C LYS A 162 -2.38 -4.27 -5.56
N GLY A 163 -2.83 -3.92 -6.78
CA GLY A 163 -2.07 -4.09 -7.98
C GLY A 163 -2.48 -5.30 -8.80
N ASP A 164 -3.05 -6.32 -8.17
CA ASP A 164 -3.50 -7.50 -8.90
C ASP A 164 -4.78 -7.22 -9.67
N THR A 165 -5.06 -8.09 -10.64
CA THR A 165 -6.33 -8.09 -11.36
C THR A 165 -7.06 -9.39 -11.07
N VAL A 166 -8.39 -9.29 -10.96
CA VAL A 166 -9.25 -10.42 -10.69
C VAL A 166 -10.38 -10.42 -11.71
N ALA A 167 -10.54 -11.52 -12.44
CA ALA A 167 -11.58 -11.63 -13.43
C ALA A 167 -12.91 -11.99 -12.79
N VAL A 168 -13.99 -11.48 -13.39
CA VAL A 168 -15.36 -11.77 -12.97
C VAL A 168 -16.13 -12.22 -14.19
N TYR A 169 -16.69 -13.43 -14.12
CA TYR A 169 -17.50 -14.01 -15.20
C TYR A 169 -18.81 -14.46 -14.56
N LEU A 170 -19.74 -13.53 -14.42
CA LEU A 170 -20.98 -13.74 -13.67
C LEU A 170 -22.16 -13.12 -14.39
N PRO A 171 -23.37 -13.64 -14.16
CA PRO A 171 -24.56 -12.96 -14.68
C PRO A 171 -24.83 -11.65 -13.96
N MET A 172 -25.87 -10.94 -14.36
CA MET A 172 -26.22 -9.65 -13.74
C MET A 172 -27.07 -9.91 -12.51
N ASN A 173 -26.40 -10.15 -11.39
CA ASN A 173 -27.09 -10.43 -10.14
C ASN A 173 -26.23 -9.94 -8.97
N ALA A 174 -26.67 -10.28 -7.75
CA ALA A 174 -26.01 -9.76 -6.55
C ALA A 174 -24.54 -10.16 -6.49
N GLN A 175 -24.21 -11.40 -6.89
CA GLN A 175 -22.84 -11.86 -6.76
C GLN A 175 -21.87 -11.06 -7.61
N ALA A 176 -22.29 -10.67 -8.83
CA ALA A 176 -21.42 -9.87 -9.68
C ALA A 176 -21.08 -8.55 -9.02
N ILE A 177 -22.07 -7.88 -8.43
CA ILE A 177 -21.81 -6.62 -7.74
C ILE A 177 -20.92 -6.84 -6.54
N ILE A 178 -21.18 -7.90 -5.77
CA ILE A 178 -20.36 -8.18 -4.59
C ILE A 178 -18.93 -8.47 -4.99
N ALA A 179 -18.75 -9.26 -6.05
CA ALA A 179 -17.40 -9.59 -6.50
C ALA A 179 -16.62 -8.34 -6.88
N MET A 180 -17.24 -7.46 -7.67
CA MET A 180 -16.55 -6.25 -8.10
C MET A 180 -16.13 -5.40 -6.91
N LEU A 181 -17.05 -5.19 -5.96
CA LEU A 181 -16.74 -4.37 -4.80
C LEU A 181 -15.73 -5.04 -3.88
N ALA A 182 -15.75 -6.37 -3.77
CA ALA A 182 -14.78 -7.04 -2.93
C ALA A 182 -13.37 -6.91 -3.50
N ILE A 183 -13.25 -7.04 -4.83
CA ILE A 183 -11.95 -6.84 -5.47
C ILE A 183 -11.47 -5.41 -5.22
N ALA A 184 -12.36 -4.43 -5.43
CA ALA A 184 -11.98 -3.04 -5.24
C ALA A 184 -11.65 -2.75 -3.78
N ARG A 185 -12.26 -3.50 -2.85
CA ARG A 185 -12.00 -3.27 -1.44
C ARG A 185 -10.54 -3.54 -1.09
N LEU A 186 -9.90 -4.48 -1.78
CA LEU A 186 -8.51 -4.84 -1.51
C LEU A 186 -7.51 -4.01 -2.29
N GLY A 187 -7.97 -3.04 -3.08
CA GLY A 187 -7.09 -2.29 -3.95
C GLY A 187 -6.74 -2.97 -5.26
N ALA A 188 -7.30 -4.14 -5.52
CA ALA A 188 -7.11 -4.79 -6.81
C ALA A 188 -8.07 -4.18 -7.84
N ALA A 189 -7.89 -4.57 -9.10
CA ALA A 189 -8.70 -4.08 -10.21
C ALA A 189 -9.49 -5.25 -10.79
N HIS A 190 -10.81 -5.12 -10.81
CA HIS A 190 -11.63 -6.17 -11.39
C HIS A 190 -11.73 -6.01 -12.89
N SER A 191 -11.87 -7.14 -13.58
CA SER A 191 -12.10 -7.17 -15.02
C SER A 191 -13.34 -8.03 -15.27
N VAL A 192 -14.49 -7.37 -15.43
CA VAL A 192 -15.76 -8.07 -15.58
C VAL A 192 -15.90 -8.55 -17.01
N ILE A 193 -16.14 -9.85 -17.18
CA ILE A 193 -16.32 -10.48 -18.48
C ILE A 193 -17.80 -10.80 -18.66
N PHE A 194 -18.40 -10.24 -19.70
CA PHE A 194 -19.82 -10.43 -19.97
C PHE A 194 -20.17 -11.91 -20.00
N ALA A 195 -21.26 -12.27 -19.31
CA ALA A 195 -21.63 -13.67 -19.16
C ALA A 195 -21.99 -14.35 -20.47
N GLY A 196 -22.23 -13.57 -21.53
CA GLY A 196 -22.53 -14.15 -22.82
C GLY A 196 -21.33 -14.44 -23.70
N PHE A 197 -20.12 -14.27 -23.19
CA PHE A 197 -18.93 -14.53 -24.00
C PHE A 197 -18.59 -16.02 -23.97
N SER A 198 -18.03 -16.49 -25.08
CA SER A 198 -17.60 -17.88 -25.21
C SER A 198 -16.23 -18.05 -24.54
N ALA A 199 -15.73 -19.28 -24.58
CA ALA A 199 -14.44 -19.58 -23.95
C ALA A 199 -13.30 -18.79 -24.58
N GLY A 200 -13.35 -18.56 -25.90
CA GLY A 200 -12.27 -17.85 -26.55
C GLY A 200 -12.14 -16.42 -26.06
N SER A 201 -13.26 -15.71 -25.94
CA SER A 201 -13.23 -14.34 -25.45
C SER A 201 -12.78 -14.27 -23.99
N ILE A 202 -13.16 -15.26 -23.18
CA ILE A 202 -12.67 -15.33 -21.81
C ILE A 202 -11.16 -15.48 -21.79
N LYS A 203 -10.64 -16.39 -22.61
CA LYS A 203 -9.21 -16.64 -22.66
C LYS A 203 -8.43 -15.39 -23.01
N ASP A 204 -8.91 -14.62 -23.99
CA ASP A 204 -8.21 -13.41 -24.40
C ASP A 204 -8.10 -12.43 -23.24
N ARG A 205 -9.22 -12.18 -22.55
CA ARG A 205 -9.24 -11.15 -21.53
C ARG A 205 -8.47 -11.56 -20.29
N VAL A 206 -8.61 -12.80 -19.85
CA VAL A 206 -7.90 -13.25 -18.66
C VAL A 206 -6.39 -13.20 -18.88
N ASN A 207 -5.92 -13.59 -20.06
CA ASN A 207 -4.49 -13.66 -20.29
C ASN A 207 -3.88 -12.26 -20.47
N ASP A 208 -4.60 -11.36 -21.13
CA ASP A 208 -4.06 -10.01 -21.29
C ASP A 208 -3.85 -9.35 -19.95
N ALA A 209 -4.79 -9.55 -19.02
CA ALA A 209 -4.70 -8.96 -17.69
C ALA A 209 -3.85 -9.80 -16.73
N SER A 210 -3.58 -11.06 -17.08
CA SER A 210 -2.81 -11.96 -16.23
C SER A 210 -3.43 -12.07 -14.84
N CYS A 211 -4.73 -12.36 -14.81
CA CYS A 211 -5.47 -12.44 -13.57
C CYS A 211 -4.98 -13.60 -12.71
N LYS A 212 -4.88 -13.36 -11.40
CA LYS A 212 -4.51 -14.42 -10.46
C LYS A 212 -5.71 -15.22 -9.99
N ALA A 213 -6.92 -14.70 -10.11
CA ALA A 213 -8.10 -15.40 -9.61
C ALA A 213 -9.29 -15.03 -10.47
N LEU A 214 -10.32 -15.87 -10.41
CA LEU A 214 -11.53 -15.67 -11.18
C LEU A 214 -12.74 -16.04 -10.34
N ILE A 215 -13.77 -15.22 -10.42
CA ILE A 215 -15.02 -15.42 -9.69
C ILE A 215 -16.13 -15.67 -10.71
N THR A 216 -16.84 -16.78 -10.53
CA THR A 216 -17.85 -17.19 -11.49
C THR A 216 -18.91 -18.02 -10.75
N CYS A 217 -19.81 -18.64 -11.50
CA CYS A 217 -20.84 -19.49 -10.90
C CYS A 217 -20.97 -20.76 -11.73
N ASP A 218 -21.77 -21.71 -11.22
CA ASP A 218 -21.89 -22.99 -11.89
C ASP A 218 -22.72 -22.86 -13.16
N GLU A 219 -23.89 -22.25 -13.07
CA GLU A 219 -24.76 -22.06 -14.23
C GLU A 219 -25.53 -20.76 -14.06
N GLY A 220 -26.04 -20.26 -15.17
CA GLY A 220 -26.87 -19.07 -15.16
C GLY A 220 -28.26 -19.36 -15.73
N LYS A 221 -29.24 -18.61 -15.24
CA LYS A 221 -30.59 -18.63 -15.78
C LYS A 221 -30.88 -17.28 -16.41
N ARG A 222 -31.26 -17.30 -17.68
CA ARG A 222 -31.59 -16.06 -18.37
C ARG A 222 -32.69 -16.38 -19.37
N GLY A 223 -33.86 -15.76 -19.18
CA GLY A 223 -35.01 -16.04 -20.01
C GLY A 223 -35.51 -17.46 -19.89
N GLY A 224 -35.41 -18.05 -18.70
CA GLY A 224 -35.77 -19.44 -18.48
C GLY A 224 -34.76 -20.44 -18.98
N ARG A 225 -33.82 -20.00 -19.82
CA ARG A 225 -32.79 -20.86 -20.37
C ARG A 225 -31.61 -20.96 -19.40
N THR A 226 -30.95 -22.11 -19.41
CA THR A 226 -29.79 -22.35 -18.56
C THR A 226 -28.52 -22.08 -19.36
N THR A 227 -27.64 -21.26 -18.78
CA THR A 227 -26.38 -20.91 -19.42
C THR A 227 -25.25 -21.72 -18.77
N ASN A 228 -24.31 -22.18 -19.60
CA ASN A 228 -23.25 -23.07 -19.15
C ASN A 228 -22.02 -22.24 -18.80
N ILE A 229 -22.05 -21.65 -17.61
CA ILE A 229 -21.03 -20.66 -17.24
C ILE A 229 -19.74 -21.36 -16.82
N LYS A 230 -19.78 -22.19 -15.78
CA LYS A 230 -18.56 -22.84 -15.31
C LYS A 230 -17.95 -23.72 -16.41
N LYS A 231 -18.78 -24.27 -17.29
CA LYS A 231 -18.27 -25.12 -18.36
C LYS A 231 -17.42 -24.32 -19.34
N LEU A 232 -17.92 -23.16 -19.76
CA LEU A 232 -17.15 -22.29 -20.63
C LEU A 232 -15.92 -21.77 -19.90
N CYS A 233 -16.07 -21.51 -18.60
CA CYS A 233 -14.94 -21.07 -17.79
C CYS A 233 -13.83 -22.11 -17.78
N ASP A 234 -14.17 -23.37 -17.48
CA ASP A 234 -13.16 -24.43 -17.49
C ASP A 234 -12.48 -24.53 -18.84
N GLU A 235 -13.27 -24.44 -19.93
CA GLU A 235 -12.73 -24.55 -21.28
C GLU A 235 -11.68 -23.47 -21.54
N ALA A 236 -11.90 -22.27 -21.01
CA ALA A 236 -10.95 -21.18 -21.22
C ALA A 236 -9.72 -21.32 -20.34
N LEU A 237 -9.91 -21.78 -19.10
CA LEU A 237 -8.82 -21.80 -18.13
C LEU A 237 -7.71 -22.79 -18.48
N VAL A 238 -7.92 -23.67 -19.45
CA VAL A 238 -6.82 -24.56 -19.86
C VAL A 238 -5.68 -23.79 -20.49
N ASP A 239 -5.94 -22.56 -20.95
CA ASP A 239 -4.92 -21.71 -21.57
C ASP A 239 -4.70 -20.43 -20.77
N CYS A 240 -5.00 -20.44 -19.47
CA CYS A 240 -4.86 -19.29 -18.59
C CYS A 240 -3.97 -19.70 -17.44
N PRO A 241 -2.66 -19.81 -17.65
CA PRO A 241 -1.75 -20.26 -16.59
C PRO A 241 -1.66 -19.31 -15.42
N THR A 242 -2.11 -18.06 -15.56
CA THR A 242 -2.00 -17.10 -14.48
C THR A 242 -3.06 -17.29 -13.39
N VAL A 243 -4.19 -17.92 -13.73
CA VAL A 243 -5.29 -18.08 -12.78
C VAL A 243 -4.91 -19.17 -11.79
N GLU A 244 -4.71 -18.78 -10.53
CA GLU A 244 -4.33 -19.70 -9.47
C GLU A 244 -5.54 -20.31 -8.78
N LYS A 245 -6.62 -19.55 -8.60
CA LYS A 245 -7.78 -20.02 -7.85
C LYS A 245 -9.04 -19.42 -8.45
N VAL A 246 -10.15 -20.13 -8.27
CA VAL A 246 -11.45 -19.75 -8.80
C VAL A 246 -12.51 -19.87 -7.71
N LEU A 247 -13.33 -18.83 -7.56
CA LEU A 247 -14.45 -18.84 -6.62
C LEU A 247 -15.74 -19.08 -7.38
N VAL A 248 -16.49 -20.10 -6.97
CA VAL A 248 -17.66 -20.58 -7.69
C VAL A 248 -18.89 -20.41 -6.82
N TYR A 249 -19.86 -19.63 -7.28
CA TYR A 249 -21.13 -19.47 -6.59
C TYR A 249 -22.13 -20.50 -7.11
N LYS A 250 -22.89 -21.10 -6.19
CA LYS A 250 -23.87 -22.12 -6.54
C LYS A 250 -25.17 -21.43 -6.94
N ARG A 251 -25.23 -21.01 -8.20
CA ARG A 251 -26.42 -20.32 -8.70
C ARG A 251 -27.57 -21.30 -8.90
N THR A 252 -27.30 -22.49 -9.45
CA THR A 252 -28.30 -23.53 -9.58
C THR A 252 -28.08 -24.69 -8.62
N ASN A 253 -26.89 -24.84 -8.05
CA ASN A 253 -26.53 -25.95 -7.19
C ASN A 253 -26.64 -27.29 -7.91
N ASN A 254 -26.55 -27.27 -9.25
CA ASN A 254 -26.53 -28.47 -10.06
C ASN A 254 -25.33 -29.33 -9.68
N PRO A 255 -25.53 -30.51 -9.09
CA PRO A 255 -24.39 -31.29 -8.59
C PRO A 255 -23.51 -31.89 -9.67
N GLU A 256 -23.92 -31.83 -10.94
CA GLU A 256 -23.11 -32.40 -12.02
C GLU A 256 -22.04 -31.44 -12.52
N ILE A 257 -21.91 -30.26 -11.92
CA ILE A 257 -20.93 -29.28 -12.36
C ILE A 257 -19.62 -29.55 -11.63
N HIS A 258 -18.59 -29.93 -12.39
CA HIS A 258 -17.33 -30.35 -11.80
C HIS A 258 -16.50 -29.15 -11.37
N LEU A 259 -15.89 -29.27 -10.19
CA LEU A 259 -14.91 -28.31 -9.71
C LEU A 259 -13.53 -28.97 -9.70
N THR A 260 -12.54 -28.26 -10.23
CA THR A 260 -11.19 -28.81 -10.33
C THR A 260 -10.48 -28.72 -8.99
N GLU A 261 -10.06 -29.87 -8.47
CA GLU A 261 -9.38 -29.91 -7.19
C GLU A 261 -8.14 -29.02 -7.20
N GLY A 262 -7.95 -28.26 -6.11
CA GLY A 262 -6.81 -27.40 -5.95
C GLY A 262 -6.93 -26.03 -6.58
N ARG A 263 -7.90 -25.83 -7.46
CA ARG A 263 -8.11 -24.53 -8.12
C ARG A 263 -9.46 -23.93 -7.83
N ASP A 264 -10.52 -24.72 -7.84
CA ASP A 264 -11.89 -24.22 -7.69
C ASP A 264 -12.40 -24.42 -6.27
N TYR A 265 -13.08 -23.40 -5.75
CA TYR A 265 -13.63 -23.42 -4.40
C TYR A 265 -15.02 -22.79 -4.43
N TYR A 266 -15.88 -23.22 -3.52
CA TYR A 266 -17.26 -22.76 -3.50
C TYR A 266 -17.39 -21.46 -2.73
N TRP A 267 -18.17 -20.54 -3.29
CA TRP A 267 -18.38 -19.23 -2.68
C TRP A 267 -18.85 -19.36 -1.25
N ASP A 268 -19.91 -20.15 -1.03
CA ASP A 268 -20.50 -20.27 0.30
C ASP A 268 -19.54 -20.94 1.28
N VAL A 269 -18.77 -21.92 0.81
CA VAL A 269 -17.88 -22.65 1.71
C VAL A 269 -16.76 -21.75 2.21
N GLU A 270 -16.16 -20.96 1.32
CA GLU A 270 -15.01 -20.16 1.71
C GLU A 270 -15.42 -18.89 2.43
N THR A 271 -16.50 -18.24 1.98
CA THR A 271 -16.94 -17.01 2.65
C THR A 271 -17.36 -17.27 4.09
N ALA A 272 -17.78 -18.49 4.40
CA ALA A 272 -18.18 -18.83 5.76
C ALA A 272 -17.01 -18.79 6.73
N LYS A 273 -15.77 -18.85 6.23
CA LYS A 273 -14.60 -18.87 7.08
C LYS A 273 -14.16 -17.48 7.55
N PHE A 274 -14.75 -16.41 7.05
CA PHE A 274 -14.23 -15.08 7.29
C PHE A 274 -15.31 -14.15 7.83
N PRO A 275 -14.91 -13.14 8.61
CA PRO A 275 -15.90 -12.29 9.26
C PRO A 275 -16.55 -11.27 8.33
N GLY A 276 -17.68 -10.75 8.78
CA GLY A 276 -18.50 -9.81 8.04
C GLY A 276 -18.00 -8.38 8.02
N TYR A 277 -16.78 -8.13 8.46
CA TYR A 277 -16.14 -6.84 8.24
C TYR A 277 -14.66 -7.06 7.93
N LEU A 278 -14.18 -6.34 6.92
CA LEU A 278 -12.79 -6.35 6.53
C LEU A 278 -12.39 -4.91 6.25
N PRO A 279 -11.26 -4.44 6.77
CA PRO A 279 -10.85 -3.06 6.50
C PRO A 279 -10.58 -2.85 5.02
N PRO A 280 -11.12 -1.80 4.41
CA PRO A 280 -10.77 -1.52 3.01
C PRO A 280 -9.36 -0.96 2.92
N VAL A 281 -8.79 -1.11 1.72
CA VAL A 281 -7.42 -0.71 1.45
C VAL A 281 -7.43 0.62 0.72
N SER A 282 -6.73 1.61 1.26
CA SER A 282 -6.66 2.91 0.59
C SER A 282 -5.85 2.78 -0.69
N VAL A 283 -6.36 3.38 -1.76
CA VAL A 283 -5.66 3.43 -3.04
C VAL A 283 -5.54 4.89 -3.45
N ASN A 284 -4.58 5.15 -4.33
CA ASN A 284 -4.36 6.48 -4.84
C ASN A 284 -5.46 6.87 -5.81
N SER A 285 -5.72 8.17 -5.92
CA SER A 285 -6.71 8.66 -6.87
C SER A 285 -6.50 8.06 -8.26
N GLU A 286 -5.25 7.82 -8.65
CA GLU A 286 -4.94 7.36 -9.99
C GLU A 286 -4.55 5.88 -10.04
N ASP A 287 -4.76 5.13 -8.97
CA ASP A 287 -4.59 3.70 -9.04
C ASP A 287 -5.73 3.08 -9.86
N PRO A 288 -5.46 2.02 -10.62
CA PRO A 288 -6.52 1.45 -11.47
C PRO A 288 -7.64 0.89 -10.62
N LEU A 289 -8.88 1.28 -10.95
CA LEU A 289 -10.08 0.71 -10.35
C LEU A 289 -10.54 -0.53 -11.09
N PHE A 290 -10.53 -0.51 -12.42
CA PHE A 290 -10.96 -1.69 -13.17
C PHE A 290 -10.46 -1.62 -14.59
N LEU A 291 -10.41 -2.80 -15.21
CA LEU A 291 -10.22 -2.96 -16.65
C LEU A 291 -11.53 -3.41 -17.25
N LEU A 292 -11.89 -2.84 -18.39
CA LEU A 292 -13.08 -3.25 -19.13
C LEU A 292 -12.67 -3.44 -20.58
N TYR A 293 -12.76 -4.67 -21.06
CA TYR A 293 -12.24 -4.99 -22.39
C TYR A 293 -13.26 -4.60 -23.44
N THR A 294 -12.79 -3.84 -24.43
CA THR A 294 -13.62 -3.27 -25.48
C THR A 294 -13.08 -3.72 -26.82
N SER A 295 -13.99 -3.89 -27.77
CA SER A 295 -13.61 -4.28 -29.12
C SER A 295 -13.19 -3.06 -29.92
N GLY A 296 -12.08 -3.19 -30.64
CA GLY A 296 -11.63 -2.14 -31.53
C GLY A 296 -11.58 -2.63 -32.95
N SER A 297 -11.04 -1.81 -33.86
CA SER A 297 -10.86 -2.23 -35.24
C SER A 297 -9.56 -3.01 -35.37
N THR A 298 -9.31 -3.94 -34.46
CA THR A 298 -7.98 -4.49 -34.29
C THR A 298 -7.94 -6.01 -34.31
N GLY A 299 -9.04 -6.66 -33.95
CA GLY A 299 -9.08 -8.09 -33.80
C GLY A 299 -8.80 -8.56 -32.38
N THR A 300 -7.92 -7.86 -31.63
CA THR A 300 -7.69 -8.22 -30.24
C THR A 300 -8.36 -7.21 -29.31
N PRO A 301 -9.07 -7.68 -28.27
CA PRO A 301 -9.73 -6.75 -27.34
C PRO A 301 -8.74 -5.86 -26.61
N LYS A 302 -9.22 -4.69 -26.19
CA LYS A 302 -8.41 -3.69 -25.50
C LYS A 302 -8.92 -3.55 -24.08
N GLY A 303 -8.01 -3.62 -23.11
CA GLY A 303 -8.40 -3.44 -21.73
C GLY A 303 -8.41 -1.97 -21.36
N VAL A 304 -9.59 -1.36 -21.36
CA VAL A 304 -9.71 0.05 -21.01
C VAL A 304 -9.57 0.18 -19.50
N VAL A 305 -8.65 1.02 -19.07
CA VAL A 305 -8.33 1.17 -17.66
C VAL A 305 -8.94 2.47 -17.17
N HIS A 306 -9.58 2.41 -16.01
CA HIS A 306 -10.16 3.59 -15.38
C HIS A 306 -9.53 3.81 -14.02
N SER A 307 -9.26 5.08 -13.72
CA SER A 307 -8.77 5.49 -12.42
C SER A 307 -9.83 5.24 -11.36
N THR A 308 -9.51 5.57 -10.12
CA THR A 308 -10.45 5.40 -9.01
C THR A 308 -11.20 6.68 -8.73
N ALA A 309 -10.48 7.74 -8.36
CA ALA A 309 -11.16 8.96 -7.90
C ALA A 309 -11.89 9.66 -9.05
N GLY A 310 -11.22 9.83 -10.18
CA GLY A 310 -11.86 10.50 -11.30
C GLY A 310 -13.07 9.75 -11.82
N TYR A 311 -12.96 8.42 -11.92
CA TYR A 311 -14.08 7.64 -12.40
C TYR A 311 -15.27 7.72 -11.46
N LEU A 312 -15.01 7.62 -10.15
CA LEU A 312 -16.12 7.67 -9.18
C LEU A 312 -16.80 9.03 -9.18
N LEU A 313 -16.02 10.11 -9.25
CA LEU A 313 -16.63 11.45 -9.27
C LEU A 313 -17.50 11.62 -10.52
N GLY A 314 -17.02 11.16 -11.67
CA GLY A 314 -17.84 11.22 -12.86
C GLY A 314 -19.14 10.47 -12.72
N ALA A 315 -19.07 9.26 -12.15
CA ALA A 315 -20.29 8.47 -11.97
C ALA A 315 -21.26 9.18 -11.03
N ALA A 316 -20.77 9.64 -9.88
CA ALA A 316 -21.65 10.32 -8.94
C ALA A 316 -22.16 11.63 -9.50
N LEU A 317 -21.29 12.38 -10.18
CA LEU A 317 -21.68 13.69 -10.69
C LEU A 317 -22.77 13.56 -11.76
N SER A 318 -22.56 12.66 -12.73
CA SER A 318 -23.52 12.49 -13.80
C SER A 318 -24.81 11.85 -13.30
N THR A 319 -24.70 10.81 -12.48
CA THR A 319 -25.91 10.19 -11.93
C THR A 319 -26.76 11.23 -11.20
N LYS A 320 -26.12 12.12 -10.44
CA LYS A 320 -26.86 13.07 -9.64
C LYS A 320 -27.52 14.14 -10.49
N TYR A 321 -26.73 14.80 -11.36
CA TYR A 321 -27.19 15.99 -12.05
C TYR A 321 -27.87 15.69 -13.38
N ILE A 322 -27.47 14.63 -14.08
CA ILE A 322 -28.09 14.34 -15.37
C ILE A 322 -29.42 13.63 -15.17
N PHE A 323 -29.50 12.73 -14.19
CA PHE A 323 -30.72 11.98 -13.92
C PHE A 323 -31.59 12.58 -12.81
N ASP A 324 -31.05 13.51 -12.03
CA ASP A 324 -31.75 14.10 -10.88
C ASP A 324 -32.10 13.01 -9.85
N ILE A 325 -31.04 12.47 -9.27
CA ILE A 325 -31.15 11.40 -8.27
C ILE A 325 -31.07 12.01 -6.88
N HIS A 326 -32.00 11.63 -6.02
CA HIS A 326 -32.03 12.05 -4.63
C HIS A 326 -32.01 10.81 -3.74
N PRO A 327 -31.77 10.96 -2.44
CA PRO A 327 -31.73 9.76 -1.57
C PRO A 327 -33.03 8.98 -1.57
N GLU A 328 -34.16 9.64 -1.81
CA GLU A 328 -35.46 8.97 -1.82
C GLU A 328 -35.72 8.20 -3.10
N ASP A 329 -34.83 8.30 -4.10
CA ASP A 329 -35.09 7.74 -5.41
C ASP A 329 -34.63 6.28 -5.49
N ILE A 330 -35.03 5.63 -6.57
CA ILE A 330 -34.70 4.21 -6.81
C ILE A 330 -34.41 4.09 -8.30
N LEU A 331 -33.21 3.66 -8.64
CA LEU A 331 -32.73 3.63 -10.02
C LEU A 331 -32.78 2.21 -10.56
N PHE A 332 -33.29 2.07 -11.79
CA PHE A 332 -33.35 0.81 -12.52
C PHE A 332 -32.59 1.01 -13.81
N THR A 333 -31.34 0.61 -13.84
CA THR A 333 -30.53 0.62 -15.06
C THR A 333 -30.62 -0.76 -15.68
N ALA A 334 -31.34 -0.87 -16.80
CA ALA A 334 -31.54 -2.14 -17.48
C ALA A 334 -30.32 -2.47 -18.33
N GLY A 335 -29.18 -2.61 -17.64
CA GLY A 335 -27.94 -2.93 -18.31
C GLY A 335 -27.15 -3.95 -17.52
N ASP A 336 -26.19 -4.56 -18.21
CA ASP A 336 -25.38 -5.64 -17.66
C ASP A 336 -24.02 -5.08 -17.25
N VAL A 337 -23.49 -5.57 -16.13
CA VAL A 337 -22.15 -5.18 -15.71
C VAL A 337 -21.09 -5.64 -16.69
N GLY A 338 -21.42 -6.52 -17.62
CA GLY A 338 -20.49 -6.87 -18.67
C GLY A 338 -20.10 -5.70 -19.55
N TRP A 339 -20.85 -4.59 -19.47
CA TRP A 339 -20.63 -3.40 -20.26
C TRP A 339 -20.51 -2.20 -19.34
N ILE A 340 -20.03 -1.08 -19.89
CA ILE A 340 -19.72 0.07 -19.05
C ILE A 340 -20.98 0.64 -18.43
N THR A 341 -22.13 0.52 -19.10
CA THR A 341 -23.36 1.08 -18.55
C THR A 341 -23.71 0.47 -17.20
N GLY A 342 -23.50 -0.85 -17.06
CA GLY A 342 -23.73 -1.46 -15.76
C GLY A 342 -22.71 -1.03 -14.73
N HIS A 343 -21.44 -0.94 -15.13
CA HIS A 343 -20.39 -0.47 -14.22
C HIS A 343 -20.77 0.86 -13.59
N THR A 344 -21.13 1.85 -14.41
CA THR A 344 -21.24 3.23 -13.97
C THR A 344 -22.62 3.56 -13.41
N TYR A 345 -23.69 3.05 -14.03
CA TYR A 345 -25.04 3.48 -13.69
C TYR A 345 -25.91 2.39 -13.11
N ALA A 346 -25.45 1.15 -13.06
CA ALA A 346 -26.09 0.12 -12.26
C ALA A 346 -25.39 -0.09 -10.93
N LEU A 347 -24.09 0.20 -10.85
CA LEU A 347 -23.33 -0.04 -9.63
C LEU A 347 -22.78 1.25 -9.04
N TYR A 348 -21.70 1.80 -9.63
CA TYR A 348 -20.94 2.83 -8.94
C TYR A 348 -21.74 4.12 -8.77
N GLY A 349 -22.47 4.54 -9.79
CA GLY A 349 -23.24 5.75 -9.71
C GLY A 349 -24.22 5.75 -8.55
N PRO A 350 -25.23 4.87 -8.60
CA PRO A 350 -26.25 4.88 -7.55
C PRO A 350 -25.71 4.57 -6.17
N LEU A 351 -24.75 3.63 -6.04
CA LEU A 351 -24.28 3.25 -4.71
C LEU A 351 -23.47 4.38 -4.08
N LEU A 352 -22.70 5.12 -4.88
CA LEU A 352 -22.00 6.29 -4.34
C LEU A 352 -22.99 7.25 -3.70
N LEU A 353 -24.12 7.47 -4.35
CA LEU A 353 -25.14 8.38 -3.82
C LEU A 353 -26.00 7.75 -2.73
N GLY A 354 -25.85 6.45 -2.47
CA GLY A 354 -26.55 5.82 -1.37
C GLY A 354 -27.98 5.44 -1.64
N VAL A 355 -28.37 5.32 -2.90
CA VAL A 355 -29.75 4.98 -3.26
C VAL A 355 -29.83 3.51 -3.63
N PRO A 356 -31.02 2.91 -3.62
CA PRO A 356 -31.14 1.53 -4.10
C PRO A 356 -31.01 1.45 -5.61
N THR A 357 -30.42 0.35 -6.07
CA THR A 357 -30.25 0.09 -7.49
C THR A 357 -30.83 -1.28 -7.80
N ILE A 358 -31.55 -1.38 -8.91
CA ILE A 358 -32.23 -2.61 -9.30
C ILE A 358 -31.32 -3.39 -10.22
N ILE A 359 -30.99 -4.62 -9.83
CA ILE A 359 -30.09 -5.50 -10.58
C ILE A 359 -30.96 -6.59 -11.19
N PHE A 360 -31.11 -6.57 -12.51
CA PHE A 360 -32.03 -7.47 -13.21
C PHE A 360 -31.22 -8.52 -13.96
N GLU A 361 -31.43 -9.79 -13.58
CA GLU A 361 -30.66 -10.90 -14.13
C GLU A 361 -31.19 -11.41 -15.45
N GLY A 362 -32.48 -11.20 -15.73
CA GLY A 362 -33.14 -11.81 -16.87
C GLY A 362 -33.23 -10.90 -18.08
N THR A 363 -34.27 -11.10 -18.87
CA THR A 363 -34.51 -10.38 -20.11
C THR A 363 -35.84 -9.66 -20.05
N PRO A 364 -36.06 -8.65 -20.89
CA PRO A 364 -37.34 -7.93 -20.90
C PRO A 364 -38.52 -8.76 -21.41
N ALA A 365 -38.27 -9.99 -21.89
CA ALA A 365 -39.32 -10.80 -22.50
C ALA A 365 -39.75 -11.98 -21.65
N TYR A 366 -39.02 -12.31 -20.59
CA TYR A 366 -39.33 -13.47 -19.79
C TYR A 366 -39.85 -13.05 -18.42
N PRO A 367 -40.99 -13.59 -17.97
CA PRO A 367 -41.87 -14.55 -18.65
C PRO A 367 -42.72 -13.91 -19.74
N ASP A 368 -42.85 -12.58 -19.74
CA ASP A 368 -43.62 -11.87 -20.73
C ASP A 368 -42.96 -10.52 -20.99
N TYR A 369 -43.44 -9.82 -22.02
CA TYR A 369 -42.87 -8.55 -22.43
C TYR A 369 -43.26 -7.39 -21.53
N GLY A 370 -43.86 -7.65 -20.37
CA GLY A 370 -44.12 -6.63 -19.38
C GLY A 370 -43.19 -6.67 -18.20
N ARG A 371 -42.09 -7.42 -18.27
CA ARG A 371 -41.23 -7.63 -17.12
C ARG A 371 -40.63 -6.32 -16.63
N PHE A 372 -40.03 -5.54 -17.54
CA PHE A 372 -39.51 -4.23 -17.15
C PHE A 372 -40.54 -3.46 -16.34
N TRP A 373 -41.79 -3.45 -16.82
CA TRP A 373 -42.82 -2.64 -16.17
C TRP A 373 -43.29 -3.29 -14.88
N GLN A 374 -43.29 -4.62 -14.81
CA GLN A 374 -43.60 -5.29 -13.55
C GLN A 374 -42.57 -4.95 -12.49
N ILE A 375 -41.29 -4.83 -12.88
CA ILE A 375 -40.25 -4.48 -11.92
C ILE A 375 -40.41 -3.05 -11.44
N VAL A 376 -40.60 -2.12 -12.37
CA VAL A 376 -40.76 -0.71 -11.99
C VAL A 376 -41.94 -0.54 -11.05
N GLU A 377 -43.07 -1.16 -11.38
CA GLU A 377 -44.24 -1.07 -10.52
C GLU A 377 -43.99 -1.72 -9.16
N LYS A 378 -43.34 -2.89 -9.16
CA LYS A 378 -43.13 -3.62 -7.92
C LYS A 378 -42.35 -2.81 -6.89
N HIS A 379 -41.31 -2.10 -7.34
CA HIS A 379 -40.41 -1.40 -6.44
C HIS A 379 -40.55 0.12 -6.50
N LYS A 380 -41.54 0.63 -7.22
CA LYS A 380 -41.79 2.07 -7.29
C LYS A 380 -40.53 2.80 -7.74
N ALA A 381 -39.86 2.25 -8.75
CA ALA A 381 -38.67 2.89 -9.30
C ALA A 381 -38.99 4.27 -9.83
N THR A 382 -38.06 5.20 -9.62
CA THR A 382 -38.22 6.58 -10.07
C THR A 382 -37.42 6.90 -11.33
N HIS A 383 -36.44 6.08 -11.67
CA HIS A 383 -35.57 6.33 -12.82
C HIS A 383 -35.40 5.03 -13.60
N PHE A 384 -35.55 5.10 -14.91
CA PHE A 384 -35.41 3.94 -15.79
C PHE A 384 -34.42 4.28 -16.89
N TYR A 385 -33.42 3.42 -17.07
CA TYR A 385 -32.29 3.65 -17.98
C TYR A 385 -32.15 2.42 -18.86
N VAL A 386 -32.34 2.59 -20.18
CA VAL A 386 -32.43 1.46 -21.10
C VAL A 386 -31.86 1.84 -22.46
N ALA A 387 -31.58 0.81 -23.27
CA ALA A 387 -31.08 0.98 -24.64
C ALA A 387 -32.24 1.03 -25.62
N PRO A 388 -32.14 1.84 -26.69
CA PRO A 388 -33.22 1.87 -27.68
C PRO A 388 -33.56 0.51 -28.28
N THR A 389 -32.58 -0.39 -28.39
CA THR A 389 -32.86 -1.71 -28.94
C THR A 389 -33.99 -2.38 -28.18
N ALA A 390 -34.00 -2.25 -26.85
CA ALA A 390 -35.06 -2.85 -26.06
C ALA A 390 -36.40 -2.16 -26.30
N LEU A 391 -36.39 -0.84 -26.42
CA LEU A 391 -37.63 -0.11 -26.71
C LEU A 391 -38.21 -0.55 -28.06
N ARG A 392 -37.36 -0.75 -29.05
CA ARG A 392 -37.84 -1.21 -30.36
C ARG A 392 -38.46 -2.60 -30.25
N LEU A 393 -37.86 -3.48 -29.45
CA LEU A 393 -38.42 -4.82 -29.26
C LEU A 393 -39.74 -4.76 -28.52
N LEU A 394 -39.82 -3.95 -27.46
CA LEU A 394 -41.07 -3.84 -26.71
C LEU A 394 -42.15 -3.17 -27.55
N ARG A 395 -41.79 -2.21 -28.41
CA ARG A 395 -42.79 -1.62 -29.29
C ARG A 395 -43.33 -2.65 -30.26
N LYS A 396 -42.51 -3.62 -30.67
CA LYS A 396 -42.92 -4.62 -31.65
C LYS A 396 -43.76 -5.71 -30.99
N ALA A 397 -43.37 -6.16 -29.80
CA ALA A 397 -43.92 -7.36 -29.21
C ALA A 397 -44.66 -7.15 -27.88
N GLY A 398 -44.54 -5.99 -27.26
CA GLY A 398 -45.05 -5.83 -25.92
C GLY A 398 -45.74 -4.53 -25.59
N GLU A 399 -46.24 -3.82 -26.61
CA GLU A 399 -46.95 -2.57 -26.36
C GLU A 399 -48.19 -2.82 -25.52
N GLN A 400 -48.87 -3.95 -25.76
CA GLN A 400 -50.11 -4.25 -25.05
C GLN A 400 -49.88 -4.52 -23.56
N GLU A 401 -48.65 -4.81 -23.16
CA GLU A 401 -48.36 -5.11 -21.76
C GLU A 401 -48.31 -3.87 -20.89
N ILE A 402 -48.06 -2.70 -21.48
CA ILE A 402 -47.86 -1.49 -20.69
C ILE A 402 -49.10 -1.16 -19.87
N ALA A 403 -50.29 -1.32 -20.45
CA ALA A 403 -51.50 -0.88 -19.78
C ALA A 403 -51.80 -1.68 -18.51
N LYS A 404 -51.05 -2.76 -18.26
CA LYS A 404 -51.27 -3.56 -17.06
C LYS A 404 -50.61 -2.99 -15.81
N TYR A 405 -49.67 -2.07 -15.95
CA TYR A 405 -48.85 -1.65 -14.82
C TYR A 405 -49.02 -0.17 -14.54
N ASP A 406 -48.76 0.20 -13.27
CA ASP A 406 -48.90 1.58 -12.82
C ASP A 406 -47.91 2.50 -13.53
N LEU A 407 -46.62 2.38 -13.20
CA LEU A 407 -45.52 3.13 -13.80
C LEU A 407 -45.53 4.62 -13.44
N SER A 408 -46.41 5.07 -12.56
CA SER A 408 -46.48 6.49 -12.24
C SER A 408 -45.38 6.95 -11.29
N SER A 409 -44.54 6.05 -10.79
CA SER A 409 -43.42 6.45 -9.93
C SER A 409 -42.23 6.98 -10.72
N LEU A 410 -42.17 6.76 -12.03
CA LEU A 410 -41.06 7.22 -12.83
C LEU A 410 -41.16 8.73 -13.08
N ARG A 411 -40.00 9.38 -13.15
CA ARG A 411 -39.94 10.75 -13.66
C ARG A 411 -38.79 11.01 -14.61
N THR A 412 -37.77 10.16 -14.65
CA THR A 412 -36.66 10.30 -15.58
C THR A 412 -36.51 9.02 -16.38
N LEU A 413 -36.48 9.16 -17.70
CA LEU A 413 -36.32 8.04 -18.62
C LEU A 413 -35.07 8.28 -19.44
N GLY A 414 -34.10 7.37 -19.35
CA GLY A 414 -32.83 7.50 -20.01
C GLY A 414 -32.70 6.52 -21.17
N SER A 415 -31.94 6.93 -22.19
CA SER A 415 -31.63 6.08 -23.33
C SER A 415 -30.12 6.11 -23.50
N VAL A 416 -29.52 4.95 -23.83
CA VAL A 416 -28.07 4.83 -23.81
C VAL A 416 -27.61 3.77 -24.81
N GLY A 417 -26.43 3.98 -25.37
CA GLY A 417 -25.71 2.98 -26.11
C GLY A 417 -25.72 3.14 -27.61
N GLU A 418 -26.69 3.88 -28.16
CA GLU A 418 -26.90 3.95 -29.59
C GLU A 418 -27.88 5.07 -29.87
N PRO A 419 -27.95 5.55 -31.12
CA PRO A 419 -28.89 6.62 -31.44
C PRO A 419 -30.33 6.19 -31.21
N ILE A 420 -31.15 7.16 -30.78
CA ILE A 420 -32.57 6.95 -30.56
C ILE A 420 -33.32 7.75 -31.62
N SER A 421 -34.07 7.06 -32.47
CA SER A 421 -34.81 7.75 -33.51
C SER A 421 -35.90 8.63 -32.88
N PRO A 422 -36.25 9.73 -33.54
CA PRO A 422 -37.40 10.51 -33.05
C PRO A 422 -38.67 9.70 -32.88
N ASP A 423 -38.87 8.66 -33.70
CA ASP A 423 -40.04 7.79 -33.52
C ASP A 423 -40.00 7.08 -32.18
N ILE A 424 -38.88 6.42 -31.89
CA ILE A 424 -38.75 5.71 -30.63
C ILE A 424 -38.75 6.69 -29.45
N TRP A 425 -38.20 7.88 -29.64
CA TRP A 425 -38.25 8.89 -28.59
C TRP A 425 -39.70 9.19 -28.21
N GLU A 426 -40.57 9.34 -29.20
CA GLU A 426 -41.98 9.60 -28.93
C GLU A 426 -42.66 8.39 -28.30
N TRP A 427 -42.35 7.19 -28.79
CA TRP A 427 -42.95 5.98 -28.21
C TRP A 427 -42.53 5.84 -26.75
N TYR A 428 -41.24 5.99 -26.48
CA TYR A 428 -40.74 6.01 -25.11
C TYR A 428 -41.47 7.07 -24.30
N ASN A 429 -41.62 8.27 -24.88
CA ASN A 429 -42.22 9.39 -24.14
C ASN A 429 -43.69 9.11 -23.83
N GLU A 430 -44.44 8.57 -24.80
CA GLU A 430 -45.88 8.42 -24.62
C GLU A 430 -46.23 7.17 -23.83
N PHE A 431 -45.73 6.01 -24.26
CA PHE A 431 -46.20 4.75 -23.70
C PHE A 431 -45.53 4.43 -22.36
N VAL A 432 -44.27 4.78 -22.18
CA VAL A 432 -43.63 4.55 -20.89
C VAL A 432 -43.74 5.78 -19.99
N GLY A 433 -43.43 6.96 -20.52
CA GLY A 433 -43.48 8.15 -19.73
C GLY A 433 -44.87 8.75 -19.56
N LYS A 434 -45.85 8.25 -20.30
CA LYS A 434 -47.20 8.79 -20.27
C LYS A 434 -47.18 10.30 -20.50
N ASN A 435 -46.15 10.77 -21.22
CA ASN A 435 -45.98 12.19 -21.53
C ASN A 435 -45.79 13.04 -20.29
N GLN A 436 -45.25 12.44 -19.22
CA GLN A 436 -45.08 13.12 -17.95
C GLN A 436 -43.67 13.03 -17.41
N CYS A 437 -42.74 12.40 -18.11
CA CYS A 437 -41.39 12.21 -17.63
C CYS A 437 -40.41 12.98 -18.49
N HIS A 438 -39.24 13.23 -17.91
CA HIS A 438 -38.13 13.80 -18.65
C HIS A 438 -37.32 12.68 -19.29
N ILE A 439 -36.90 12.90 -20.52
CA ILE A 439 -36.14 11.91 -21.27
C ILE A 439 -34.71 12.40 -21.42
N SER A 440 -33.76 11.55 -21.07
CA SER A 440 -32.34 11.87 -21.12
C SER A 440 -31.67 10.92 -22.10
N ASP A 441 -31.50 11.38 -23.34
CA ASP A 441 -30.70 10.66 -24.33
C ASP A 441 -29.24 10.95 -24.01
N THR A 442 -28.57 9.98 -23.41
CA THR A 442 -27.21 10.17 -22.90
C THR A 442 -26.20 9.61 -23.88
N TYR A 443 -25.36 10.48 -24.44
CA TYR A 443 -24.26 10.07 -25.29
C TYR A 443 -22.98 9.96 -24.48
N TRP A 444 -22.29 8.83 -24.63
CA TRP A 444 -20.99 8.60 -23.99
C TRP A 444 -20.46 7.27 -24.49
N GLN A 445 -19.34 6.81 -23.96
CA GLN A 445 -18.73 5.58 -24.43
C GLN A 445 -17.88 4.97 -23.32
N THR A 446 -17.44 3.74 -23.56
CA THR A 446 -16.70 3.00 -22.53
C THR A 446 -15.52 3.82 -22.03
N GLU A 447 -14.82 4.52 -22.93
CA GLU A 447 -13.59 5.21 -22.57
C GLU A 447 -13.85 6.53 -21.84
N SER A 448 -15.07 7.06 -21.89
CA SER A 448 -15.38 8.31 -21.22
C SER A 448 -15.74 8.13 -19.75
N GLY A 449 -16.03 6.90 -19.33
CA GLY A 449 -16.32 6.65 -17.93
C GLY A 449 -17.74 7.02 -17.52
N SER A 450 -18.23 8.17 -17.97
CA SER A 450 -19.56 8.64 -17.60
C SER A 450 -20.11 9.48 -18.75
N HIS A 451 -21.25 10.13 -18.51
CA HIS A 451 -21.94 10.86 -19.57
C HIS A 451 -21.07 11.98 -20.14
N LEU A 452 -21.16 12.17 -21.45
CA LEU A 452 -20.48 13.26 -22.15
C LEU A 452 -21.45 14.34 -22.62
N ILE A 453 -22.52 13.97 -23.30
CA ILE A 453 -23.53 14.89 -23.79
C ILE A 453 -24.89 14.31 -23.44
N ALA A 454 -25.70 15.07 -22.70
CA ALA A 454 -27.01 14.58 -22.31
C ALA A 454 -27.90 15.70 -21.79
N PRO A 455 -29.22 15.61 -21.93
CA PRO A 455 -30.10 16.64 -21.36
C PRO A 455 -30.31 16.40 -19.87
N LEU A 456 -29.91 17.36 -19.06
CA LEU A 456 -30.11 17.25 -17.62
C LEU A 456 -31.59 17.23 -17.29
N ALA A 457 -32.00 16.30 -16.43
CA ALA A 457 -33.40 16.11 -16.11
C ALA A 457 -33.96 17.35 -15.43
N GLY A 458 -35.10 17.84 -15.93
CA GLY A 458 -35.72 19.01 -15.37
C GLY A 458 -35.04 20.31 -15.69
N VAL A 459 -34.07 20.32 -16.61
CA VAL A 459 -33.28 21.53 -16.87
C VAL A 459 -33.23 21.85 -18.35
N VAL A 460 -32.78 20.89 -19.16
CA VAL A 460 -32.52 21.13 -20.58
C VAL A 460 -33.74 20.69 -21.37
N PRO A 461 -34.39 21.58 -22.11
CA PRO A 461 -35.47 21.13 -23.01
C PRO A 461 -34.91 20.19 -24.07
N ASN A 462 -35.75 19.26 -24.51
CA ASN A 462 -35.32 18.19 -25.39
C ASN A 462 -35.62 18.50 -26.85
N LYS A 463 -34.74 18.01 -27.71
CA LYS A 463 -35.04 17.83 -29.14
C LYS A 463 -34.96 16.33 -29.41
N PRO A 464 -36.06 15.66 -29.72
CA PRO A 464 -36.00 14.19 -29.85
C PRO A 464 -34.93 13.75 -30.83
N GLY A 465 -34.02 12.90 -30.38
CA GLY A 465 -32.92 12.42 -31.20
C GLY A 465 -31.61 13.15 -31.00
N SER A 466 -31.58 14.16 -30.13
CA SER A 466 -30.39 14.95 -29.86
C SER A 466 -29.96 14.73 -28.42
N ALA A 467 -28.64 14.58 -28.21
CA ALA A 467 -28.11 14.48 -26.86
C ALA A 467 -28.07 15.81 -26.14
N SER A 468 -28.26 16.92 -26.87
CA SER A 468 -28.32 18.26 -26.30
C SER A 468 -26.94 18.75 -25.89
N TYR A 469 -26.80 19.26 -24.63
CA TYR A 469 -25.59 20.02 -24.28
C TYR A 469 -24.50 19.14 -23.67
N PRO A 470 -23.23 19.52 -23.83
CA PRO A 470 -22.15 18.80 -23.16
C PRO A 470 -22.22 18.95 -21.65
N PHE A 471 -21.76 17.91 -20.95
CA PHE A 471 -21.82 17.86 -19.50
C PHE A 471 -20.58 18.51 -18.89
N PHE A 472 -20.66 18.77 -17.59
CA PHE A 472 -19.57 19.39 -16.84
C PHE A 472 -18.21 18.78 -17.21
N GLY A 473 -17.25 19.66 -17.49
CA GLY A 473 -15.90 19.25 -17.78
C GLY A 473 -15.64 18.74 -19.18
N ILE A 474 -16.67 18.64 -20.02
CA ILE A 474 -16.52 18.18 -21.39
C ILE A 474 -16.61 19.39 -22.30
N ASP A 475 -15.47 19.77 -22.88
CA ASP A 475 -15.39 20.85 -23.85
C ASP A 475 -15.44 20.22 -25.23
N ALA A 476 -16.66 20.02 -25.75
CA ALA A 476 -16.85 19.32 -27.01
C ALA A 476 -16.55 20.22 -28.19
N ALA A 477 -16.13 19.60 -29.29
CA ALA A 477 -15.79 20.33 -30.50
C ALA A 477 -16.06 19.45 -31.71
N LEU A 478 -16.16 20.10 -32.86
CA LEU A 478 -16.29 19.43 -34.14
C LEU A 478 -15.05 19.74 -34.97
N ILE A 479 -14.45 18.71 -35.57
CA ILE A 479 -13.24 18.87 -36.36
C ILE A 479 -13.56 18.52 -37.81
N ASP A 480 -13.08 19.35 -38.71
CA ASP A 480 -13.25 19.12 -40.14
C ASP A 480 -12.42 17.91 -40.56
N PRO A 481 -13.05 16.83 -41.05
CA PRO A 481 -12.26 15.62 -41.37
C PRO A 481 -11.21 15.87 -42.43
N VAL A 482 -11.42 16.86 -43.30
CA VAL A 482 -10.51 17.10 -44.40
C VAL A 482 -9.28 17.89 -43.95
N THR A 483 -9.47 18.87 -43.06
CA THR A 483 -8.39 19.74 -42.64
C THR A 483 -7.88 19.48 -41.23
N GLY A 484 -8.58 18.68 -40.44
CA GLY A 484 -8.17 18.50 -39.06
C GLY A 484 -8.24 19.76 -38.23
N VAL A 485 -9.01 20.74 -38.68
CA VAL A 485 -9.16 22.03 -38.01
C VAL A 485 -10.51 22.10 -37.33
N GLU A 486 -10.52 22.58 -36.08
CA GLU A 486 -11.75 22.73 -35.33
C GLU A 486 -12.69 23.70 -36.03
N ILE A 487 -13.97 23.35 -36.06
CA ILE A 487 -14.99 24.14 -36.74
C ILE A 487 -15.59 25.12 -35.76
N GLU A 488 -15.44 26.41 -36.05
CA GLU A 488 -16.12 27.45 -35.27
C GLU A 488 -17.53 27.63 -35.81
N GLY A 489 -18.42 28.10 -34.95
CA GLY A 489 -19.77 28.41 -35.36
C GLY A 489 -20.65 27.17 -35.41
N ASN A 490 -21.96 27.42 -35.44
CA ASN A 490 -22.96 26.37 -35.39
C ASN A 490 -23.46 26.01 -36.78
N ASP A 491 -24.47 25.14 -36.84
CA ASP A 491 -24.94 24.56 -38.09
C ASP A 491 -23.78 23.88 -38.83
N ALA A 492 -23.05 23.05 -38.08
CA ALA A 492 -21.83 22.44 -38.57
C ALA A 492 -21.85 20.94 -38.29
N GLU A 493 -21.00 20.22 -39.02
CA GLU A 493 -20.85 18.78 -38.87
C GLU A 493 -19.37 18.45 -39.00
N GLY A 494 -18.96 17.39 -38.32
CA GLY A 494 -17.58 16.95 -38.41
C GLY A 494 -17.30 15.85 -37.40
N VAL A 495 -16.01 15.59 -37.21
CA VAL A 495 -15.59 14.60 -36.23
C VAL A 495 -15.80 15.15 -34.83
N LEU A 496 -16.41 14.36 -33.96
CA LEU A 496 -16.65 14.78 -32.58
C LEU A 496 -15.37 14.60 -31.78
N ALA A 497 -14.88 15.69 -31.20
CA ALA A 497 -13.65 15.65 -30.42
C ALA A 497 -13.83 16.50 -29.17
N ILE A 498 -13.04 16.19 -28.15
CA ILE A 498 -13.11 16.88 -26.86
C ILE A 498 -11.77 17.55 -26.61
N LYS A 499 -11.82 18.79 -26.13
CA LYS A 499 -10.67 19.68 -26.15
C LYS A 499 -9.81 19.63 -24.89
N ASP A 500 -10.29 18.98 -23.82
CA ASP A 500 -9.48 18.78 -22.63
C ASP A 500 -9.97 17.51 -21.95
N HIS A 501 -9.11 16.90 -21.15
CA HIS A 501 -9.51 15.67 -20.48
C HIS A 501 -10.40 15.98 -19.28
N TRP A 502 -11.09 14.97 -18.80
CA TRP A 502 -12.08 15.10 -17.75
C TRP A 502 -11.86 14.01 -16.70
N PRO A 503 -12.45 14.18 -15.51
CA PRO A 503 -12.11 13.27 -14.41
C PRO A 503 -12.24 11.80 -14.73
N SER A 504 -13.33 11.38 -15.37
CA SER A 504 -13.60 9.96 -15.56
C SER A 504 -13.01 9.41 -16.85
N MET A 505 -12.17 10.17 -17.53
CA MET A 505 -11.60 9.69 -18.78
C MET A 505 -10.68 8.50 -18.51
N ALA A 506 -10.82 7.47 -19.35
CA ALA A 506 -9.92 6.33 -19.25
C ALA A 506 -8.47 6.81 -19.36
N ARG A 507 -7.59 6.16 -18.61
CA ARG A 507 -6.20 6.62 -18.49
C ARG A 507 -5.22 5.87 -19.38
N THR A 508 -5.54 4.66 -19.82
CA THR A 508 -4.63 3.90 -20.65
C THR A 508 -5.34 2.65 -21.16
N VAL A 509 -4.63 1.88 -21.98
CA VAL A 509 -5.01 0.53 -22.36
C VAL A 509 -4.00 -0.41 -21.71
N TYR A 510 -4.50 -1.43 -21.01
CA TYR A 510 -3.66 -2.18 -20.10
C TYR A 510 -2.39 -2.69 -20.78
N LYS A 511 -1.24 -2.24 -20.26
CA LYS A 511 0.07 -2.64 -20.78
C LYS A 511 0.19 -2.40 -22.28
N ASN A 512 -0.58 -1.44 -22.80
CA ASN A 512 -0.49 -1.06 -24.21
C ASN A 512 -0.85 0.41 -24.36
N HIS A 513 -0.11 1.29 -23.68
CA HIS A 513 -0.39 2.72 -23.76
C HIS A 513 -0.23 3.25 -25.18
N THR A 514 0.57 2.59 -26.01
CA THR A 514 0.75 3.05 -27.39
C THR A 514 -0.54 2.93 -28.19
N LYS A 515 -1.26 1.82 -28.01
CA LYS A 515 -2.55 1.67 -28.65
C LYS A 515 -3.51 2.76 -28.18
N TYR A 516 -3.46 3.08 -26.87
CA TYR A 516 -4.27 4.16 -26.33
C TYR A 516 -3.97 5.48 -27.04
N MET A 517 -2.70 5.86 -27.13
CA MET A 517 -2.35 7.13 -27.78
C MET A 517 -2.75 7.11 -29.25
N ASP A 518 -2.42 6.04 -29.97
CA ASP A 518 -2.72 6.00 -31.39
C ASP A 518 -4.21 6.03 -31.65
N THR A 519 -5.02 5.59 -30.69
CA THR A 519 -6.46 5.50 -30.89
C THR A 519 -7.19 6.79 -30.55
N TYR A 520 -6.83 7.43 -29.43
CA TYR A 520 -7.60 8.55 -28.89
C TYR A 520 -6.90 9.89 -28.96
N MET A 521 -5.58 9.96 -28.76
CA MET A 521 -4.88 11.22 -28.61
C MET A 521 -4.10 11.67 -29.84
N ASN A 522 -3.63 10.74 -30.67
CA ASN A 522 -2.77 11.10 -31.79
C ASN A 522 -3.53 11.45 -33.06
N PRO A 523 -4.68 10.82 -33.35
CA PRO A 523 -5.37 11.16 -34.60
C PRO A 523 -5.63 12.65 -34.79
N TYR A 524 -5.99 13.36 -33.73
CA TYR A 524 -6.23 14.81 -33.80
C TYR A 524 -5.48 15.45 -32.64
N PRO A 525 -4.19 15.77 -32.84
CA PRO A 525 -3.36 16.23 -31.72
C PRO A 525 -3.97 17.41 -31.00
N GLY A 526 -3.92 17.36 -29.68
CA GLY A 526 -4.56 18.33 -28.84
C GLY A 526 -6.00 18.00 -28.46
N TYR A 527 -6.59 16.99 -29.10
CA TYR A 527 -7.97 16.61 -28.86
C TYR A 527 -8.07 15.14 -28.44
N TYR A 528 -9.22 14.80 -27.87
CA TYR A 528 -9.63 13.42 -27.65
C TYR A 528 -10.59 13.03 -28.76
N PHE A 529 -10.31 11.90 -29.42
CA PHE A 529 -11.06 11.45 -30.59
C PHE A 529 -12.09 10.41 -30.16
N THR A 530 -13.37 10.75 -30.26
CA THR A 530 -14.42 9.85 -29.82
C THR A 530 -14.67 8.71 -30.80
N GLY A 531 -14.19 8.81 -32.03
CA GLY A 531 -14.57 7.85 -33.05
C GLY A 531 -15.94 8.08 -33.64
N ASP A 532 -16.60 9.17 -33.26
CA ASP A 532 -17.95 9.47 -33.70
C ASP A 532 -17.96 10.76 -34.52
N GLY A 533 -18.93 10.84 -35.43
CA GLY A 533 -19.26 12.08 -36.11
C GLY A 533 -20.52 12.65 -35.50
N ALA A 534 -20.60 13.98 -35.51
CA ALA A 534 -21.73 14.67 -34.91
C ALA A 534 -21.98 15.97 -35.64
N ALA A 535 -23.10 16.60 -35.32
CA ALA A 535 -23.48 17.89 -35.88
C ALA A 535 -23.97 18.78 -34.75
N ARG A 536 -23.75 20.08 -34.92
CA ARG A 536 -24.14 21.08 -33.92
C ARG A 536 -25.06 22.11 -34.57
N ASP A 537 -26.26 22.24 -34.04
CA ASP A 537 -27.27 23.10 -34.65
C ASP A 537 -27.16 24.51 -34.05
N HIS A 538 -28.06 25.39 -34.50
CA HIS A 538 -27.96 26.79 -34.12
C HIS A 538 -28.15 27.03 -32.64
N ASP A 539 -28.68 26.06 -31.89
CA ASP A 539 -28.89 26.23 -30.46
C ASP A 539 -27.80 25.60 -29.62
N GLY A 540 -26.77 25.05 -30.25
CA GLY A 540 -25.70 24.37 -29.54
C GLY A 540 -25.98 22.91 -29.25
N TYR A 541 -27.14 22.39 -29.64
CA TYR A 541 -27.46 21.00 -29.42
C TYR A 541 -26.64 20.11 -30.35
N TYR A 542 -26.14 19.00 -29.81
CA TYR A 542 -25.33 18.07 -30.58
C TYR A 542 -26.21 16.91 -31.06
N TRP A 543 -26.03 16.54 -32.32
CA TRP A 543 -26.74 15.42 -32.93
C TRP A 543 -25.69 14.38 -33.32
N ILE A 544 -25.73 13.24 -32.64
CA ILE A 544 -24.75 12.19 -32.92
C ILE A 544 -25.08 11.55 -34.26
N ARG A 545 -24.09 11.46 -35.14
CA ARG A 545 -24.30 10.94 -36.48
C ARG A 545 -23.75 9.54 -36.65
N GLY A 546 -23.08 8.98 -35.64
CA GLY A 546 -22.63 7.61 -35.67
C GLY A 546 -21.11 7.55 -35.80
N ARG A 547 -20.60 6.34 -35.77
CA ARG A 547 -19.16 6.16 -35.79
C ARG A 547 -18.59 6.58 -37.15
N VAL A 548 -17.37 7.12 -37.10
CA VAL A 548 -16.65 7.46 -38.32
C VAL A 548 -15.59 6.42 -38.65
N ASP A 549 -15.18 5.60 -37.69
CA ASP A 549 -14.37 4.43 -37.98
C ASP A 549 -15.34 3.30 -38.36
N ASP A 550 -14.83 2.10 -38.57
CA ASP A 550 -15.66 0.99 -39.07
C ASP A 550 -16.03 0.04 -37.93
N VAL A 551 -16.65 0.61 -36.91
CA VAL A 551 -17.05 -0.12 -35.71
C VAL A 551 -18.57 -0.23 -35.67
N VAL A 552 -19.06 -1.42 -35.33
CA VAL A 552 -20.49 -1.74 -35.38
C VAL A 552 -21.04 -1.87 -33.97
N ASN A 553 -22.18 -1.23 -33.72
CA ASN A 553 -22.92 -1.30 -32.47
C ASN A 553 -24.13 -2.20 -32.67
N VAL A 554 -24.03 -3.45 -32.24
CA VAL A 554 -25.14 -4.39 -32.31
C VAL A 554 -25.82 -4.38 -30.94
N SER A 555 -27.10 -4.02 -30.92
CA SER A 555 -27.87 -3.92 -29.67
C SER A 555 -27.21 -2.94 -28.70
N GLY A 556 -26.55 -1.91 -29.25
CA GLY A 556 -25.89 -0.88 -28.48
C GLY A 556 -24.47 -1.18 -28.06
N HIS A 557 -23.99 -2.40 -28.30
CA HIS A 557 -22.65 -2.83 -27.91
C HIS A 557 -21.67 -2.94 -29.06
N ARG A 558 -20.45 -2.49 -28.77
CA ARG A 558 -19.35 -2.49 -29.72
C ARG A 558 -18.88 -3.89 -30.04
N LEU A 559 -18.93 -4.26 -31.31
CA LEU A 559 -18.39 -5.52 -31.80
C LEU A 559 -17.20 -5.22 -32.72
N SER A 560 -16.31 -6.21 -32.85
CA SER A 560 -15.16 -6.09 -33.74
C SER A 560 -15.41 -6.99 -34.94
N THR A 561 -15.67 -6.37 -36.09
CA THR A 561 -15.80 -7.14 -37.33
C THR A 561 -14.50 -7.86 -37.68
N ALA A 562 -13.36 -7.30 -37.28
CA ALA A 562 -12.10 -8.00 -37.47
C ALA A 562 -12.04 -9.26 -36.61
N GLU A 563 -12.56 -9.19 -35.39
CA GLU A 563 -12.56 -10.35 -34.52
C GLU A 563 -13.51 -11.43 -35.04
N ILE A 564 -14.61 -11.02 -35.65
CA ILE A 564 -15.55 -11.98 -36.24
C ILE A 564 -14.95 -12.62 -37.48
N GLU A 565 -14.30 -11.82 -38.34
CA GLU A 565 -13.63 -12.39 -39.50
C GLU A 565 -12.62 -13.45 -39.10
N ALA A 566 -11.85 -13.18 -38.04
CA ALA A 566 -10.85 -14.14 -37.60
C ALA A 566 -11.48 -15.45 -37.16
N ALA A 567 -12.63 -15.38 -36.49
CA ALA A 567 -13.31 -16.60 -36.04
C ALA A 567 -13.77 -17.44 -37.22
N LEU A 568 -14.32 -16.80 -38.25
CA LEU A 568 -14.78 -17.54 -39.42
C LEU A 568 -13.62 -18.22 -40.13
N ILE A 569 -12.47 -17.55 -40.18
CA ILE A 569 -11.31 -18.12 -40.88
C ILE A 569 -10.75 -19.32 -40.12
N GLU A 570 -10.87 -19.33 -38.80
CA GLU A 570 -10.39 -20.47 -38.04
C GLU A 570 -10.99 -21.77 -38.57
N ASP A 571 -12.25 -21.72 -38.99
CA ASP A 571 -12.83 -22.87 -39.67
C ASP A 571 -12.01 -23.16 -40.93
N LYS A 572 -11.54 -24.39 -41.06
CA LYS A 572 -10.69 -24.75 -42.19
C LYS A 572 -11.46 -24.73 -43.51
N LYS A 573 -12.79 -24.76 -43.47
CA LYS A 573 -13.55 -24.68 -44.71
C LYS A 573 -13.36 -23.29 -45.34
N VAL A 574 -13.28 -22.27 -44.52
CA VAL A 574 -13.21 -20.88 -44.99
C VAL A 574 -11.78 -20.55 -45.36
N SER A 575 -11.62 -19.77 -46.44
CA SER A 575 -10.32 -19.24 -46.84
C SER A 575 -10.25 -17.72 -46.76
N GLU A 576 -11.34 -17.03 -47.08
CA GLU A 576 -11.42 -15.58 -46.94
C GLU A 576 -12.74 -15.22 -46.26
N ALA A 577 -12.72 -14.12 -45.51
CA ALA A 577 -13.91 -13.67 -44.81
C ALA A 577 -13.87 -12.17 -44.60
N ALA A 578 -14.99 -11.50 -44.87
CA ALA A 578 -15.13 -10.06 -44.67
C ALA A 578 -16.47 -9.78 -44.00
N VAL A 579 -16.44 -9.11 -42.85
CA VAL A 579 -17.64 -8.81 -42.07
C VAL A 579 -17.87 -7.30 -42.09
N VAL A 580 -19.09 -6.88 -42.41
CA VAL A 580 -19.48 -5.49 -42.37
C VAL A 580 -20.75 -5.36 -41.55
N GLY A 581 -21.11 -4.12 -41.24
CA GLY A 581 -22.30 -3.80 -40.49
C GLY A 581 -23.34 -3.19 -41.41
N ILE A 582 -24.61 -3.49 -41.15
CA ILE A 582 -25.72 -2.90 -41.90
C ILE A 582 -26.84 -2.56 -40.92
N HIS A 583 -27.94 -2.06 -41.47
CA HIS A 583 -29.04 -1.59 -40.65
C HIS A 583 -29.94 -2.73 -40.21
N ASP A 584 -30.35 -2.69 -38.95
CA ASP A 584 -31.30 -3.64 -38.41
C ASP A 584 -32.41 -2.87 -37.70
N ASP A 585 -33.65 -3.26 -37.94
CA ASP A 585 -34.79 -2.54 -37.37
C ASP A 585 -35.01 -2.84 -35.90
N ILE A 586 -34.22 -3.72 -35.29
CA ILE A 586 -34.33 -4.03 -33.88
C ILE A 586 -33.02 -3.76 -33.14
N THR A 587 -31.91 -4.26 -33.68
CA THR A 587 -30.61 -4.11 -33.06
C THR A 587 -29.87 -2.86 -33.52
N GLY A 588 -30.46 -2.04 -34.38
CA GLY A 588 -29.79 -0.85 -34.86
C GLY A 588 -28.81 -1.21 -35.96
N GLN A 589 -27.79 -2.00 -35.62
CA GLN A 589 -26.85 -2.53 -36.59
C GLN A 589 -26.70 -4.04 -36.42
N ALA A 590 -26.78 -4.75 -37.53
CA ALA A 590 -26.44 -6.16 -37.63
C ALA A 590 -25.13 -6.31 -38.38
N VAL A 591 -24.50 -7.47 -38.23
CA VAL A 591 -23.25 -7.79 -38.91
C VAL A 591 -23.54 -8.85 -39.98
N ILE A 592 -23.02 -8.63 -41.18
CA ILE A 592 -23.18 -9.53 -42.31
C ILE A 592 -21.81 -10.06 -42.70
N ALA A 593 -21.67 -11.37 -42.74
CA ALA A 593 -20.41 -12.01 -43.08
C ALA A 593 -20.43 -12.45 -44.53
N TYR A 594 -19.34 -12.16 -45.24
CA TYR A 594 -19.12 -12.63 -46.60
C TYR A 594 -17.95 -13.61 -46.57
N VAL A 595 -18.23 -14.86 -46.89
CA VAL A 595 -17.27 -15.94 -46.76
C VAL A 595 -16.99 -16.52 -48.14
N ALA A 596 -15.73 -16.85 -48.39
CA ALA A 596 -15.31 -17.54 -49.60
C ALA A 596 -14.66 -18.85 -49.18
N LEU A 597 -15.20 -19.95 -49.65
CA LEU A 597 -14.73 -21.27 -49.27
C LEU A 597 -13.75 -21.79 -50.30
N LYS A 598 -12.84 -22.66 -49.85
CA LYS A 598 -11.96 -23.38 -50.76
C LYS A 598 -12.70 -24.63 -51.23
N GLU A 599 -12.70 -24.85 -52.55
CA GLU A 599 -13.48 -25.90 -53.20
C GLU A 599 -14.79 -26.17 -52.48
N GLY A 600 -15.77 -25.28 -52.66
CA GLY A 600 -17.08 -25.39 -52.07
C GLY A 600 -18.06 -25.94 -53.06
N ASN A 601 -18.67 -25.08 -53.88
CA ASN A 601 -19.67 -25.51 -54.85
C ASN A 601 -20.90 -26.04 -54.12
N SER A 602 -21.56 -27.05 -54.69
CA SER A 602 -22.76 -27.62 -54.09
C SER A 602 -23.78 -26.53 -53.79
N ASP A 603 -24.55 -26.13 -54.80
CA ASP A 603 -25.51 -25.03 -54.66
C ASP A 603 -26.80 -25.48 -53.98
N GLU A 604 -26.69 -26.41 -53.03
CA GLU A 604 -27.83 -26.86 -52.24
C GLU A 604 -27.35 -27.16 -50.84
N ASP A 605 -26.19 -27.83 -50.74
CA ASP A 605 -25.49 -27.99 -49.48
C ASP A 605 -25.12 -26.65 -48.84
N SER A 606 -25.26 -25.55 -49.58
CA SER A 606 -24.92 -24.23 -49.05
C SER A 606 -25.57 -23.98 -47.69
N GLU A 607 -26.89 -24.17 -47.60
CA GLU A 607 -27.59 -23.89 -46.34
C GLU A 607 -26.95 -24.63 -45.18
N GLY A 608 -26.55 -25.89 -45.40
CA GLY A 608 -25.90 -26.64 -44.33
C GLY A 608 -24.55 -26.05 -43.94
N LEU A 609 -23.82 -25.52 -44.92
CA LEU A 609 -22.55 -24.88 -44.64
C LEU A 609 -22.74 -23.56 -43.89
N ARG A 610 -23.70 -22.75 -44.33
CA ARG A 610 -23.96 -21.48 -43.66
C ARG A 610 -24.30 -21.70 -42.19
N LYS A 611 -25.13 -22.70 -41.89
CA LYS A 611 -25.48 -22.97 -40.50
C LYS A 611 -24.24 -23.30 -39.68
N GLU A 612 -23.33 -24.10 -40.22
CA GLU A 612 -22.13 -24.47 -39.48
C GLU A 612 -21.26 -23.25 -39.19
N LEU A 613 -21.02 -22.42 -40.20
CA LEU A 613 -20.17 -21.25 -40.01
C LEU A 613 -20.70 -20.38 -38.88
N VAL A 614 -22.02 -20.21 -38.80
CA VAL A 614 -22.61 -19.41 -37.71
C VAL A 614 -22.22 -20.00 -36.37
N LEU A 615 -22.40 -21.31 -36.21
CA LEU A 615 -22.16 -21.94 -34.92
C LEU A 615 -20.69 -21.86 -34.53
N GLN A 616 -19.79 -21.76 -35.51
CA GLN A 616 -18.37 -21.62 -35.19
C GLN A 616 -18.08 -20.27 -34.56
N VAL A 617 -18.76 -19.21 -35.02
CA VAL A 617 -18.60 -17.90 -34.41
C VAL A 617 -19.25 -17.86 -33.04
N ARG A 618 -20.35 -18.60 -32.86
CA ARG A 618 -21.03 -18.60 -31.57
C ARG A 618 -20.18 -19.26 -30.49
N LYS A 619 -19.29 -20.17 -30.88
CA LYS A 619 -18.43 -20.85 -29.93
C LYS A 619 -17.05 -20.22 -29.83
N THR A 620 -16.73 -19.23 -30.67
CA THR A 620 -15.46 -18.53 -30.58
C THR A 620 -15.58 -17.20 -29.85
N ILE A 621 -16.58 -16.38 -30.20
CA ILE A 621 -16.80 -15.09 -29.58
C ILE A 621 -18.01 -15.12 -28.64
N GLY A 622 -19.11 -15.70 -29.11
CA GLY A 622 -20.31 -15.81 -28.31
C GLY A 622 -21.56 -15.66 -29.14
N PRO A 623 -22.67 -16.21 -28.67
CA PRO A 623 -23.92 -16.12 -29.45
C PRO A 623 -24.34 -14.70 -29.79
N PHE A 624 -24.12 -13.75 -28.88
CA PHE A 624 -24.57 -12.38 -29.12
C PHE A 624 -23.79 -11.71 -30.25
N ALA A 625 -22.56 -12.16 -30.53
CA ALA A 625 -21.75 -11.60 -31.59
C ALA A 625 -21.83 -12.38 -32.89
N ALA A 626 -22.72 -13.37 -32.97
CA ALA A 626 -22.84 -14.17 -34.17
C ALA A 626 -23.37 -13.32 -35.33
N PRO A 627 -22.93 -13.59 -36.55
CA PRO A 627 -23.45 -12.81 -37.69
C PRO A 627 -24.94 -13.07 -37.94
N LYS A 628 -25.62 -11.99 -38.30
CA LYS A 628 -27.02 -12.08 -38.70
C LYS A 628 -27.19 -13.06 -39.87
N SER A 629 -26.38 -12.89 -40.92
CA SER A 629 -26.47 -13.75 -42.09
C SER A 629 -25.08 -13.94 -42.70
N VAL A 630 -24.83 -15.16 -43.17
CA VAL A 630 -23.59 -15.54 -43.82
C VAL A 630 -23.86 -15.70 -45.31
N ILE A 631 -23.15 -14.91 -46.13
CA ILE A 631 -23.28 -14.96 -47.58
C ILE A 631 -22.06 -15.69 -48.15
N ILE A 632 -22.30 -16.76 -48.90
CA ILE A 632 -21.24 -17.55 -49.52
C ILE A 632 -20.95 -16.97 -50.90
N VAL A 633 -19.71 -16.52 -51.12
CA VAL A 633 -19.29 -15.97 -52.41
C VAL A 633 -18.11 -16.76 -52.97
N GLN A 634 -17.71 -16.43 -54.20
CA GLN A 634 -16.58 -17.09 -54.85
C GLN A 634 -15.26 -16.36 -54.60
N ASP A 635 -15.27 -15.03 -54.61
CA ASP A 635 -14.18 -14.27 -54.02
C ASP A 635 -14.69 -12.88 -53.67
N LEU A 636 -13.93 -12.20 -52.85
CA LEU A 636 -14.27 -10.88 -52.35
C LEU A 636 -13.55 -9.80 -53.15
N PRO A 637 -14.13 -8.61 -53.27
CA PRO A 637 -13.44 -7.53 -54.00
C PRO A 637 -12.16 -7.16 -53.30
N LYS A 638 -11.04 -7.27 -54.01
CA LYS A 638 -9.73 -6.97 -53.46
C LYS A 638 -9.03 -5.93 -54.32
N THR A 639 -8.17 -5.14 -53.67
CA THR A 639 -7.44 -4.08 -54.36
C THR A 639 -6.21 -4.65 -55.05
N ARG A 640 -5.48 -3.76 -55.73
CA ARG A 640 -4.20 -4.12 -56.33
C ARG A 640 -3.33 -4.87 -55.34
N SER A 641 -3.18 -4.32 -54.12
CA SER A 641 -2.33 -4.91 -53.10
C SER A 641 -2.89 -6.22 -52.55
N GLY A 642 -4.15 -6.53 -52.82
CA GLY A 642 -4.75 -7.76 -52.34
C GLY A 642 -5.61 -7.62 -51.10
N LYS A 643 -6.03 -6.41 -50.75
CA LYS A 643 -6.82 -6.17 -49.54
C LYS A 643 -8.29 -6.07 -49.90
N ILE A 644 -9.14 -6.57 -49.00
CA ILE A 644 -10.57 -6.60 -49.25
C ILE A 644 -11.12 -5.17 -49.21
N MET A 645 -11.95 -4.84 -50.20
CA MET A 645 -12.64 -3.55 -50.25
C MET A 645 -13.98 -3.69 -49.55
N ARG A 646 -13.97 -3.46 -48.23
CA ARG A 646 -15.20 -3.63 -47.47
C ARG A 646 -16.26 -2.59 -47.79
N ARG A 647 -15.86 -1.43 -48.30
CA ARG A 647 -16.84 -0.42 -48.69
C ARG A 647 -17.82 -0.99 -49.70
N ILE A 648 -17.35 -1.88 -50.59
CA ILE A 648 -18.25 -2.48 -51.56
C ILE A 648 -19.25 -3.39 -50.88
N LEU A 649 -18.79 -4.17 -49.90
CA LEU A 649 -19.68 -5.06 -49.17
C LEU A 649 -20.70 -4.26 -48.35
N ARG A 650 -20.27 -3.17 -47.72
CA ARG A 650 -21.21 -2.31 -47.01
C ARG A 650 -22.33 -1.82 -47.93
N LYS A 651 -21.97 -1.40 -49.14
CA LYS A 651 -22.95 -0.77 -50.01
C LYS A 651 -23.85 -1.79 -50.68
N VAL A 652 -23.30 -2.96 -51.03
CA VAL A 652 -24.16 -4.03 -51.52
C VAL A 652 -25.15 -4.45 -50.44
N SER A 653 -24.67 -4.57 -49.21
CA SER A 653 -25.51 -5.05 -48.12
C SER A 653 -26.58 -4.04 -47.71
N SER A 654 -26.54 -2.83 -48.26
CA SER A 654 -27.58 -1.84 -48.02
C SER A 654 -28.26 -1.43 -49.34
N ASN A 655 -28.23 -2.32 -50.33
CA ASN A 655 -28.92 -2.17 -51.60
C ASN A 655 -28.47 -0.97 -52.40
N GLU A 656 -27.33 -0.38 -52.03
CA GLU A 656 -26.73 0.70 -52.82
C GLU A 656 -25.62 0.16 -53.71
N ALA A 657 -25.94 -0.91 -54.45
CA ALA A 657 -24.97 -1.47 -55.40
C ALA A 657 -24.67 -0.50 -56.53
N ASP A 658 -25.65 0.34 -56.89
CA ASP A 658 -25.32 1.59 -57.56
C ASP A 658 -24.75 2.54 -56.51
N GLN A 659 -23.82 3.39 -56.94
CA GLN A 659 -23.08 4.29 -56.06
C GLN A 659 -21.85 3.59 -55.48
N LEU A 660 -21.38 2.52 -56.12
CA LEU A 660 -20.06 2.00 -55.80
C LEU A 660 -18.97 2.83 -56.44
N GLY A 661 -19.27 3.47 -57.57
CA GLY A 661 -18.31 4.30 -58.27
C GLY A 661 -17.49 3.50 -59.26
N ASP A 662 -16.35 4.08 -59.62
CA ASP A 662 -15.40 3.42 -60.52
C ASP A 662 -14.67 2.32 -59.75
N ILE A 663 -14.83 1.08 -60.19
CA ILE A 663 -14.20 -0.06 -59.53
C ILE A 663 -13.08 -0.66 -60.37
N SER A 664 -12.62 0.04 -61.41
CA SER A 664 -11.44 -0.45 -62.12
C SER A 664 -10.16 -0.32 -61.29
N THR A 665 -10.28 0.22 -60.07
CA THR A 665 -9.19 0.16 -59.10
C THR A 665 -9.09 -1.21 -58.43
N LEU A 666 -10.16 -2.00 -58.49
CA LEU A 666 -10.10 -3.37 -58.01
C LEU A 666 -9.20 -4.20 -58.91
N SER A 667 -8.58 -5.23 -58.34
CA SER A 667 -7.87 -6.20 -59.14
C SER A 667 -8.79 -7.27 -59.70
N ASN A 668 -9.97 -7.44 -59.11
CA ASN A 668 -10.96 -8.42 -59.56
C ASN A 668 -12.33 -7.76 -59.63
N PRO A 669 -12.48 -6.73 -60.48
CA PRO A 669 -13.78 -6.07 -60.58
C PRO A 669 -14.91 -7.00 -60.96
N GLN A 670 -14.62 -8.08 -61.68
CA GLN A 670 -15.66 -9.01 -62.08
C GLN A 670 -16.29 -9.71 -60.89
N SER A 671 -15.65 -9.64 -59.71
CA SER A 671 -16.21 -10.26 -58.52
C SER A 671 -17.44 -9.52 -58.00
N VAL A 672 -17.60 -8.24 -58.32
CA VAL A 672 -18.67 -7.45 -57.73
C VAL A 672 -20.04 -8.00 -58.14
N GLU A 673 -20.19 -8.38 -59.41
CA GLU A 673 -21.47 -8.92 -59.86
C GLU A 673 -21.91 -10.08 -58.99
N GLY A 674 -20.98 -10.99 -58.66
CA GLY A 674 -21.32 -12.13 -57.82
C GLY A 674 -21.69 -11.74 -56.40
N ILE A 675 -21.05 -10.70 -55.87
CA ILE A 675 -21.41 -10.21 -54.55
C ILE A 675 -22.86 -9.76 -54.53
N ILE A 676 -23.28 -9.04 -55.57
CA ILE A 676 -24.64 -8.50 -55.61
C ILE A 676 -25.67 -9.62 -55.73
N SER A 677 -25.37 -10.64 -56.54
CA SER A 677 -26.30 -11.75 -56.71
C SER A 677 -26.35 -12.61 -55.46
N ALA A 678 -25.21 -12.87 -54.83
CA ALA A 678 -25.17 -13.71 -53.64
C ALA A 678 -25.98 -13.09 -52.51
N PHE A 679 -25.71 -11.82 -52.21
CA PHE A 679 -26.46 -11.14 -51.17
C PHE A 679 -27.96 -11.17 -51.46
N GLY A 680 -28.35 -10.93 -52.71
CA GLY A 680 -29.76 -10.93 -53.05
C GLY A 680 -30.42 -12.27 -52.83
N ALA A 681 -29.71 -13.34 -53.17
CA ALA A 681 -30.31 -14.67 -53.12
C ALA A 681 -30.27 -15.30 -51.73
N GLN A 682 -29.30 -14.91 -50.90
CA GLN A 682 -29.06 -15.59 -49.65
C GLN A 682 -29.44 -14.81 -48.40
N PHE A 683 -29.62 -13.48 -48.51
CA PHE A 683 -29.82 -12.68 -47.31
C PHE A 683 -31.03 -13.18 -46.52
N GLY A 684 -32.20 -13.20 -47.15
CA GLY A 684 -33.39 -13.73 -46.51
C GLY A 684 -33.18 -15.12 -45.93
N LYS A 685 -32.91 -16.09 -46.80
CA LYS A 685 -32.56 -17.43 -46.34
C LYS A 685 -31.28 -17.39 -45.53
N GLN B 20 47.22 36.93 15.94
CA GLN B 20 47.51 37.23 14.56
C GLN B 20 48.57 36.29 13.98
N THR B 21 49.26 35.57 14.86
CA THR B 21 50.30 34.63 14.46
C THR B 21 49.87 33.21 14.83
N HIS B 22 49.86 32.32 13.85
CA HIS B 22 49.53 30.92 14.06
C HIS B 22 50.82 30.12 14.23
N ASN B 23 50.91 29.37 15.34
CA ASN B 23 52.03 28.48 15.58
C ASN B 23 51.74 27.03 15.24
N VAL B 24 50.49 26.66 14.98
CA VAL B 24 50.12 25.31 14.61
C VAL B 24 49.55 25.26 13.20
N VAL B 25 48.57 26.12 12.90
CA VAL B 25 47.95 26.17 11.58
C VAL B 25 48.83 27.08 10.72
N HIS B 26 49.87 26.49 10.14
CA HIS B 26 50.82 27.27 9.37
C HIS B 26 50.26 27.69 8.02
N GLU B 27 49.20 27.02 7.53
CA GLU B 27 48.58 27.42 6.28
C GLU B 27 47.90 28.78 6.39
N ALA B 28 47.59 29.24 7.60
CA ALA B 28 46.80 30.45 7.77
C ALA B 28 47.65 31.71 7.88
N ASN B 29 48.95 31.58 8.11
CA ASN B 29 49.77 32.76 8.37
C ASN B 29 49.90 33.60 7.12
N GLY B 30 49.66 34.90 7.27
CA GLY B 30 49.77 35.82 6.16
C GLY B 30 48.82 35.53 5.03
N VAL B 31 47.56 35.20 5.36
CA VAL B 31 46.53 34.89 4.37
C VAL B 31 45.47 35.97 4.46
N LYS B 32 45.42 36.85 3.46
CA LYS B 32 44.44 37.93 3.45
C LYS B 32 43.06 37.38 3.15
N LEU B 33 42.08 37.84 3.91
CA LEU B 33 40.69 37.49 3.64
C LEU B 33 40.27 38.01 2.27
N ARG B 34 39.55 37.17 1.52
CA ARG B 34 39.12 37.48 0.17
C ARG B 34 37.60 37.67 0.16
N GLU B 35 37.17 38.92 0.18
CA GLU B 35 35.75 39.23 0.12
C GLU B 35 35.18 38.81 -1.24
N THR B 36 33.88 38.53 -1.26
CA THR B 36 33.26 38.14 -2.52
C THR B 36 33.14 39.35 -3.45
N PRO B 37 33.47 39.21 -4.73
CA PRO B 37 33.45 40.37 -5.63
C PRO B 37 32.06 40.99 -5.75
N LYS B 38 32.07 42.27 -6.13
CA LYS B 38 30.82 43.01 -6.28
C LYS B 38 29.98 42.46 -7.44
N GLU B 39 30.62 41.96 -8.49
CA GLU B 39 29.86 41.40 -9.61
C GLU B 39 28.98 40.25 -9.17
N PHE B 40 29.36 39.56 -8.09
CA PHE B 40 28.54 38.46 -7.59
C PHE B 40 27.13 38.95 -7.26
N PHE B 41 27.02 40.10 -6.59
CA PHE B 41 25.72 40.58 -6.17
C PHE B 41 24.96 41.26 -7.30
N GLU B 42 25.67 41.83 -8.26
CA GLU B 42 25.01 42.33 -9.47
C GLU B 42 24.31 41.20 -10.21
N ARG B 43 24.99 40.06 -10.35
CA ARG B 43 24.44 38.91 -11.06
C ARG B 43 23.43 38.14 -10.23
N GLN B 44 23.44 38.32 -8.92
CA GLN B 44 22.47 37.68 -8.05
C GLN B 44 21.06 38.09 -8.45
N PRO B 45 20.14 37.15 -8.69
CA PRO B 45 18.82 37.53 -9.20
C PRO B 45 17.87 38.07 -8.15
N ASN B 46 18.09 37.80 -6.86
CA ASN B 46 17.23 38.30 -5.79
C ASN B 46 18.10 38.63 -4.59
N LYS B 47 17.48 39.25 -3.58
CA LYS B 47 18.18 39.47 -2.32
C LYS B 47 18.64 38.13 -1.76
N GLY B 48 19.89 38.09 -1.31
CA GLY B 48 20.47 36.85 -0.84
C GLY B 48 19.66 36.21 0.28
N HIS B 49 19.86 34.90 0.43
CA HIS B 49 19.14 34.16 1.44
C HIS B 49 19.62 34.48 2.85
N ILE B 50 20.85 34.95 2.99
CA ILE B 50 21.40 35.38 4.28
C ILE B 50 22.10 36.72 4.05
N HIS B 51 21.82 37.69 4.91
CA HIS B 51 22.33 39.04 4.68
C HIS B 51 23.85 39.08 4.79
N ASP B 52 24.40 38.66 5.93
CA ASP B 52 25.82 38.77 6.17
C ASP B 52 26.27 37.64 7.09
N VAL B 53 27.57 37.65 7.41
CA VAL B 53 28.14 36.62 8.27
C VAL B 53 27.53 36.66 9.66
N ASN B 54 27.02 37.82 10.09
CA ASN B 54 26.44 37.92 11.42
C ASN B 54 25.10 37.21 11.51
N GLN B 55 24.25 37.35 10.48
CA GLN B 55 23.04 36.54 10.45
C GLN B 55 23.36 35.06 10.33
N TYR B 56 24.45 34.72 9.63
CA TYR B 56 24.81 33.32 9.47
C TYR B 56 25.15 32.69 10.81
N LYS B 57 25.99 33.35 11.62
CA LYS B 57 26.37 32.75 12.89
C LYS B 57 25.17 32.59 13.81
N GLN B 58 24.21 33.53 13.75
CA GLN B 58 22.98 33.39 14.54
C GLN B 58 22.20 32.16 14.11
N MET B 59 21.97 32.01 12.80
CA MET B 59 21.28 30.83 12.30
C MET B 59 22.07 29.57 12.64
N TYR B 60 23.40 29.63 12.49
CA TYR B 60 24.22 28.47 12.81
C TYR B 60 24.11 28.09 14.29
N GLU B 61 24.23 29.08 15.17
CA GLU B 61 24.19 28.78 16.61
C GLU B 61 22.87 28.15 17.00
N GLN B 62 21.78 28.49 16.32
CA GLN B 62 20.50 27.85 16.62
C GLN B 62 20.49 26.40 16.13
N SER B 63 21.07 26.14 14.97
CA SER B 63 21.07 24.78 14.42
C SER B 63 21.83 23.80 15.30
N ILE B 64 22.72 24.30 16.17
CA ILE B 64 23.44 23.43 17.10
C ILE B 64 22.74 23.37 18.46
N LYS B 65 22.26 24.50 18.97
CA LYS B 65 21.65 24.52 20.29
C LYS B 65 20.18 24.12 20.25
N ASP B 66 19.47 24.43 19.16
CA ASP B 66 18.03 24.21 19.07
C ASP B 66 17.70 23.65 17.70
N PRO B 67 18.08 22.40 17.43
CA PRO B 67 17.80 21.81 16.12
C PRO B 67 16.32 21.73 15.80
N GLN B 68 15.49 21.49 16.82
CA GLN B 68 14.05 21.33 16.58
C GLN B 68 13.44 22.61 16.03
N GLY B 69 13.79 23.76 16.63
CA GLY B 69 13.25 25.03 16.18
C GLY B 69 13.84 25.52 14.88
N PHE B 70 15.00 25.01 14.49
CA PHE B 70 15.67 25.43 13.26
C PHE B 70 15.29 24.53 12.09
N PHE B 71 15.47 23.21 12.23
CA PHE B 71 15.24 22.32 11.11
C PHE B 71 13.76 21.98 10.92
N GLY B 72 12.98 22.03 11.99
CA GLY B 72 11.56 21.77 11.88
C GLY B 72 10.93 22.66 10.83
N PRO B 73 11.04 23.98 11.01
CA PRO B 73 10.46 24.91 10.02
C PRO B 73 11.07 24.76 8.63
N LEU B 74 12.39 24.59 8.55
CA LEU B 74 13.03 24.45 7.25
C LEU B 74 12.56 23.19 6.54
N ALA B 75 12.33 22.10 7.28
CA ALA B 75 11.82 20.89 6.67
C ALA B 75 10.44 21.12 6.05
N LYS B 76 9.59 21.90 6.73
CA LYS B 76 8.28 22.20 6.20
C LYS B 76 8.34 23.19 5.05
N GLU B 77 9.34 24.09 5.05
CA GLU B 77 9.45 25.07 3.98
C GLU B 77 9.93 24.43 2.69
N LEU B 78 10.98 23.60 2.78
CA LEU B 78 11.68 23.11 1.61
C LEU B 78 11.13 21.79 1.07
N LEU B 79 10.42 21.02 1.88
CA LEU B 79 9.92 19.71 1.47
C LEU B 79 8.41 19.65 1.52
N SER B 80 7.84 18.84 0.61
CA SER B 80 6.42 18.54 0.58
C SER B 80 6.19 17.18 1.22
N TRP B 81 5.30 17.12 2.21
CA TRP B 81 5.08 15.94 3.03
C TRP B 81 3.73 15.30 2.75
N ASP B 82 3.72 13.97 2.68
CA ASP B 82 2.47 13.22 2.63
C ASP B 82 1.89 12.98 4.01
N HIS B 83 2.74 12.94 5.03
CA HIS B 83 2.30 12.80 6.42
C HIS B 83 3.25 13.63 7.27
N ASP B 84 2.68 14.45 8.15
CA ASP B 84 3.50 15.32 8.97
C ASP B 84 4.35 14.51 9.94
N PHE B 85 5.54 15.03 10.22
CA PHE B 85 6.41 14.42 11.23
C PHE B 85 6.04 14.95 12.60
N HIS B 86 6.24 14.11 13.63
CA HIS B 86 5.92 14.47 15.00
C HIS B 86 7.15 14.72 15.86
N THR B 87 8.33 14.30 15.42
CA THR B 87 9.56 14.47 16.18
C THR B 87 10.66 14.82 15.19
N VAL B 88 11.33 15.96 15.42
CA VAL B 88 12.33 16.43 14.46
C VAL B 88 13.58 15.57 14.52
N LYS B 89 13.99 15.17 15.73
CA LYS B 89 15.31 14.60 15.94
C LYS B 89 15.24 13.54 17.02
N SER B 90 15.91 12.41 16.77
CA SER B 90 15.97 11.31 17.72
C SER B 90 17.30 10.59 17.57
N GLY B 91 17.67 9.84 18.60
CA GLY B 91 18.84 9.01 18.56
C GLY B 91 20.12 9.75 18.91
N THR B 92 21.20 8.99 18.99
CA THR B 92 22.52 9.51 19.30
C THR B 92 23.56 8.77 18.46
N LEU B 93 24.76 9.35 18.36
CA LEU B 93 25.83 8.68 17.62
C LEU B 93 26.33 7.46 18.37
N LYS B 94 26.49 7.58 19.69
CA LYS B 94 27.00 6.48 20.50
C LYS B 94 26.14 5.23 20.34
N ASN B 95 24.84 5.41 20.04
CA ASN B 95 23.93 4.29 19.87
C ASN B 95 23.66 3.96 18.41
N GLY B 96 24.13 4.78 17.47
CA GLY B 96 23.90 4.49 16.07
C GLY B 96 22.44 4.31 15.72
N ASP B 97 21.57 5.18 16.25
CA ASP B 97 20.14 5.11 16.00
C ASP B 97 19.59 6.49 15.64
N ALA B 98 20.38 7.29 14.92
CA ALA B 98 19.92 8.61 14.52
C ALA B 98 18.72 8.51 13.59
N ALA B 99 17.82 9.49 13.72
CA ALA B 99 16.61 9.57 12.92
C ALA B 99 16.10 10.99 12.96
N TRP B 100 15.45 11.41 11.87
CA TRP B 100 14.95 12.77 11.74
C TRP B 100 13.54 12.76 11.18
N PHE B 101 12.71 13.67 11.68
CA PHE B 101 11.34 13.85 11.18
C PHE B 101 10.58 12.54 11.27
N LEU B 102 10.60 11.94 12.46
CA LEU B 102 9.98 10.64 12.66
C LEU B 102 8.46 10.76 12.53
N GLY B 103 7.86 9.75 11.90
CA GLY B 103 6.45 9.78 11.60
C GLY B 103 6.09 10.45 10.30
N GLY B 104 7.03 11.18 9.71
CA GLY B 104 6.76 11.84 8.45
C GLY B 104 6.79 10.88 7.28
N GLU B 105 6.04 11.23 6.23
CA GLU B 105 6.07 10.49 4.99
C GLU B 105 6.19 11.48 3.83
N LEU B 106 6.83 11.04 2.77
CA LEU B 106 7.07 11.86 1.59
C LEU B 106 7.52 10.93 0.48
N ASN B 107 7.82 11.51 -0.69
CA ASN B 107 8.38 10.75 -1.79
C ASN B 107 9.46 11.59 -2.47
N ALA B 108 10.58 10.96 -2.78
CA ALA B 108 11.71 11.71 -3.32
C ALA B 108 11.41 12.25 -4.71
N SER B 109 10.75 11.45 -5.54
CA SER B 109 10.48 11.88 -6.91
C SER B 109 9.37 12.91 -6.96
N TYR B 110 8.46 12.92 -5.98
CA TYR B 110 7.45 13.96 -5.94
C TYR B 110 8.07 15.32 -5.65
N ASN B 111 9.02 15.38 -4.70
CA ASN B 111 9.65 16.64 -4.37
C ASN B 111 10.63 17.11 -5.43
N CYS B 112 11.16 16.19 -6.25
CA CYS B 112 12.12 16.57 -7.29
C CYS B 112 11.48 16.82 -8.65
N VAL B 113 10.25 16.34 -8.87
CA VAL B 113 9.65 16.41 -10.19
C VAL B 113 8.21 16.90 -10.12
N ASP B 114 7.33 16.09 -9.56
CA ASP B 114 5.90 16.34 -9.65
C ASP B 114 5.55 17.78 -9.26
N ARG B 115 5.97 18.20 -8.07
CA ARG B 115 5.51 19.50 -7.57
C ARG B 115 6.00 20.64 -8.45
N HIS B 116 7.13 20.46 -9.13
CA HIS B 116 7.61 21.47 -10.06
C HIS B 116 6.95 21.35 -11.41
N ALA B 117 6.67 20.11 -11.86
CA ALA B 117 5.97 19.93 -13.12
C ALA B 117 4.59 20.55 -13.07
N PHE B 118 3.87 20.40 -11.95
CA PHE B 118 2.54 20.98 -11.84
C PHE B 118 2.60 22.51 -11.90
N ALA B 119 3.64 23.10 -11.30
CA ALA B 119 3.71 24.56 -11.24
C ALA B 119 4.11 25.15 -12.59
N ASN B 120 5.17 24.63 -13.20
CA ASN B 120 5.65 25.12 -14.50
C ASN B 120 6.18 23.93 -15.29
N PRO B 121 5.30 23.21 -16.00
CA PRO B 121 5.73 21.99 -16.69
C PRO B 121 6.77 22.24 -17.77
N ASP B 122 6.84 23.46 -18.30
CA ASP B 122 7.78 23.77 -19.38
C ASP B 122 9.13 24.26 -18.86
N LYS B 123 9.30 24.38 -17.55
CA LYS B 123 10.58 24.82 -17.03
C LYS B 123 11.60 23.73 -17.28
N PRO B 124 12.80 24.07 -17.75
CA PRO B 124 13.82 23.04 -17.97
C PRO B 124 14.20 22.35 -16.67
N ALA B 125 14.40 21.03 -16.75
CA ALA B 125 14.84 20.25 -15.60
C ALA B 125 16.21 19.62 -15.84
N LEU B 126 16.34 18.77 -16.85
CA LEU B 126 17.60 18.13 -17.18
C LEU B 126 18.13 18.73 -18.48
N ILE B 127 19.17 19.55 -18.36
CA ILE B 127 19.89 20.05 -19.53
C ILE B 127 20.97 19.02 -19.83
N CYS B 128 20.72 18.17 -20.81
CA CYS B 128 21.57 17.02 -21.09
C CYS B 128 22.56 17.37 -22.19
N GLU B 129 23.84 17.38 -21.83
CA GLU B 129 24.92 17.57 -22.79
C GLU B 129 25.59 16.22 -23.04
N ALA B 130 25.39 15.69 -24.24
CA ALA B 130 25.87 14.36 -24.57
C ALA B 130 27.38 14.40 -24.86
N ASP B 131 27.98 13.21 -24.88
CA ASP B 131 29.39 13.11 -25.23
C ASP B 131 29.67 13.84 -26.53
N ASP B 132 28.76 13.71 -27.49
CA ASP B 132 28.79 14.45 -28.74
C ASP B 132 27.60 15.42 -28.73
N GLU B 133 27.89 16.71 -28.91
CA GLU B 133 26.86 17.72 -28.71
C GLU B 133 25.66 17.51 -29.61
N LYS B 134 25.84 16.85 -30.76
CA LYS B 134 24.72 16.60 -31.67
C LYS B 134 23.58 15.86 -30.97
N ASP B 135 23.91 15.05 -29.96
CA ASP B 135 22.92 14.25 -29.22
C ASP B 135 22.44 14.93 -27.96
N SER B 136 22.78 16.20 -27.74
CA SER B 136 22.32 16.90 -26.56
C SER B 136 20.82 17.19 -26.64
N HIS B 137 20.20 17.37 -25.49
CA HIS B 137 18.77 17.63 -25.43
C HIS B 137 18.42 18.18 -24.06
N ILE B 138 17.20 18.69 -23.93
CA ILE B 138 16.73 19.28 -22.68
C ILE B 138 15.37 18.69 -22.35
N LEU B 139 15.23 18.21 -21.11
CA LEU B 139 13.97 17.69 -20.60
C LEU B 139 13.36 18.72 -19.64
N THR B 140 12.11 19.08 -19.88
CA THR B 140 11.39 19.92 -18.94
C THR B 140 10.91 19.08 -17.76
N TYR B 141 10.47 19.76 -16.71
CA TYR B 141 9.93 19.03 -15.56
C TYR B 141 8.72 18.19 -15.95
N GLY B 142 7.91 18.70 -16.89
CA GLY B 142 6.83 17.90 -17.42
C GLY B 142 7.32 16.67 -18.17
N ASP B 143 8.35 16.86 -19.01
CA ASP B 143 8.95 15.72 -19.68
C ASP B 143 9.50 14.73 -18.66
N LEU B 144 10.20 15.24 -17.64
CA LEU B 144 10.82 14.38 -16.65
C LEU B 144 9.77 13.56 -15.90
N LEU B 145 8.64 14.18 -15.55
CA LEU B 145 7.60 13.45 -14.84
C LEU B 145 7.11 12.27 -15.67
N ARG B 146 6.94 12.47 -16.98
CA ARG B 146 6.44 11.40 -17.83
C ARG B 146 7.45 10.28 -17.96
N GLU B 147 8.73 10.62 -18.17
CA GLU B 147 9.72 9.57 -18.34
C GLU B 147 9.92 8.79 -17.05
N VAL B 148 9.89 9.49 -15.91
CA VAL B 148 10.01 8.80 -14.63
C VAL B 148 8.79 7.92 -14.38
N SER B 149 7.59 8.44 -14.65
CA SER B 149 6.38 7.64 -14.46
C SER B 149 6.41 6.38 -15.32
N LYS B 150 6.92 6.49 -16.55
CA LYS B 150 6.90 5.35 -17.45
C LYS B 150 7.86 4.26 -16.99
N VAL B 151 9.10 4.63 -16.64
CA VAL B 151 10.05 3.64 -16.13
C VAL B 151 9.53 3.05 -14.83
N ALA B 152 8.99 3.90 -13.94
CA ALA B 152 8.42 3.39 -12.69
C ALA B 152 7.31 2.40 -12.97
N GLY B 153 6.51 2.65 -14.01
CA GLY B 153 5.47 1.70 -14.37
C GLY B 153 6.02 0.35 -14.82
N VAL B 154 7.12 0.39 -15.59
CA VAL B 154 7.75 -0.86 -16.03
C VAL B 154 8.20 -1.67 -14.81
N LEU B 155 8.94 -1.02 -13.91
CA LEU B 155 9.41 -1.71 -12.71
C LEU B 155 8.25 -2.22 -11.88
N GLN B 156 7.18 -1.43 -11.75
CA GLN B 156 6.04 -1.88 -10.97
C GLN B 156 5.45 -3.15 -11.56
N SER B 157 5.32 -3.21 -12.90
CA SER B 157 4.78 -4.39 -13.54
C SER B 157 5.72 -5.59 -13.39
N TRP B 158 7.02 -5.35 -13.20
CA TRP B 158 7.95 -6.42 -12.93
C TRP B 158 7.93 -6.90 -11.49
N GLY B 159 7.16 -6.22 -10.63
CA GLY B 159 7.08 -6.60 -9.23
C GLY B 159 7.98 -5.82 -8.30
N ILE B 160 8.67 -4.79 -8.79
CA ILE B 160 9.50 -3.97 -7.92
C ILE B 160 8.59 -3.19 -6.97
N LYS B 161 8.82 -3.36 -5.68
CA LYS B 161 7.98 -2.77 -4.65
C LYS B 161 8.87 -2.11 -3.60
N LYS B 162 8.25 -1.27 -2.78
CA LYS B 162 8.96 -0.63 -1.69
C LYS B 162 9.70 -1.67 -0.86
N GLY B 163 10.95 -1.35 -0.53
CA GLY B 163 11.84 -2.27 0.17
C GLY B 163 12.84 -2.95 -0.73
N ASP B 164 12.53 -3.08 -2.01
CA ASP B 164 13.48 -3.69 -2.94
C ASP B 164 14.62 -2.73 -3.25
N THR B 165 15.70 -3.29 -3.80
CA THR B 165 16.80 -2.52 -4.34
C THR B 165 16.89 -2.77 -5.83
N VAL B 166 17.25 -1.73 -6.57
CA VAL B 166 17.40 -1.80 -8.02
C VAL B 166 18.76 -1.21 -8.38
N ALA B 167 19.58 -1.98 -9.08
CA ALA B 167 20.89 -1.52 -9.49
C ALA B 167 20.77 -0.67 -10.75
N VAL B 168 21.67 0.33 -10.85
CA VAL B 168 21.74 1.20 -12.02
C VAL B 168 23.19 1.23 -12.48
N TYR B 169 23.43 0.83 -13.72
CA TYR B 169 24.76 0.81 -14.32
C TYR B 169 24.64 1.60 -15.63
N LEU B 170 24.74 2.91 -15.52
CA LEU B 170 24.48 3.82 -16.63
C LEU B 170 25.50 4.95 -16.63
N PRO B 171 25.78 5.53 -17.79
CA PRO B 171 26.60 6.75 -17.82
C PRO B 171 25.86 7.94 -17.22
N MET B 172 26.51 9.10 -17.24
CA MET B 172 25.94 10.32 -16.70
C MET B 172 25.09 10.98 -17.78
N ASN B 173 23.83 10.55 -17.87
CA ASN B 173 22.91 11.10 -18.86
C ASN B 173 21.50 11.05 -18.30
N ALA B 174 20.51 11.42 -19.13
CA ALA B 174 19.14 11.50 -18.66
C ALA B 174 18.65 10.17 -18.11
N GLN B 175 19.05 9.07 -18.75
CA GLN B 175 18.54 7.76 -18.34
C GLN B 175 18.96 7.45 -16.90
N ALA B 176 20.19 7.85 -16.52
CA ALA B 176 20.64 7.62 -15.16
C ALA B 176 19.75 8.35 -14.16
N ILE B 177 19.43 9.62 -14.43
CA ILE B 177 18.58 10.39 -13.52
C ILE B 177 17.16 9.82 -13.51
N ILE B 178 16.63 9.49 -14.68
CA ILE B 178 15.26 8.97 -14.75
C ILE B 178 15.14 7.64 -14.01
N ALA B 179 16.14 6.77 -14.17
CA ALA B 179 16.11 5.49 -13.47
C ALA B 179 16.11 5.70 -11.96
N MET B 180 17.00 6.54 -11.46
CA MET B 180 17.09 6.78 -10.02
C MET B 180 15.76 7.30 -9.47
N LEU B 181 15.18 8.30 -10.15
CA LEU B 181 13.93 8.87 -9.69
C LEU B 181 12.78 7.88 -9.85
N ALA B 182 12.83 7.03 -10.87
CA ALA B 182 11.78 6.02 -11.04
C ALA B 182 11.82 4.98 -9.93
N ILE B 183 13.03 4.53 -9.56
CA ILE B 183 13.17 3.59 -8.46
C ILE B 183 12.65 4.20 -7.16
N ALA B 184 13.07 5.44 -6.88
CA ALA B 184 12.62 6.11 -5.67
C ALA B 184 11.12 6.38 -5.69
N ARG B 185 10.53 6.50 -6.88
CA ARG B 185 9.09 6.75 -6.96
C ARG B 185 8.28 5.60 -6.38
N LEU B 186 8.79 4.37 -6.50
CA LEU B 186 8.08 3.18 -6.02
C LEU B 186 8.42 2.84 -4.57
N GLY B 187 9.24 3.65 -3.91
CA GLY B 187 9.69 3.34 -2.58
C GLY B 187 10.86 2.39 -2.51
N ALA B 188 11.37 1.93 -3.65
CA ALA B 188 12.56 1.11 -3.65
C ALA B 188 13.80 2.01 -3.50
N ALA B 189 14.94 1.38 -3.27
CA ALA B 189 16.19 2.08 -3.07
C ALA B 189 17.11 1.76 -4.25
N HIS B 190 17.54 2.79 -4.96
CA HIS B 190 18.43 2.58 -6.09
C HIS B 190 19.86 2.46 -5.60
N SER B 191 20.64 1.65 -6.32
CA SER B 191 22.06 1.47 -6.03
C SER B 191 22.81 1.75 -7.34
N VAL B 192 23.31 2.99 -7.48
CA VAL B 192 23.97 3.41 -8.71
C VAL B 192 25.41 2.93 -8.71
N ILE B 193 25.79 2.21 -9.77
CA ILE B 193 27.14 1.68 -9.94
C ILE B 193 27.81 2.49 -11.04
N PHE B 194 28.96 3.10 -10.70
CA PHE B 194 29.71 3.90 -11.67
C PHE B 194 29.97 3.12 -12.94
N ALA B 195 29.69 3.75 -14.09
CA ALA B 195 29.77 3.07 -15.38
C ALA B 195 31.19 2.61 -15.72
N GLY B 196 32.20 3.08 -14.99
CA GLY B 196 33.56 2.65 -15.19
C GLY B 196 33.99 1.45 -14.38
N PHE B 197 33.08 0.81 -13.66
CA PHE B 197 33.42 -0.36 -12.86
C PHE B 197 33.45 -1.62 -13.72
N SER B 198 34.29 -2.58 -13.31
CA SER B 198 34.44 -3.84 -14.01
C SER B 198 33.29 -4.77 -13.66
N ALA B 199 33.27 -5.94 -14.31
CA ALA B 199 32.21 -6.91 -14.07
C ALA B 199 32.27 -7.43 -12.63
N GLY B 200 33.48 -7.61 -12.11
CA GLY B 200 33.60 -8.09 -10.74
C GLY B 200 33.03 -7.12 -9.73
N SER B 201 33.32 -5.83 -9.93
CA SER B 201 32.79 -4.81 -9.02
C SER B 201 31.27 -4.74 -9.10
N ILE B 202 30.71 -4.93 -10.31
CA ILE B 202 29.26 -4.98 -10.44
C ILE B 202 28.71 -6.18 -9.67
N LYS B 203 29.35 -7.34 -9.82
CA LYS B 203 28.88 -8.54 -9.16
C LYS B 203 28.80 -8.35 -7.65
N ASP B 204 29.85 -7.77 -7.06
CA ASP B 204 29.87 -7.59 -5.61
C ASP B 204 28.71 -6.72 -5.13
N ARG B 205 28.50 -5.59 -5.79
CA ARG B 205 27.49 -4.64 -5.30
C ARG B 205 26.08 -5.19 -5.50
N VAL B 206 25.82 -5.82 -6.65
CA VAL B 206 24.49 -6.35 -6.90
C VAL B 206 24.15 -7.44 -5.89
N ASN B 207 25.11 -8.30 -5.57
CA ASN B 207 24.83 -9.40 -4.66
C ASN B 207 24.71 -8.93 -3.22
N ASP B 208 25.54 -7.95 -2.81
CA ASP B 208 25.42 -7.44 -1.45
C ASP B 208 24.05 -6.82 -1.23
N ALA B 209 23.55 -6.09 -2.22
CA ALA B 209 22.24 -5.45 -2.11
C ALA B 209 21.10 -6.39 -2.49
N SER B 210 21.40 -7.51 -3.15
CA SER B 210 20.38 -8.47 -3.58
C SER B 210 19.31 -7.78 -4.43
N CYS B 211 19.78 -7.06 -5.45
CA CYS B 211 18.89 -6.31 -6.31
C CYS B 211 18.00 -7.25 -7.11
N LYS B 212 16.72 -6.88 -7.24
CA LYS B 212 15.78 -7.66 -8.04
C LYS B 212 15.80 -7.28 -9.51
N ALA B 213 16.34 -6.11 -9.87
CA ALA B 213 16.34 -5.66 -11.25
C ALA B 213 17.56 -4.78 -11.50
N LEU B 214 17.88 -4.60 -12.78
CA LEU B 214 19.03 -3.82 -13.21
C LEU B 214 18.64 -2.96 -14.41
N ILE B 215 19.04 -1.70 -14.37
CA ILE B 215 18.80 -0.76 -15.47
C ILE B 215 20.15 -0.35 -16.03
N THR B 216 20.32 -0.53 -17.33
CA THR B 216 21.61 -0.29 -17.97
C THR B 216 21.36 0.10 -19.43
N CYS B 217 22.43 0.14 -20.22
CA CYS B 217 22.33 0.45 -21.64
C CYS B 217 23.23 -0.52 -22.40
N ASP B 218 23.11 -0.49 -23.73
CA ASP B 218 23.87 -1.44 -24.55
C ASP B 218 25.35 -1.07 -24.58
N GLU B 219 25.65 0.19 -24.87
CA GLU B 219 27.02 0.69 -24.86
C GLU B 219 27.01 2.13 -24.43
N GLY B 220 28.17 2.63 -24.02
CA GLY B 220 28.32 4.02 -23.66
C GLY B 220 29.31 4.69 -24.60
N LYS B 221 29.07 5.98 -24.85
CA LYS B 221 29.99 6.80 -25.62
C LYS B 221 30.56 7.86 -24.69
N ARG B 222 31.88 7.89 -24.56
CA ARG B 222 32.54 8.86 -23.69
C ARG B 222 33.88 9.24 -24.30
N GLY B 223 34.03 10.52 -24.64
CA GLY B 223 35.24 10.96 -25.30
C GLY B 223 35.48 10.34 -26.65
N GLY B 224 34.41 10.04 -27.39
CA GLY B 224 34.52 9.36 -28.65
C GLY B 224 34.74 7.86 -28.57
N ARG B 225 35.12 7.35 -27.40
CA ARG B 225 35.30 5.92 -27.22
C ARG B 225 33.99 5.25 -26.89
N THR B 226 33.84 4.00 -27.35
CA THR B 226 32.68 3.18 -27.04
C THR B 226 33.03 2.27 -25.86
N THR B 227 32.22 2.33 -24.82
CA THR B 227 32.42 1.52 -23.62
C THR B 227 31.45 0.34 -23.64
N ASN B 228 31.93 -0.80 -23.18
CA ASN B 228 31.17 -2.05 -23.27
C ASN B 228 30.36 -2.25 -21.99
N ILE B 229 29.23 -1.57 -21.94
CA ILE B 229 28.43 -1.54 -20.72
C ILE B 229 27.60 -2.81 -20.57
N LYS B 230 26.71 -3.08 -21.53
CA LYS B 230 25.87 -4.27 -21.44
C LYS B 230 26.71 -5.54 -21.45
N LYS B 231 27.88 -5.50 -22.10
CA LYS B 231 28.74 -6.68 -22.14
C LYS B 231 29.26 -7.03 -20.75
N LEU B 232 29.72 -6.02 -20.01
CA LEU B 232 30.18 -6.25 -18.64
C LEU B 232 29.05 -6.70 -17.72
N CYS B 233 27.84 -6.17 -17.92
CA CYS B 233 26.70 -6.60 -17.12
C CYS B 233 26.44 -8.09 -17.30
N ASP B 234 26.36 -8.55 -18.55
CA ASP B 234 26.15 -9.97 -18.80
C ASP B 234 27.23 -10.80 -18.12
N GLU B 235 28.47 -10.34 -18.20
CA GLU B 235 29.57 -11.05 -17.55
C GLU B 235 29.35 -11.18 -16.05
N ALA B 236 28.79 -10.13 -15.43
CA ALA B 236 28.55 -10.15 -14.00
C ALA B 236 27.30 -10.95 -13.63
N LEU B 237 26.25 -10.86 -14.44
CA LEU B 237 24.95 -11.40 -14.08
C LEU B 237 24.92 -12.93 -14.03
N VAL B 238 25.94 -13.61 -14.54
CA VAL B 238 25.95 -15.06 -14.41
C VAL B 238 26.08 -15.47 -12.96
N ASP B 239 26.55 -14.56 -12.08
CA ASP B 239 26.72 -14.84 -10.67
C ASP B 239 25.85 -13.94 -9.80
N CYS B 240 24.74 -13.42 -10.35
CA CYS B 240 23.81 -12.54 -9.63
C CYS B 240 22.42 -13.16 -9.73
N PRO B 241 22.13 -14.19 -8.93
CA PRO B 241 20.82 -14.87 -9.05
C PRO B 241 19.64 -14.01 -8.67
N THR B 242 19.83 -12.91 -7.95
CA THR B 242 18.70 -12.09 -7.51
C THR B 242 18.14 -11.21 -8.62
N VAL B 243 18.93 -10.91 -9.65
CA VAL B 243 18.48 -10.02 -10.71
C VAL B 243 17.51 -10.80 -11.60
N GLU B 244 16.23 -10.41 -11.55
CA GLU B 244 15.19 -11.09 -12.32
C GLU B 244 15.03 -10.52 -13.72
N LYS B 245 15.19 -9.20 -13.88
CA LYS B 245 14.99 -8.56 -15.16
C LYS B 245 15.94 -7.39 -15.31
N VAL B 246 16.25 -7.05 -16.55
CA VAL B 246 17.18 -5.98 -16.89
C VAL B 246 16.52 -5.08 -17.92
N LEU B 247 16.56 -3.77 -17.68
CA LEU B 247 16.06 -2.78 -18.61
C LEU B 247 17.26 -2.17 -19.34
N VAL B 248 17.25 -2.24 -20.66
CA VAL B 248 18.42 -1.89 -21.47
C VAL B 248 18.05 -0.74 -22.40
N TYR B 249 18.75 0.38 -22.26
CA TYR B 249 18.53 1.53 -23.12
C TYR B 249 19.46 1.45 -24.33
N LYS B 250 18.91 1.79 -25.50
CA LYS B 250 19.67 1.74 -26.75
C LYS B 250 20.43 3.06 -26.89
N ARG B 251 21.58 3.14 -26.21
CA ARG B 251 22.41 4.33 -26.28
C ARG B 251 23.15 4.44 -27.60
N THR B 252 23.69 3.31 -28.10
CA THR B 252 24.30 3.28 -29.43
C THR B 252 23.46 2.53 -30.44
N ASN B 253 22.51 1.72 -29.99
CA ASN B 253 21.67 0.90 -30.86
C ASN B 253 22.50 -0.08 -31.69
N ASN B 254 23.70 -0.42 -31.20
CA ASN B 254 24.53 -1.41 -31.87
C ASN B 254 23.79 -2.74 -31.95
N PRO B 255 23.45 -3.21 -33.16
CA PRO B 255 22.61 -4.41 -33.27
C PRO B 255 23.29 -5.70 -32.85
N GLU B 256 24.62 -5.69 -32.66
CA GLU B 256 25.31 -6.92 -32.26
C GLU B 256 25.29 -7.16 -30.75
N ILE B 257 24.59 -6.33 -29.98
CA ILE B 257 24.55 -6.49 -28.52
C ILE B 257 23.41 -7.43 -28.16
N HIS B 258 23.75 -8.56 -27.54
CA HIS B 258 22.79 -9.61 -27.24
C HIS B 258 21.94 -9.27 -26.02
N LEU B 259 20.66 -9.57 -26.12
CA LEU B 259 19.73 -9.53 -24.99
C LEU B 259 19.29 -10.96 -24.67
N THR B 260 19.35 -11.33 -23.40
CA THR B 260 18.99 -12.68 -22.97
C THR B 260 17.47 -12.77 -22.87
N GLU B 261 16.89 -13.70 -23.64
CA GLU B 261 15.44 -13.87 -23.64
C GLU B 261 14.94 -14.12 -22.23
N GLY B 262 13.83 -13.47 -21.89
CA GLY B 262 13.20 -13.66 -20.60
C GLY B 262 13.76 -12.82 -19.47
N ARG B 263 14.93 -12.23 -19.64
CA ARG B 263 15.54 -11.41 -18.60
C ARG B 263 15.75 -9.97 -19.03
N ASP B 264 16.20 -9.74 -20.27
CA ASP B 264 16.55 -8.42 -20.74
C ASP B 264 15.41 -7.86 -21.59
N TYR B 265 15.08 -6.59 -21.36
CA TYR B 265 14.04 -5.91 -22.11
C TYR B 265 14.51 -4.50 -22.45
N TYR B 266 13.99 -3.97 -23.56
CA TYR B 266 14.44 -2.67 -24.05
C TYR B 266 13.67 -1.54 -23.39
N TRP B 267 14.41 -0.52 -22.99
CA TRP B 267 13.82 0.66 -22.34
C TRP B 267 12.70 1.24 -23.18
N ASP B 268 12.97 1.50 -24.47
CA ASP B 268 11.97 2.14 -25.31
C ASP B 268 10.75 1.27 -25.52
N VAL B 269 10.96 -0.05 -25.62
CA VAL B 269 9.84 -0.96 -25.89
C VAL B 269 8.90 -1.01 -24.70
N GLU B 270 9.45 -1.10 -23.48
CA GLU B 270 8.61 -1.28 -22.30
C GLU B 270 8.00 0.04 -21.84
N THR B 271 8.77 1.13 -21.84
CA THR B 271 8.21 2.41 -21.42
C THR B 271 7.05 2.82 -22.32
N ALA B 272 7.06 2.35 -23.58
CA ALA B 272 5.98 2.68 -24.50
C ALA B 272 4.66 2.06 -24.08
N LYS B 273 4.67 1.05 -23.22
CA LYS B 273 3.44 0.36 -22.82
C LYS B 273 2.69 1.06 -21.70
N PHE B 274 3.28 2.08 -21.07
CA PHE B 274 2.73 2.60 -19.82
C PHE B 274 2.49 4.11 -19.88
N PRO B 275 1.55 4.61 -19.10
CA PRO B 275 1.17 6.02 -19.22
C PRO B 275 2.19 6.96 -18.58
N GLY B 276 2.10 8.23 -18.98
CA GLY B 276 2.99 9.27 -18.54
C GLY B 276 2.72 9.79 -17.14
N TYR B 277 1.85 9.12 -16.38
CA TYR B 277 1.73 9.41 -14.96
C TYR B 277 1.54 8.12 -14.19
N LEU B 278 2.26 7.99 -13.08
CA LEU B 278 2.13 6.85 -12.19
C LEU B 278 2.16 7.47 -10.79
N PRO B 279 1.24 7.09 -9.90
CA PRO B 279 1.24 7.67 -8.56
C PRO B 279 2.50 7.31 -7.81
N PRO B 280 3.14 8.28 -7.14
CA PRO B 280 4.28 7.94 -6.29
C PRO B 280 3.81 7.25 -5.01
N VAL B 281 4.73 6.49 -4.43
CA VAL B 281 4.48 5.70 -3.24
C VAL B 281 5.08 6.42 -2.04
N SER B 282 4.27 6.67 -1.02
CA SER B 282 4.78 7.32 0.18
C SER B 282 5.68 6.37 0.97
N VAL B 283 6.81 6.91 1.42
CA VAL B 283 7.75 6.18 2.27
C VAL B 283 7.97 6.99 3.54
N ASN B 284 8.44 6.32 4.57
CA ASN B 284 8.75 6.99 5.83
C ASN B 284 10.00 7.85 5.69
N SER B 285 10.06 8.91 6.50
CA SER B 285 11.24 9.77 6.52
C SER B 285 12.53 8.95 6.64
N GLU B 286 12.49 7.83 7.36
CA GLU B 286 13.67 7.02 7.64
C GLU B 286 13.72 5.75 6.80
N ASP B 287 12.87 5.63 5.78
CA ASP B 287 13.03 4.55 4.82
C ASP B 287 14.22 4.83 3.91
N PRO B 288 14.94 3.79 3.49
CA PRO B 288 16.14 4.01 2.67
C PRO B 288 15.78 4.65 1.34
N LEU B 289 16.50 5.71 0.99
CA LEU B 289 16.37 6.30 -0.33
C LEU B 289 17.30 5.64 -1.33
N PHE B 290 18.53 5.33 -0.93
CA PHE B 290 19.46 4.70 -1.86
C PHE B 290 20.61 4.07 -1.09
N LEU B 291 21.28 3.15 -1.79
CA LEU B 291 22.57 2.61 -1.38
C LEU B 291 23.64 3.16 -2.32
N LEU B 292 24.77 3.56 -1.75
CA LEU B 292 25.90 4.01 -2.55
C LEU B 292 27.15 3.34 -2.01
N TYR B 293 27.77 2.48 -2.82
CA TYR B 293 28.88 1.66 -2.39
C TYR B 293 30.19 2.41 -2.51
N THR B 294 30.95 2.44 -1.42
CA THR B 294 32.25 3.12 -1.36
C THR B 294 33.28 2.14 -0.83
N SER B 295 34.52 2.28 -1.29
CA SER B 295 35.61 1.43 -0.85
C SER B 295 36.21 1.89 0.49
N THR B 300 36.24 -5.32 1.27
CA THR B 300 35.21 -5.33 0.24
C THR B 300 34.35 -4.07 0.35
N PRO B 301 33.87 -3.55 -0.79
CA PRO B 301 33.07 -2.32 -0.76
C PRO B 301 31.84 -2.43 0.13
N LYS B 302 31.44 -1.28 0.68
CA LYS B 302 30.34 -1.16 1.63
C LYS B 302 29.24 -0.25 1.09
N GLY B 303 28.00 -0.68 1.26
CA GLY B 303 26.86 0.11 0.82
C GLY B 303 26.43 1.14 1.84
N VAL B 304 26.81 2.40 1.60
CA VAL B 304 26.41 3.49 2.49
C VAL B 304 24.93 3.78 2.24
N VAL B 305 24.14 3.77 3.31
CA VAL B 305 22.69 3.94 3.21
C VAL B 305 22.32 5.34 3.68
N HIS B 306 21.46 6.01 2.92
CA HIS B 306 20.94 7.32 3.28
C HIS B 306 19.43 7.24 3.43
N SER B 307 18.92 7.90 4.47
CA SER B 307 17.48 8.00 4.68
C SER B 307 16.86 8.83 3.57
N THR B 308 15.54 9.05 3.66
CA THR B 308 14.85 9.82 2.64
C THR B 308 14.73 11.30 3.02
N ALA B 309 14.04 11.60 4.12
CA ALA B 309 13.76 13.00 4.44
C ALA B 309 15.01 13.76 4.84
N GLY B 310 15.81 13.19 5.74
CA GLY B 310 17.01 13.89 6.19
C GLY B 310 17.97 14.16 5.06
N TYR B 311 18.17 13.17 4.18
CA TYR B 311 19.07 13.39 3.06
C TYR B 311 18.56 14.49 2.13
N LEU B 312 17.26 14.47 1.84
CA LEU B 312 16.71 15.47 0.92
C LEU B 312 16.83 16.87 1.52
N LEU B 313 16.55 17.02 2.82
CA LEU B 313 16.65 18.34 3.44
C LEU B 313 18.09 18.85 3.41
N GLY B 314 19.06 17.98 3.71
CA GLY B 314 20.45 18.38 3.64
C GLY B 314 20.84 18.84 2.25
N ALA B 315 20.39 18.09 1.23
CA ALA B 315 20.72 18.47 -0.15
C ALA B 315 20.14 19.82 -0.50
N ALA B 316 18.85 20.02 -0.22
CA ALA B 316 18.21 21.30 -0.55
C ALA B 316 18.80 22.44 0.27
N LEU B 317 19.06 22.20 1.55
CA LEU B 317 19.54 23.26 2.43
C LEU B 317 20.93 23.72 2.00
N SER B 318 21.84 22.78 1.74
CA SER B 318 23.19 23.14 1.33
C SER B 318 23.21 23.74 -0.06
N THR B 319 22.48 23.14 -1.01
CA THR B 319 22.41 23.70 -2.35
C THR B 319 21.94 25.14 -2.33
N LYS B 320 20.97 25.44 -1.47
CA LYS B 320 20.40 26.79 -1.44
C LYS B 320 21.37 27.80 -0.84
N TYR B 321 21.91 27.50 0.35
CA TYR B 321 22.66 28.49 1.11
C TYR B 321 24.15 28.51 0.80
N ILE B 322 24.76 27.37 0.51
CA ILE B 322 26.19 27.35 0.24
C ILE B 322 26.48 27.83 -1.18
N PHE B 323 25.61 27.48 -2.13
CA PHE B 323 25.77 27.90 -3.52
C PHE B 323 24.97 29.14 -3.86
N ASP B 324 24.03 29.56 -3.00
CA ASP B 324 23.15 30.69 -3.27
C ASP B 324 22.35 30.44 -4.55
N ILE B 325 21.46 29.45 -4.46
CA ILE B 325 20.62 29.03 -5.57
C ILE B 325 19.26 29.70 -5.44
N HIS B 326 18.78 30.29 -6.53
CA HIS B 326 17.46 30.90 -6.61
C HIS B 326 16.72 30.21 -7.76
N PRO B 327 15.41 30.41 -7.89
CA PRO B 327 14.67 29.72 -8.96
C PRO B 327 15.16 30.05 -10.34
N GLU B 328 15.72 31.24 -10.55
CA GLU B 328 16.17 31.66 -11.87
C GLU B 328 17.53 31.06 -12.27
N ASP B 329 18.20 30.34 -11.36
CA ASP B 329 19.57 29.91 -11.58
C ASP B 329 19.63 28.61 -12.37
N ILE B 330 20.86 28.24 -12.76
CA ILE B 330 21.14 27.05 -13.54
C ILE B 330 22.43 26.44 -13.01
N LEU B 331 22.37 25.21 -12.53
CA LEU B 331 23.51 24.56 -11.88
C LEU B 331 24.17 23.56 -12.83
N PHE B 332 25.50 23.60 -12.88
CA PHE B 332 26.30 22.65 -13.66
C PHE B 332 27.27 21.97 -12.71
N THR B 333 26.92 20.77 -12.25
CA THR B 333 27.81 19.95 -11.44
C THR B 333 28.50 18.95 -12.37
N ALA B 334 29.80 19.15 -12.59
CA ALA B 334 30.58 18.29 -13.48
C ALA B 334 31.03 17.02 -12.74
N GLY B 335 30.04 16.23 -12.32
CA GLY B 335 30.30 15.02 -11.59
C GLY B 335 29.40 13.90 -12.06
N ASP B 336 29.77 12.69 -11.69
CA ASP B 336 29.09 11.48 -12.13
C ASP B 336 28.15 10.99 -11.02
N VAL B 337 26.96 10.53 -11.41
CA VAL B 337 26.05 9.94 -10.44
C VAL B 337 26.62 8.69 -9.81
N GLY B 338 27.69 8.14 -10.37
CA GLY B 338 28.36 7.02 -9.72
C GLY B 338 28.91 7.38 -8.36
N TRP B 339 29.02 8.67 -8.05
CA TRP B 339 29.56 9.15 -6.79
C TRP B 339 28.54 10.07 -6.11
N ILE B 340 28.80 10.35 -4.83
CA ILE B 340 27.83 11.11 -4.04
C ILE B 340 27.68 12.51 -4.60
N THR B 341 28.71 13.04 -5.25
CA THR B 341 28.62 14.39 -5.80
C THR B 341 27.51 14.48 -6.82
N GLY B 342 27.37 13.46 -7.67
CA GLY B 342 26.28 13.47 -8.65
C GLY B 342 24.93 13.27 -7.99
N HIS B 343 24.87 12.37 -7.00
CA HIS B 343 23.62 12.14 -6.27
C HIS B 343 23.07 13.45 -5.73
N THR B 344 23.89 14.18 -5.00
CA THR B 344 23.42 15.28 -4.17
C THR B 344 23.33 16.61 -4.90
N TYR B 345 24.30 16.93 -5.76
CA TYR B 345 24.38 18.26 -6.33
C TYR B 345 24.20 18.29 -7.85
N ALA B 346 24.10 17.14 -8.49
CA ALA B 346 23.64 17.06 -9.87
C ALA B 346 22.18 16.67 -9.99
N LEU B 347 21.65 15.93 -9.00
CA LEU B 347 20.27 15.46 -9.08
C LEU B 347 19.42 16.04 -7.94
N TYR B 348 19.57 15.52 -6.72
CA TYR B 348 18.58 15.79 -5.68
C TYR B 348 18.58 17.26 -5.26
N GLY B 349 19.76 17.86 -5.07
CA GLY B 349 19.84 19.24 -4.66
C GLY B 349 19.14 20.19 -5.60
N PRO B 350 19.63 20.28 -6.84
CA PRO B 350 19.03 21.25 -7.77
C PRO B 350 17.56 20.98 -8.08
N LEU B 351 17.19 19.70 -8.23
CA LEU B 351 15.81 19.39 -8.60
C LEU B 351 14.84 19.67 -7.46
N LEU B 352 15.26 19.42 -6.22
CA LEU B 352 14.42 19.75 -5.08
C LEU B 352 14.06 21.24 -5.09
N LEU B 353 15.01 22.10 -5.41
CA LEU B 353 14.75 23.54 -5.47
C LEU B 353 14.07 23.95 -6.77
N GLY B 354 13.91 23.03 -7.72
CA GLY B 354 13.18 23.31 -8.94
C GLY B 354 13.95 24.03 -10.02
N VAL B 355 15.28 24.00 -9.97
CA VAL B 355 16.08 24.72 -10.97
C VAL B 355 16.58 23.73 -12.01
N PRO B 356 16.98 24.18 -13.20
CA PRO B 356 17.57 23.26 -14.18
C PRO B 356 18.96 22.82 -13.74
N THR B 357 19.30 21.59 -14.08
CA THR B 357 20.61 21.01 -13.77
C THR B 357 21.22 20.46 -15.06
N ILE B 358 22.51 20.70 -15.25
CA ILE B 358 23.21 20.28 -16.46
C ILE B 358 23.85 18.92 -16.21
N ILE B 359 23.48 17.94 -17.02
CA ILE B 359 23.97 16.56 -16.90
C ILE B 359 24.90 16.30 -18.08
N PHE B 360 26.20 16.17 -17.81
CA PHE B 360 27.22 16.09 -18.86
C PHE B 360 27.75 14.66 -18.95
N GLU B 361 27.58 14.04 -20.12
CA GLU B 361 27.93 12.64 -20.30
C GLU B 361 29.41 12.41 -20.62
N GLY B 362 30.08 13.40 -21.18
CA GLY B 362 31.40 13.23 -21.76
C GLY B 362 32.54 13.62 -20.83
N THR B 363 33.63 14.08 -21.43
CA THR B 363 34.84 14.45 -20.71
C THR B 363 35.14 15.92 -20.95
N PRO B 364 35.99 16.53 -20.13
CA PRO B 364 36.32 17.95 -20.34
C PRO B 364 37.14 18.23 -21.59
N ALA B 365 37.60 17.20 -22.31
CA ALA B 365 38.49 17.40 -23.45
C ALA B 365 37.83 17.07 -24.79
N TYR B 366 36.66 16.44 -24.80
CA TYR B 366 36.04 16.02 -26.05
C TYR B 366 34.81 16.87 -26.34
N PRO B 367 34.66 17.40 -27.55
CA PRO B 367 35.57 17.27 -28.71
C PRO B 367 36.84 18.11 -28.54
N ASP B 368 36.85 19.10 -27.64
CA ASP B 368 38.04 19.89 -27.40
C ASP B 368 38.05 20.31 -25.93
N TYR B 369 39.17 20.90 -25.50
CA TYR B 369 39.37 21.28 -24.11
C TYR B 369 38.60 22.54 -23.71
N GLY B 370 37.69 23.01 -24.55
CA GLY B 370 36.77 24.08 -24.20
C GLY B 370 35.37 23.63 -23.90
N ARG B 371 35.14 22.33 -23.69
CA ARG B 371 33.77 21.81 -23.58
C ARG B 371 33.05 22.39 -22.38
N PHE B 372 33.68 22.30 -21.19
CA PHE B 372 33.07 22.86 -19.98
C PHE B 372 32.59 24.29 -20.23
N TRP B 373 33.44 25.11 -20.84
CA TRP B 373 33.15 26.52 -21.00
C TRP B 373 32.14 26.77 -22.11
N GLN B 374 32.18 25.96 -23.16
CA GLN B 374 31.16 26.03 -24.20
C GLN B 374 29.79 25.69 -23.65
N ILE B 375 29.72 24.75 -22.70
CA ILE B 375 28.46 24.40 -22.08
C ILE B 375 27.93 25.57 -21.25
N VAL B 376 28.80 26.15 -20.42
CA VAL B 376 28.38 27.27 -19.58
C VAL B 376 27.84 28.40 -20.44
N GLU B 377 28.55 28.72 -21.54
CA GLU B 377 28.08 29.75 -22.45
C GLU B 377 26.76 29.35 -23.09
N LYS B 378 26.67 28.11 -23.55
CA LYS B 378 25.48 27.65 -24.28
C LYS B 378 24.22 27.82 -23.43
N HIS B 379 24.31 27.51 -22.14
CA HIS B 379 23.14 27.51 -21.27
C HIS B 379 23.17 28.61 -20.22
N LYS B 380 24.12 29.55 -20.30
CA LYS B 380 24.17 30.67 -19.37
C LYS B 380 24.10 30.17 -17.92
N ALA B 381 24.86 29.12 -17.63
CA ALA B 381 24.90 28.58 -16.28
C ALA B 381 25.41 29.63 -15.30
N THR B 382 24.82 29.66 -14.11
CA THR B 382 25.18 30.60 -13.07
C THR B 382 26.03 29.98 -11.97
N HIS B 383 26.08 28.65 -11.89
CA HIS B 383 26.81 27.94 -10.84
C HIS B 383 27.59 26.82 -11.49
N PHE B 384 28.86 26.69 -11.12
CA PHE B 384 29.75 25.67 -11.66
C PHE B 384 30.41 24.92 -10.51
N TYR B 385 30.32 23.59 -10.55
CA TYR B 385 30.79 22.73 -9.47
C TYR B 385 31.63 21.62 -10.06
N VAL B 386 32.92 21.58 -9.70
CA VAL B 386 33.87 20.69 -10.36
C VAL B 386 34.91 20.22 -9.36
N ALA B 387 35.62 19.15 -9.72
CA ALA B 387 36.68 18.60 -8.88
C ALA B 387 38.02 19.24 -9.24
N PRO B 388 38.91 19.47 -8.26
CA PRO B 388 40.21 20.08 -8.59
C PRO B 388 41.00 19.31 -9.63
N THR B 389 40.86 17.98 -9.68
CA THR B 389 41.56 17.20 -10.69
C THR B 389 41.26 17.69 -12.09
N ALA B 390 40.00 18.04 -12.36
CA ALA B 390 39.63 18.56 -13.67
C ALA B 390 40.26 19.94 -13.91
N LEU B 391 40.28 20.79 -12.88
CA LEU B 391 40.92 22.10 -13.03
C LEU B 391 42.40 21.96 -13.34
N ARG B 392 43.09 21.05 -12.65
CA ARG B 392 44.51 20.85 -12.91
C ARG B 392 44.76 20.38 -14.33
N LEU B 393 43.89 19.51 -14.86
CA LEU B 393 44.04 19.05 -16.23
C LEU B 393 43.81 20.18 -17.22
N LEU B 394 42.74 20.95 -17.01
CA LEU B 394 42.45 22.05 -17.93
C LEU B 394 43.52 23.15 -17.86
N ARG B 395 44.09 23.37 -16.67
CA ARG B 395 45.17 24.34 -16.56
C ARG B 395 46.39 23.89 -17.35
N LYS B 396 46.64 22.59 -17.42
CA LYS B 396 47.82 22.09 -18.12
C LYS B 396 47.61 22.10 -19.64
N ALA B 397 46.42 21.73 -20.11
CA ALA B 397 46.21 21.45 -21.52
C ALA B 397 45.24 22.39 -22.22
N GLY B 398 44.46 23.19 -21.50
CA GLY B 398 43.42 23.97 -22.15
C GLY B 398 43.19 25.36 -21.59
N GLU B 399 44.21 25.94 -20.95
CA GLU B 399 44.02 27.25 -20.32
C GLU B 399 43.59 28.30 -21.33
N GLN B 400 44.16 28.25 -22.54
CA GLN B 400 43.83 29.27 -23.55
C GLN B 400 42.40 29.18 -24.04
N GLU B 401 41.73 28.04 -23.85
CA GLU B 401 40.38 27.90 -24.36
C GLU B 401 39.36 28.64 -23.52
N ILE B 402 39.68 28.92 -22.26
CA ILE B 402 38.70 29.54 -21.36
C ILE B 402 38.29 30.91 -21.88
N ALA B 403 39.27 31.70 -22.33
CA ALA B 403 39.02 33.08 -22.73
C ALA B 403 38.19 33.20 -24.00
N LYS B 404 37.96 32.11 -24.72
CA LYS B 404 37.19 32.16 -25.96
C LYS B 404 35.70 32.23 -25.72
N TYR B 405 35.23 31.96 -24.50
CA TYR B 405 33.82 31.82 -24.21
C TYR B 405 33.40 32.91 -23.23
N ASP B 406 32.10 33.20 -23.23
CA ASP B 406 31.56 34.30 -22.43
C ASP B 406 31.83 34.10 -20.94
N LEU B 407 31.15 33.15 -20.31
CA LEU B 407 31.34 32.78 -18.91
C LEU B 407 30.92 33.85 -17.92
N SER B 408 30.36 34.98 -18.38
CA SER B 408 29.98 36.05 -17.47
C SER B 408 28.66 35.78 -16.73
N SER B 409 27.96 34.68 -17.05
CA SER B 409 26.75 34.35 -16.30
C SER B 409 27.07 33.69 -14.96
N LEU B 410 28.30 33.24 -14.75
CA LEU B 410 28.67 32.58 -13.51
C LEU B 410 28.83 33.60 -12.38
N ARG B 411 28.49 33.16 -11.18
CA ARG B 411 28.83 33.91 -9.96
C ARG B 411 29.32 33.02 -8.83
N THR B 412 29.07 31.71 -8.86
CA THR B 412 29.52 30.79 -7.84
C THR B 412 30.33 29.68 -8.49
N LEU B 413 31.53 29.45 -7.98
CA LEU B 413 32.43 28.41 -8.47
C LEU B 413 32.73 27.47 -7.30
N GLY B 414 32.40 26.19 -7.47
CA GLY B 414 32.55 25.21 -6.42
C GLY B 414 33.68 24.24 -6.70
N SER B 415 34.29 23.76 -5.63
CA SER B 415 35.35 22.74 -5.68
C SER B 415 34.97 21.63 -4.73
N VAL B 416 35.22 20.38 -5.13
CA VAL B 416 34.73 19.22 -4.40
C VAL B 416 35.65 18.03 -4.60
N GLY B 417 35.74 17.19 -3.57
CA GLY B 417 36.31 15.87 -3.66
C GLY B 417 37.69 15.74 -3.07
N GLU B 418 38.42 16.84 -2.93
CA GLU B 418 39.82 16.81 -2.55
C GLU B 418 40.26 18.23 -2.26
N PRO B 419 41.35 18.41 -1.52
CA PRO B 419 41.79 19.77 -1.19
C PRO B 419 42.17 20.53 -2.45
N ILE B 420 41.93 21.84 -2.42
CA ILE B 420 42.22 22.73 -3.54
C ILE B 420 43.38 23.63 -3.12
N SER B 421 44.50 23.54 -3.83
CA SER B 421 45.67 24.32 -3.48
C SER B 421 45.37 25.82 -3.62
N PRO B 422 46.03 26.66 -2.82
CA PRO B 422 45.93 28.10 -3.06
C PRO B 422 46.28 28.48 -4.49
N ASP B 423 47.18 27.74 -5.15
CA ASP B 423 47.48 28.00 -6.55
C ASP B 423 46.24 27.74 -7.42
N ILE B 424 45.64 26.56 -7.29
CA ILE B 424 44.47 26.24 -8.09
C ILE B 424 43.33 27.17 -7.74
N TRP B 425 43.21 27.55 -6.47
CA TRP B 425 42.18 28.50 -6.07
C TRP B 425 42.33 29.81 -6.83
N GLU B 426 43.55 30.33 -6.90
CA GLU B 426 43.79 31.59 -7.61
C GLU B 426 43.61 31.41 -9.11
N TRP B 427 44.09 30.31 -9.67
CA TRP B 427 43.87 30.02 -11.08
C TRP B 427 42.39 29.88 -11.36
N TYR B 428 41.71 29.09 -10.54
CA TYR B 428 40.25 28.97 -10.63
C TYR B 428 39.60 30.34 -10.56
N ASN B 429 40.03 31.17 -9.61
CA ASN B 429 39.41 32.47 -9.42
C ASN B 429 39.67 33.39 -10.61
N GLU B 430 40.89 33.40 -11.13
CA GLU B 430 41.27 34.37 -12.14
C GLU B 430 40.79 33.96 -13.52
N PHE B 431 41.13 32.75 -13.95
CA PHE B 431 40.89 32.38 -15.35
C PHE B 431 39.45 31.94 -15.59
N VAL B 432 38.80 31.31 -14.63
CA VAL B 432 37.40 30.94 -14.80
C VAL B 432 36.47 32.02 -14.24
N GLY B 433 36.74 32.49 -13.02
CA GLY B 433 35.88 33.50 -12.45
C GLY B 433 36.16 34.91 -12.90
N LYS B 434 37.26 35.14 -13.62
CA LYS B 434 37.69 36.47 -14.03
C LYS B 434 37.77 37.41 -12.82
N ASN B 435 38.00 36.83 -11.64
CA ASN B 435 38.09 37.59 -10.39
C ASN B 435 36.77 38.28 -10.04
N GLN B 436 35.65 37.68 -10.46
CA GLN B 436 34.34 38.27 -10.23
C GLN B 436 33.35 37.32 -9.55
N CYS B 437 33.77 36.10 -9.21
CA CYS B 437 32.87 35.10 -8.66
C CYS B 437 33.27 34.74 -7.24
N HIS B 438 32.31 34.15 -6.53
CA HIS B 438 32.57 33.55 -5.22
C HIS B 438 32.98 32.09 -5.42
N ILE B 439 33.97 31.66 -4.65
CA ILE B 439 34.49 30.30 -4.73
C ILE B 439 34.12 29.57 -3.45
N SER B 440 33.52 28.39 -3.59
CA SER B 440 33.09 27.57 -2.46
C SER B 440 33.83 26.24 -2.52
N ASP B 441 34.90 26.13 -1.74
CA ASP B 441 35.61 24.86 -1.57
C ASP B 441 34.84 24.03 -0.53
N THR B 442 34.13 23.01 -0.99
CA THR B 442 33.21 22.25 -0.16
C THR B 442 33.85 20.96 0.33
N TYR B 443 34.01 20.84 1.64
CA TYR B 443 34.46 19.60 2.27
C TYR B 443 33.25 18.79 2.72
N TRP B 444 33.24 17.51 2.37
CA TRP B 444 32.21 16.57 2.78
C TRP B 444 32.63 15.19 2.29
N GLN B 445 31.77 14.20 2.50
CA GLN B 445 32.09 12.84 2.10
C GLN B 445 30.80 12.08 1.86
N THR B 446 30.94 10.88 1.27
CA THR B 446 29.77 10.09 0.91
C THR B 446 28.83 9.90 2.09
N GLU B 447 29.38 9.66 3.29
CA GLU B 447 28.56 9.33 4.44
C GLU B 447 27.87 10.54 5.07
N SER B 448 28.29 11.76 4.72
CA SER B 448 27.65 12.94 5.27
C SER B 448 26.44 13.37 4.47
N GLY B 449 26.29 12.85 3.24
CA GLY B 449 25.15 13.20 2.41
C GLY B 449 25.26 14.54 1.72
N SER B 450 25.70 15.56 2.46
CA SER B 450 25.81 16.91 1.90
C SER B 450 26.96 17.63 2.59
N HIS B 451 27.10 18.91 2.29
CA HIS B 451 28.26 19.68 2.72
C HIS B 451 28.37 19.72 4.24
N LEU B 452 29.61 19.63 4.72
CA LEU B 452 29.95 19.75 6.14
C LEU B 452 30.63 21.07 6.46
N ILE B 453 31.65 21.44 5.68
CA ILE B 453 32.39 22.70 5.86
C ILE B 453 32.51 23.35 4.49
N ALA B 454 32.03 24.59 4.37
CA ALA B 454 32.08 25.28 3.09
C ALA B 454 31.78 26.77 3.23
N PRO B 455 32.34 27.62 2.37
CA PRO B 455 32.03 29.06 2.43
C PRO B 455 30.71 29.36 1.73
N LEU B 456 29.76 29.91 2.48
CA LEU B 456 28.48 30.28 1.88
C LEU B 456 28.67 31.41 0.88
N ALA B 457 28.12 31.24 -0.32
CA ALA B 457 28.32 32.21 -1.38
C ALA B 457 27.72 33.55 -1.01
N GLY B 458 28.52 34.61 -1.13
CA GLY B 458 28.08 35.96 -0.82
C GLY B 458 27.97 36.28 0.66
N VAL B 459 28.46 35.41 1.53
CA VAL B 459 28.29 35.59 2.97
C VAL B 459 29.63 35.44 3.67
N VAL B 460 30.31 34.32 3.44
CA VAL B 460 31.54 33.97 4.14
C VAL B 460 32.72 34.41 3.28
N PRO B 461 33.59 35.30 3.77
CA PRO B 461 34.84 35.58 3.05
C PRO B 461 35.74 34.35 3.01
N ASN B 462 36.54 34.26 1.96
CA ASN B 462 37.35 33.07 1.71
C ASN B 462 38.78 33.24 2.19
N LYS B 463 39.37 32.13 2.62
CA LYS B 463 40.81 31.99 2.75
C LYS B 463 41.25 30.90 1.78
N PRO B 464 42.01 31.22 0.71
CA PRO B 464 42.31 30.19 -0.29
C PRO B 464 42.94 28.95 0.32
N GLY B 465 42.31 27.80 0.08
CA GLY B 465 42.74 26.53 0.63
C GLY B 465 41.99 26.09 1.88
N SER B 466 41.05 26.90 2.37
CA SER B 466 40.29 26.60 3.57
C SER B 466 38.80 26.45 3.24
N ALA B 467 38.16 25.45 3.84
CA ALA B 467 36.72 25.29 3.68
C ALA B 467 35.92 26.26 4.52
N SER B 468 36.57 26.95 5.46
CA SER B 468 35.93 27.98 6.29
C SER B 468 35.03 27.37 7.35
N TYR B 469 33.75 27.84 7.46
CA TYR B 469 32.96 27.54 8.64
C TYR B 469 32.13 26.27 8.45
N PRO B 470 31.83 25.56 9.55
CA PRO B 470 30.89 24.45 9.47
C PRO B 470 29.49 24.93 9.10
N PHE B 471 28.75 24.06 8.41
CA PHE B 471 27.42 24.38 7.91
C PHE B 471 26.37 24.10 8.98
N PHE B 472 25.16 24.61 8.73
CA PHE B 472 24.02 24.40 9.62
C PHE B 472 23.93 22.95 10.09
N GLY B 473 23.82 22.76 11.40
CA GLY B 473 23.68 21.43 11.95
C GLY B 473 24.96 20.65 12.09
N ILE B 474 26.09 21.18 11.63
CA ILE B 474 27.38 20.52 11.77
C ILE B 474 28.14 21.22 12.88
N ASP B 475 28.30 20.54 14.01
CA ASP B 475 29.09 21.03 15.14
C ASP B 475 30.48 20.40 15.03
N ALA B 476 31.36 21.04 14.27
CA ALA B 476 32.66 20.46 14.00
C ALA B 476 33.58 20.59 15.21
N ALA B 477 34.52 19.66 15.33
CA ALA B 477 35.45 19.65 16.44
C ALA B 477 36.75 19.02 16.00
N LEU B 478 37.81 19.28 16.76
CA LEU B 478 39.10 18.65 16.58
C LEU B 478 39.37 17.78 17.80
N ILE B 479 39.74 16.53 17.57
CA ILE B 479 40.00 15.56 18.63
C ILE B 479 41.48 15.18 18.58
N ASP B 480 42.11 15.16 19.73
CA ASP B 480 43.50 14.72 19.81
C ASP B 480 43.52 13.21 19.56
N PRO B 481 44.13 12.74 18.48
CA PRO B 481 44.05 11.30 18.16
C PRO B 481 44.62 10.40 19.24
N VAL B 482 45.54 10.89 20.06
CA VAL B 482 46.19 10.04 21.06
C VAL B 482 45.29 9.84 22.26
N THR B 483 44.57 10.89 22.67
CA THR B 483 43.73 10.84 23.86
C THR B 483 42.24 10.81 23.56
N GLY B 484 41.84 11.05 22.31
CA GLY B 484 40.42 11.10 22.02
C GLY B 484 39.69 12.22 22.72
N VAL B 485 40.41 13.24 23.16
CA VAL B 485 39.83 14.36 23.90
C VAL B 485 39.74 15.56 22.98
N GLU B 486 38.59 16.23 23.00
CA GLU B 486 38.34 17.38 22.14
C GLU B 486 39.30 18.51 22.47
N ILE B 487 39.82 19.16 21.43
CA ILE B 487 40.78 20.25 21.57
C ILE B 487 40.02 21.56 21.67
N GLU B 488 40.17 22.25 22.80
CA GLU B 488 39.58 23.56 22.97
C GLU B 488 40.48 24.61 22.34
N GLY B 489 39.88 25.71 21.92
CA GLY B 489 40.64 26.84 21.41
C GLY B 489 41.08 26.65 19.96
N ASN B 490 41.50 27.76 19.36
CA ASN B 490 41.88 27.83 17.96
C ASN B 490 43.39 27.67 17.83
N ASP B 491 43.90 27.82 16.61
CA ASP B 491 45.30 27.54 16.30
C ASP B 491 45.66 26.11 16.71
N ALA B 492 44.81 25.17 16.31
CA ALA B 492 44.91 23.79 16.75
C ALA B 492 44.80 22.85 15.56
N GLU B 493 45.26 21.62 15.76
CA GLU B 493 45.22 20.59 14.74
C GLU B 493 44.84 19.27 15.39
N GLY B 494 44.14 18.43 14.62
CA GLY B 494 43.78 17.11 15.11
C GLY B 494 42.86 16.40 14.14
N VAL B 495 42.26 15.34 14.66
CA VAL B 495 41.27 14.56 13.91
C VAL B 495 39.97 15.33 13.84
N LEU B 496 39.40 15.44 12.64
CA LEU B 496 38.14 16.13 12.44
C LEU B 496 36.99 15.21 12.83
N ALA B 497 36.17 15.67 13.77
CA ALA B 497 35.04 14.91 14.28
C ALA B 497 33.88 15.87 14.48
N ILE B 498 32.66 15.35 14.43
CA ILE B 498 31.45 16.13 14.58
C ILE B 498 30.71 15.61 15.81
N LYS B 499 30.16 16.52 16.60
CA LYS B 499 29.70 16.22 17.95
C LYS B 499 28.24 15.75 18.05
N ASP B 500 27.44 15.88 17.01
CA ASP B 500 26.09 15.36 16.99
C ASP B 500 25.74 15.03 15.55
N HIS B 501 24.75 14.15 15.38
CA HIS B 501 24.36 13.75 14.04
C HIS B 501 23.52 14.84 13.39
N TRP B 502 23.38 14.74 12.07
CA TRP B 502 22.74 15.77 11.26
C TRP B 502 21.77 15.11 10.30
N PRO B 503 20.83 15.89 9.74
CA PRO B 503 19.76 15.28 8.95
C PRO B 503 20.23 14.34 7.85
N SER B 504 21.24 14.72 7.06
CA SER B 504 21.64 13.94 5.91
C SER B 504 22.71 12.91 6.22
N MET B 505 23.01 12.67 7.50
CA MET B 505 24.02 11.69 7.85
C MET B 505 23.56 10.29 7.49
N ALA B 506 24.46 9.52 6.89
CA ALA B 506 24.17 8.12 6.57
C ALA B 506 23.76 7.36 7.83
N ARG B 507 22.83 6.43 7.66
CA ARG B 507 22.21 5.78 8.81
C ARG B 507 22.77 4.40 9.12
N THR B 508 23.41 3.74 8.16
CA THR B 508 23.94 2.40 8.39
C THR B 508 24.78 1.99 7.19
N VAL B 509 25.38 0.81 7.30
CA VAL B 509 25.98 0.11 6.16
C VAL B 509 25.11 -1.11 5.89
N TYR B 510 24.69 -1.27 4.65
CA TYR B 510 23.61 -2.20 4.31
C TYR B 510 23.88 -3.59 4.86
N LYS B 511 22.98 -4.05 5.74
CA LYS B 511 23.06 -5.37 6.36
C LYS B 511 24.39 -5.59 7.05
N ASN B 512 25.06 -4.52 7.45
CA ASN B 512 26.30 -4.61 8.21
C ASN B 512 26.42 -3.37 9.10
N HIS B 513 25.43 -3.19 9.98
CA HIS B 513 25.47 -2.05 10.90
C HIS B 513 26.68 -2.12 11.81
N THR B 514 27.22 -3.32 12.04
CA THR B 514 28.38 -3.43 12.91
C THR B 514 29.59 -2.71 12.32
N LYS B 515 29.83 -2.87 11.01
CA LYS B 515 30.89 -2.12 10.36
C LYS B 515 30.62 -0.62 10.40
N TYR B 516 29.35 -0.23 10.20
CA TYR B 516 28.99 1.17 10.31
C TYR B 516 29.47 1.72 11.64
N MET B 517 29.11 1.05 12.74
CA MET B 517 29.51 1.54 14.06
C MET B 517 31.03 1.54 14.21
N ASP B 518 31.69 0.44 13.83
CA ASP B 518 33.13 0.36 14.04
C ASP B 518 33.89 1.41 13.25
N THR B 519 33.32 1.93 12.16
CA THR B 519 34.03 2.88 11.33
C THR B 519 33.84 4.33 11.81
N TYR B 520 32.62 4.70 12.21
CA TYR B 520 32.28 6.10 12.44
C TYR B 520 32.00 6.46 13.88
N MET B 521 31.35 5.58 14.65
CA MET B 521 30.86 5.94 15.98
C MET B 521 31.73 5.41 17.12
N ASN B 522 32.42 4.29 16.91
CA ASN B 522 33.18 3.63 17.97
C ASN B 522 34.59 4.16 18.13
N PRO B 523 35.27 4.57 17.06
CA PRO B 523 36.64 5.09 17.24
C PRO B 523 36.70 6.20 18.28
N TYR B 524 35.73 7.11 18.27
CA TYR B 524 35.63 8.19 19.24
C TYR B 524 34.19 8.26 19.73
N PRO B 525 33.84 7.49 20.76
CA PRO B 525 32.43 7.41 21.18
C PRO B 525 31.86 8.79 21.48
N GLY B 526 30.62 9.01 21.03
CA GLY B 526 29.96 10.29 21.15
C GLY B 526 30.19 11.22 19.99
N TYR B 527 31.15 10.91 19.12
CA TYR B 527 31.47 11.73 17.96
C TYR B 527 31.30 10.91 16.69
N TYR B 528 31.23 11.61 15.56
CA TYR B 528 31.33 10.99 14.25
C TYR B 528 32.74 11.21 13.73
N PHE B 529 33.40 10.13 13.30
CA PHE B 529 34.79 10.16 12.88
C PHE B 529 34.85 10.25 11.36
N THR B 530 35.35 11.39 10.86
CA THR B 530 35.39 11.63 9.42
C THR B 530 36.47 10.85 8.71
N GLY B 531 37.45 10.34 9.45
CA GLY B 531 38.63 9.77 8.84
C GLY B 531 39.63 10.79 8.33
N ASP B 532 39.39 12.08 8.57
CA ASP B 532 40.23 13.15 8.07
C ASP B 532 40.85 13.93 9.22
N GLY B 533 42.02 14.47 8.97
CA GLY B 533 42.64 15.42 9.88
C GLY B 533 42.49 16.84 9.34
N ALA B 534 42.38 17.79 10.27
CA ALA B 534 42.17 19.18 9.89
C ALA B 534 42.77 20.09 10.95
N ALA B 535 42.77 21.39 10.65
CA ALA B 535 43.28 22.42 11.54
C ALA B 535 42.29 23.57 11.60
N ARG B 536 42.25 24.26 12.73
CA ARG B 536 41.36 25.39 12.97
C ARG B 536 42.19 26.60 13.37
N ASP B 537 42.08 27.68 12.59
CA ASP B 537 42.88 28.87 12.83
C ASP B 537 42.14 29.85 13.74
N HIS B 538 42.76 30.99 14.00
CA HIS B 538 42.23 31.95 14.97
C HIS B 538 40.89 32.56 14.59
N ASP B 539 40.46 32.44 13.33
CA ASP B 539 39.17 32.96 12.90
C ASP B 539 38.09 31.88 12.84
N GLY B 540 38.41 30.66 13.24
CA GLY B 540 37.49 29.55 13.15
C GLY B 540 37.45 28.82 11.83
N TYR B 541 38.26 29.24 10.85
CA TYR B 541 38.28 28.58 9.56
C TYR B 541 38.97 27.21 9.68
N TYR B 542 38.41 26.21 9.01
CA TYR B 542 38.95 24.86 9.03
C TYR B 542 39.79 24.60 7.78
N TRP B 543 40.95 23.97 7.98
CA TRP B 543 41.86 23.60 6.91
C TRP B 543 41.96 22.08 6.88
N ILE B 544 41.44 21.46 5.82
CA ILE B 544 41.47 20.01 5.71
C ILE B 544 42.88 19.55 5.38
N ARG B 545 43.40 18.61 6.18
CA ARG B 545 44.76 18.13 5.99
C ARG B 545 44.85 16.70 5.45
N GLY B 546 43.73 16.02 5.24
CA GLY B 546 43.73 14.75 4.55
C GLY B 546 43.49 13.56 5.45
N ARG B 547 43.40 12.39 4.81
CA ARG B 547 43.02 11.17 5.49
C ARG B 547 44.10 10.70 6.45
N VAL B 548 43.66 10.07 7.54
CA VAL B 548 44.55 9.43 8.49
C VAL B 548 44.56 7.90 8.33
N ASP B 549 43.52 7.32 7.73
CA ASP B 549 43.48 5.90 7.45
C ASP B 549 44.18 5.61 6.12
N ASP B 550 44.08 4.37 5.65
CA ASP B 550 44.79 3.92 4.45
C ASP B 550 43.87 3.93 3.22
N VAL B 551 43.21 5.05 2.99
CA VAL B 551 42.35 5.25 1.82
C VAL B 551 42.98 6.34 0.98
N VAL B 552 43.06 6.11 -0.33
CA VAL B 552 43.71 7.03 -1.25
C VAL B 552 42.65 7.67 -2.13
N ASN B 553 42.72 8.99 -2.29
CA ASN B 553 41.81 9.74 -3.13
C ASN B 553 42.55 10.08 -4.42
N VAL B 554 42.34 9.25 -5.44
CA VAL B 554 42.94 9.46 -6.76
C VAL B 554 41.89 10.12 -7.64
N SER B 555 42.17 11.34 -8.10
CA SER B 555 41.25 12.08 -8.95
C SER B 555 39.87 12.23 -8.31
N GLY B 556 39.81 12.30 -6.99
CA GLY B 556 38.55 12.43 -6.30
C GLY B 556 37.86 11.12 -5.97
N HIS B 557 38.41 9.98 -6.37
CA HIS B 557 37.78 8.69 -6.15
C HIS B 557 38.40 8.09 -4.90
N ARG B 558 37.57 7.74 -3.92
CA ARG B 558 38.07 7.11 -2.71
C ARG B 558 38.40 5.65 -3.03
N LEU B 559 39.68 5.30 -2.95
CA LEU B 559 40.13 3.94 -3.20
C LEU B 559 40.67 3.33 -1.93
N SER B 560 40.67 2.00 -1.90
CA SER B 560 41.21 1.22 -0.80
C SER B 560 42.50 0.57 -1.29
N THR B 561 43.64 1.00 -0.74
CA THR B 561 44.90 0.36 -1.10
C THR B 561 44.88 -1.12 -0.76
N ALA B 562 44.11 -1.52 0.25
CA ALA B 562 43.95 -2.94 0.55
C ALA B 562 43.22 -3.64 -0.58
N GLU B 563 42.27 -2.96 -1.24
CA GLU B 563 41.54 -3.58 -2.33
C GLU B 563 42.44 -3.78 -3.56
N ILE B 564 43.36 -2.84 -3.80
CA ILE B 564 44.27 -2.98 -4.94
C ILE B 564 45.27 -4.11 -4.68
N GLU B 565 45.80 -4.17 -3.45
CA GLU B 565 46.70 -5.26 -3.10
C GLU B 565 46.01 -6.62 -3.24
N ALA B 566 44.75 -6.71 -2.80
CA ALA B 566 44.03 -7.97 -2.85
C ALA B 566 43.83 -8.43 -4.29
N ALA B 567 43.54 -7.50 -5.20
CA ALA B 567 43.37 -7.88 -6.60
C ALA B 567 44.66 -8.44 -7.18
N LEU B 568 45.80 -7.83 -6.83
CA LEU B 568 47.08 -8.28 -7.37
C LEU B 568 47.39 -9.72 -6.93
N ILE B 569 47.07 -10.07 -5.68
CA ILE B 569 47.39 -11.40 -5.19
C ILE B 569 46.49 -12.45 -5.83
N GLU B 570 45.25 -12.10 -6.17
CA GLU B 570 44.34 -13.05 -6.81
C GLU B 570 44.95 -13.64 -8.07
N ASP B 571 45.78 -12.87 -8.78
CA ASP B 571 46.47 -13.38 -9.97
C ASP B 571 47.27 -14.63 -9.63
N LYS B 572 47.11 -15.66 -10.47
CA LYS B 572 47.76 -16.93 -10.18
C LYS B 572 49.28 -16.79 -10.22
N LYS B 573 49.79 -15.83 -11.00
CA LYS B 573 51.23 -15.59 -11.06
C LYS B 573 51.74 -14.87 -9.82
N VAL B 574 50.97 -13.92 -9.30
CA VAL B 574 51.43 -13.05 -8.22
C VAL B 574 51.29 -13.75 -6.89
N SER B 575 52.29 -13.56 -6.03
CA SER B 575 52.26 -14.05 -4.66
C SER B 575 52.32 -12.87 -3.69
N HIS B 583 52.58 10.96 -5.00
CA HIS B 583 51.98 12.24 -5.35
C HIS B 583 51.94 12.41 -6.87
N ASP B 584 50.81 12.89 -7.38
CA ASP B 584 50.65 13.16 -8.80
C ASP B 584 50.12 14.58 -8.97
N ASP B 585 50.73 15.32 -9.91
CA ASP B 585 50.41 16.72 -10.13
C ASP B 585 49.12 16.93 -10.92
N ILE B 586 48.46 15.87 -11.35
CA ILE B 586 47.18 15.97 -12.05
C ILE B 586 46.08 15.20 -11.31
N THR B 587 46.38 13.98 -10.86
CA THR B 587 45.43 13.16 -10.13
C THR B 587 45.51 13.36 -8.62
N GLY B 588 46.41 14.23 -8.15
CA GLY B 588 46.55 14.46 -6.74
C GLY B 588 47.31 13.36 -6.02
N GLN B 589 46.76 12.15 -6.03
CA GLN B 589 47.40 10.98 -5.45
C GLN B 589 47.43 9.86 -6.48
N ALA B 590 48.60 9.27 -6.68
CA ALA B 590 48.74 8.05 -7.46
C ALA B 590 49.00 6.87 -6.54
N VAL B 591 48.68 5.67 -7.03
CA VAL B 591 48.91 4.43 -6.30
C VAL B 591 49.98 3.63 -7.04
N ILE B 592 50.99 3.17 -6.29
CA ILE B 592 52.07 2.35 -6.82
C ILE B 592 52.05 1.02 -6.11
N ALA B 593 51.98 -0.06 -6.89
CA ALA B 593 51.91 -1.42 -6.37
C ALA B 593 53.28 -2.09 -6.39
N TYR B 594 53.62 -2.77 -5.30
CA TYR B 594 54.84 -3.56 -5.22
C TYR B 594 54.44 -5.02 -5.14
N VAL B 595 54.72 -5.77 -6.20
CA VAL B 595 54.28 -7.15 -6.36
C VAL B 595 55.50 -8.05 -6.46
N ALA B 596 55.45 -9.21 -5.81
CA ALA B 596 56.52 -10.20 -5.92
C ALA B 596 55.96 -11.52 -6.44
N LYS B 611 52.30 -5.54 -17.75
CA LYS B 611 51.19 -5.16 -18.61
C LYS B 611 49.92 -5.89 -18.17
N GLU B 612 50.06 -7.18 -17.87
CA GLU B 612 48.90 -7.99 -17.48
C GLU B 612 48.41 -7.64 -16.08
N LEU B 613 49.33 -7.29 -15.17
CA LEU B 613 48.94 -7.07 -13.79
C LEU B 613 48.08 -5.82 -13.63
N VAL B 614 48.35 -4.78 -14.42
CA VAL B 614 47.49 -3.61 -14.40
C VAL B 614 46.10 -3.98 -14.90
N LEU B 615 46.02 -4.78 -15.96
CA LEU B 615 44.72 -5.22 -16.45
C LEU B 615 43.99 -6.09 -15.43
N GLN B 616 44.73 -6.76 -14.54
CA GLN B 616 44.09 -7.57 -13.51
C GLN B 616 43.41 -6.69 -12.46
N VAL B 617 44.01 -5.54 -12.13
CA VAL B 617 43.36 -4.60 -11.21
C VAL B 617 42.17 -3.94 -11.89
N ARG B 618 42.27 -3.74 -13.21
CA ARG B 618 41.17 -3.15 -13.97
C ARG B 618 39.97 -4.09 -14.03
N LYS B 619 40.19 -5.39 -13.84
CA LYS B 619 39.12 -6.39 -13.90
C LYS B 619 38.54 -6.76 -12.54
N THR B 620 39.21 -6.38 -11.45
CA THR B 620 38.71 -6.63 -10.10
C THR B 620 38.09 -5.40 -9.45
N ILE B 621 38.76 -4.25 -9.55
CA ILE B 621 38.30 -2.99 -8.97
C ILE B 621 37.75 -2.05 -10.03
N GLY B 622 38.48 -1.87 -11.14
CA GLY B 622 38.02 -1.03 -12.21
C GLY B 622 39.15 -0.26 -12.86
N PRO B 623 38.98 0.12 -14.14
CA PRO B 623 40.04 0.88 -14.81
C PRO B 623 40.41 2.17 -14.10
N PHE B 624 39.46 2.86 -13.49
CA PHE B 624 39.77 4.11 -12.81
C PHE B 624 40.64 3.87 -11.59
N ALA B 625 40.61 2.68 -11.02
CA ALA B 625 41.39 2.32 -9.84
C ALA B 625 42.69 1.60 -10.21
N ALA B 626 43.03 1.54 -11.50
CA ALA B 626 44.21 0.83 -11.93
C ALA B 626 45.48 1.51 -11.40
N PRO B 627 46.51 0.74 -11.07
CA PRO B 627 47.76 1.35 -10.62
C PRO B 627 48.40 2.18 -11.72
N LYS B 628 48.97 3.32 -11.33
CA LYS B 628 49.73 4.13 -12.28
C LYS B 628 50.83 3.31 -12.92
N SER B 629 51.66 2.67 -12.10
CA SER B 629 52.73 1.79 -12.56
C SER B 629 52.92 0.69 -11.53
N VAL B 630 53.17 -0.52 -12.01
CA VAL B 630 53.37 -1.67 -11.14
C VAL B 630 54.86 -2.00 -11.12
N ILE B 631 55.44 -1.99 -9.92
CA ILE B 631 56.84 -2.32 -9.72
C ILE B 631 56.90 -3.73 -9.17
N ILE B 632 57.53 -4.64 -9.91
CA ILE B 632 57.66 -6.03 -9.52
C ILE B 632 58.97 -6.22 -8.77
N VAL B 633 58.88 -6.69 -7.52
CA VAL B 633 60.04 -6.88 -6.67
C VAL B 633 60.19 -8.37 -6.33
N GLN C 20 -33.08 -8.85 51.66
CA GLN C 20 -31.72 -8.78 52.21
C GLN C 20 -31.07 -10.16 52.26
N THR C 21 -31.89 -11.20 52.11
CA THR C 21 -31.43 -12.58 52.15
C THR C 21 -31.62 -13.20 50.77
N HIS C 22 -30.57 -13.81 50.25
CA HIS C 22 -30.59 -14.42 48.92
C HIS C 22 -31.04 -15.87 49.03
N ASN C 23 -32.06 -16.22 48.24
CA ASN C 23 -32.54 -17.59 48.15
C ASN C 23 -31.95 -18.34 46.97
N VAL C 24 -31.25 -17.65 46.07
CA VAL C 24 -30.60 -18.26 44.92
C VAL C 24 -29.08 -18.13 45.02
N VAL C 25 -28.59 -16.91 45.27
CA VAL C 25 -27.15 -16.66 45.39
C VAL C 25 -26.77 -16.98 46.83
N HIS C 26 -26.47 -18.25 47.11
CA HIS C 26 -26.17 -18.66 48.47
C HIS C 26 -24.80 -18.20 48.93
N GLU C 27 -23.90 -17.87 48.00
CA GLU C 27 -22.61 -17.30 48.40
C GLU C 27 -22.76 -15.89 48.96
N ALA C 28 -23.90 -15.24 48.72
CA ALA C 28 -24.08 -13.83 49.03
C ALA C 28 -24.60 -13.56 50.42
N ASN C 29 -25.12 -14.57 51.12
CA ASN C 29 -25.74 -14.34 52.42
C ASN C 29 -24.69 -14.02 53.48
N GLY C 30 -24.92 -12.93 54.21
CA GLY C 30 -24.04 -12.57 55.31
C GLY C 30 -22.61 -12.28 54.94
N VAL C 31 -22.39 -11.53 53.85
CA VAL C 31 -21.05 -11.18 53.40
C VAL C 31 -20.93 -9.66 53.47
N LYS C 32 -20.17 -9.17 54.45
CA LYS C 32 -20.02 -7.73 54.62
C LYS C 32 -19.13 -7.14 53.53
N LEU C 33 -19.55 -6.00 52.99
CA LEU C 33 -18.71 -5.28 52.03
C LEU C 33 -17.38 -4.91 52.67
N ARG C 34 -16.30 -5.05 51.90
CA ARG C 34 -14.95 -4.80 52.38
C ARG C 34 -14.43 -3.53 51.70
N GLU C 35 -14.49 -2.42 52.42
CA GLU C 35 -13.97 -1.17 51.88
C GLU C 35 -12.46 -1.28 51.67
N THR C 36 -11.96 -0.50 50.72
CA THR C 36 -10.53 -0.54 50.44
C THR C 36 -9.78 0.12 51.59
N PRO C 37 -8.68 -0.47 52.08
CA PRO C 37 -8.01 0.08 53.25
C PRO C 37 -7.51 1.51 53.07
N LYS C 38 -7.30 2.19 54.21
CA LYS C 38 -6.86 3.58 54.16
C LYS C 38 -5.45 3.70 53.60
N GLU C 39 -4.60 2.70 53.83
CA GLU C 39 -3.24 2.74 53.32
C GLU C 39 -3.18 2.77 51.79
N PHE C 40 -4.21 2.26 51.12
CA PHE C 40 -4.24 2.32 49.66
C PHE C 40 -4.13 3.74 49.18
N PHE C 41 -4.87 4.66 49.80
CA PHE C 41 -4.88 6.06 49.34
C PHE C 41 -3.66 6.83 49.81
N GLU C 42 -3.07 6.44 50.94
CA GLU C 42 -1.79 7.02 51.33
C GLU C 42 -0.73 6.73 50.28
N ARG C 43 -0.68 5.49 49.80
CA ARG C 43 0.31 5.07 48.81
C ARG C 43 -0.05 5.50 47.40
N GLN C 44 -1.31 5.84 47.14
CA GLN C 44 -1.70 6.31 45.82
C GLN C 44 -0.91 7.58 45.48
N PRO C 45 -0.20 7.62 44.34
CA PRO C 45 0.67 8.78 44.06
C PRO C 45 -0.07 10.02 43.60
N ASN C 46 -1.29 9.91 43.10
CA ASN C 46 -2.06 11.05 42.66
C ASN C 46 -3.53 10.82 42.99
N LYS C 47 -4.35 11.85 42.77
CA LYS C 47 -5.79 11.69 42.92
C LYS C 47 -6.26 10.55 42.02
N GLY C 48 -7.04 9.64 42.59
CA GLY C 48 -7.49 8.48 41.85
C GLY C 48 -8.20 8.86 40.57
N HIS C 49 -8.25 7.90 39.65
CA HIS C 49 -8.90 8.16 38.37
C HIS C 49 -10.42 8.23 38.49
N ILE C 50 -10.99 7.62 39.53
CA ILE C 50 -12.42 7.67 39.78
C ILE C 50 -12.63 7.92 41.27
N HIS C 51 -13.51 8.87 41.60
CA HIS C 51 -13.70 9.26 42.99
C HIS C 51 -14.31 8.12 43.81
N ASP C 52 -15.50 7.65 43.41
CA ASP C 52 -16.22 6.65 44.17
C ASP C 52 -17.07 5.82 43.23
N VAL C 53 -17.80 4.85 43.81
CA VAL C 53 -18.62 3.95 43.00
C VAL C 53 -19.74 4.70 42.30
N ASN C 54 -20.17 5.84 42.84
CA ASN C 54 -21.23 6.59 42.20
C ASN C 54 -20.76 7.27 40.92
N GLN C 55 -19.53 7.80 40.93
CA GLN C 55 -18.95 8.28 39.67
C GLN C 55 -18.73 7.12 38.70
N TYR C 56 -18.43 5.93 39.22
CA TYR C 56 -18.21 4.77 38.35
C TYR C 56 -19.49 4.40 37.60
N LYS C 57 -20.62 4.29 38.31
CA LYS C 57 -21.86 3.91 37.65
C LYS C 57 -22.28 4.94 36.61
N GLN C 58 -22.03 6.23 36.87
CA GLN C 58 -22.32 7.24 35.85
C GLN C 58 -21.48 7.00 34.60
N MET C 59 -20.17 6.83 34.78
CA MET C 59 -19.30 6.51 33.65
C MET C 59 -19.70 5.19 33.01
N TYR C 60 -20.04 4.19 33.84
CA TYR C 60 -20.43 2.90 33.30
C TYR C 60 -21.70 3.01 32.47
N GLU C 61 -22.71 3.72 32.98
CA GLU C 61 -23.97 3.84 32.24
C GLU C 61 -23.75 4.48 30.89
N GLN C 62 -22.77 5.38 30.76
CA GLN C 62 -22.50 5.97 29.46
C GLN C 62 -21.84 4.96 28.53
N SER C 63 -20.95 4.12 29.05
CA SER C 63 -20.26 3.15 28.21
C SER C 63 -21.21 2.12 27.62
N ILE C 64 -22.39 1.92 28.21
CA ILE C 64 -23.37 1.00 27.65
C ILE C 64 -24.39 1.73 26.77
N LYS C 65 -24.85 2.91 27.21
CA LYS C 65 -25.89 3.62 26.46
C LYS C 65 -25.31 4.46 25.34
N ASP C 66 -24.09 4.97 25.50
CA ASP C 66 -23.46 5.88 24.53
C ASP C 66 -22.01 5.51 24.35
N PRO C 67 -21.73 4.38 23.69
CA PRO C 67 -20.32 4.00 23.47
C PRO C 67 -19.56 5.02 22.65
N GLN C 68 -20.23 5.67 21.69
CA GLN C 68 -19.56 6.62 20.81
C GLN C 68 -19.01 7.79 21.62
N GLY C 69 -19.81 8.32 22.54
CA GLY C 69 -19.37 9.45 23.35
C GLY C 69 -18.43 9.08 24.48
N PHE C 70 -18.41 7.80 24.87
CA PHE C 70 -17.55 7.36 25.97
C PHE C 70 -16.20 6.87 25.48
N PHE C 71 -16.20 5.94 24.52
CA PHE C 71 -14.93 5.35 24.08
C PHE C 71 -14.18 6.23 23.09
N GLY C 72 -14.89 7.08 22.34
CA GLY C 72 -14.25 7.96 21.40
C GLY C 72 -13.14 8.79 22.03
N PRO C 73 -13.49 9.59 23.03
CA PRO C 73 -12.46 10.41 23.71
C PRO C 73 -11.37 9.58 24.37
N LEU C 74 -11.75 8.47 25.01
CA LEU C 74 -10.76 7.64 25.68
C LEU C 74 -9.75 7.05 24.70
N ALA C 75 -10.21 6.68 23.51
CA ALA C 75 -9.29 6.18 22.49
C ALA C 75 -8.32 7.27 22.06
N LYS C 76 -8.80 8.50 21.93
CA LYS C 76 -7.93 9.60 21.56
C LYS C 76 -7.00 10.01 22.71
N GLU C 77 -7.44 9.82 23.95
CA GLU C 77 -6.59 10.17 25.08
C GLU C 77 -5.46 9.16 25.26
N LEU C 78 -5.78 7.88 25.20
CA LEU C 78 -4.84 6.84 25.61
C LEU C 78 -3.99 6.29 24.48
N LEU C 79 -4.41 6.48 23.23
CA LEU C 79 -3.68 5.95 22.09
C LEU C 79 -3.21 7.07 21.19
N SER C 80 -2.08 6.83 20.52
CA SER C 80 -1.53 7.71 19.51
C SER C 80 -1.88 7.15 18.14
N TRP C 81 -2.51 7.98 17.30
CA TRP C 81 -3.02 7.54 16.03
C TRP C 81 -2.21 8.10 14.87
N ASP C 82 -1.94 7.23 13.88
CA ASP C 82 -1.35 7.68 12.63
C ASP C 82 -2.41 8.19 11.65
N HIS C 83 -3.65 7.73 11.80
CA HIS C 83 -4.78 8.22 11.02
C HIS C 83 -6.00 8.18 11.94
N ASP C 84 -6.74 9.29 11.98
CA ASP C 84 -7.90 9.37 12.85
C ASP C 84 -9.00 8.41 12.39
N PHE C 85 -9.75 7.88 13.34
CA PHE C 85 -10.91 7.06 13.04
C PHE C 85 -12.13 7.94 12.81
N HIS C 86 -13.05 7.44 11.98
CA HIS C 86 -14.28 8.16 11.65
C HIS C 86 -15.53 7.56 12.28
N THR C 87 -15.46 6.31 12.76
CA THR C 87 -16.61 5.62 13.34
C THR C 87 -16.13 4.84 14.55
N VAL C 88 -16.78 5.09 15.70
CA VAL C 88 -16.32 4.46 16.94
C VAL C 88 -16.69 2.99 16.97
N LYS C 89 -17.90 2.65 16.51
CA LYS C 89 -18.46 1.33 16.77
C LYS C 89 -19.31 0.88 15.59
N SER C 90 -19.15 -0.38 15.21
CA SER C 90 -19.88 -0.96 14.10
C SER C 90 -20.13 -2.44 14.36
N GLY C 91 -21.14 -2.98 13.70
CA GLY C 91 -21.42 -4.40 13.75
C GLY C 91 -22.26 -4.82 14.94
N THR C 92 -22.64 -6.09 14.94
CA THR C 92 -23.43 -6.70 15.99
C THR C 92 -22.91 -8.11 16.24
N LEU C 93 -23.32 -8.68 17.38
CA LEU C 93 -22.90 -10.02 17.72
C LEU C 93 -23.57 -11.06 16.82
N LYS C 94 -24.86 -10.90 16.57
CA LYS C 94 -25.58 -11.90 15.78
C LYS C 94 -24.99 -12.02 14.38
N ASN C 95 -24.38 -10.96 13.86
CA ASN C 95 -23.76 -11.01 12.54
C ASN C 95 -22.25 -11.22 12.57
N GLY C 96 -21.63 -11.21 13.75
CA GLY C 96 -20.21 -11.45 13.85
C GLY C 96 -19.38 -10.51 13.00
N ASP C 97 -19.69 -9.22 13.04
CA ASP C 97 -19.00 -8.20 12.26
C ASP C 97 -18.65 -6.99 13.12
N ALA C 98 -18.32 -7.23 14.39
CA ALA C 98 -17.97 -6.15 15.29
C ALA C 98 -16.71 -5.44 14.82
N ALA C 99 -16.67 -4.13 15.05
CA ALA C 99 -15.52 -3.32 14.67
C ALA C 99 -15.53 -2.03 15.49
N TRP C 100 -14.33 -1.52 15.76
CA TRP C 100 -14.16 -0.32 16.56
C TRP C 100 -13.14 0.61 15.93
N PHE C 101 -13.41 1.91 15.99
CA PHE C 101 -12.50 2.94 15.50
C PHE C 101 -12.15 2.71 14.04
N LEU C 102 -13.19 2.51 13.24
CA LEU C 102 -13.01 2.18 11.82
C LEU C 102 -12.40 3.36 11.09
N GLY C 103 -11.48 3.05 10.17
CA GLY C 103 -10.72 4.03 9.44
C GLY C 103 -9.45 4.49 10.12
N GLY C 104 -9.29 4.21 11.41
CA GLY C 104 -8.11 4.63 12.11
C GLY C 104 -6.90 3.78 11.80
N GLU C 105 -5.73 4.36 11.99
CA GLU C 105 -4.46 3.67 11.85
C GLU C 105 -3.59 3.94 13.06
N LEU C 106 -2.76 2.97 13.40
CA LEU C 106 -1.85 3.08 14.54
C LEU C 106 -0.84 1.96 14.45
N ASN C 107 0.07 1.90 15.42
CA ASN C 107 1.02 0.81 15.52
C ASN C 107 1.17 0.41 16.99
N ALA C 108 1.14 -0.89 17.25
CA ALA C 108 1.17 -1.35 18.64
C ALA C 108 2.51 -1.05 19.29
N SER C 109 3.61 -1.21 18.55
CA SER C 109 4.91 -0.97 19.13
C SER C 109 5.22 0.52 19.27
N TYR C 110 4.60 1.37 18.45
CA TYR C 110 4.78 2.80 18.65
C TYR C 110 4.15 3.25 19.96
N ASN C 111 2.93 2.77 20.23
CA ASN C 111 2.24 3.18 21.45
C ASN C 111 2.84 2.54 22.69
N CYS C 112 3.51 1.41 22.54
CA CYS C 112 4.08 0.72 23.69
C CYS C 112 5.54 1.07 23.94
N VAL C 113 6.24 1.64 22.95
CA VAL C 113 7.67 1.87 23.09
C VAL C 113 8.04 3.27 22.63
N ASP C 114 7.93 3.52 21.32
CA ASP C 114 8.46 4.74 20.73
C ASP C 114 8.04 5.98 21.50
N ARG C 115 6.73 6.17 21.71
CA ARG C 115 6.26 7.43 22.27
C ARG C 115 6.78 7.64 23.68
N HIS C 116 7.08 6.56 24.40
CA HIS C 116 7.69 6.69 25.72
C HIS C 116 9.20 6.86 25.63
N ALA C 117 9.83 6.20 24.65
CA ALA C 117 11.26 6.37 24.46
C ALA C 117 11.59 7.82 24.12
N PHE C 118 10.78 8.46 23.27
CA PHE C 118 11.00 9.86 22.95
C PHE C 118 10.80 10.74 24.18
N ALA C 119 9.86 10.39 25.06
CA ALA C 119 9.55 11.22 26.20
C ALA C 119 10.58 11.08 27.32
N ASN C 120 10.88 9.84 27.72
CA ASN C 120 11.86 9.57 28.77
C ASN C 120 12.56 8.27 28.45
N PRO C 121 13.60 8.33 27.61
CA PRO C 121 14.25 7.07 27.17
C PRO C 121 14.91 6.30 28.29
N ASP C 122 15.21 6.94 29.43
CA ASP C 122 15.87 6.27 30.54
C ASP C 122 14.89 5.65 31.53
N LYS C 123 13.59 5.83 31.32
CA LYS C 123 12.62 5.22 32.22
C LYS C 123 12.63 3.71 32.06
N PRO C 124 12.60 2.95 33.17
CA PRO C 124 12.57 1.49 33.04
C PRO C 124 11.31 1.02 32.33
N ALA C 125 11.47 0.02 31.46
CA ALA C 125 10.36 -0.59 30.75
C ALA C 125 10.20 -2.06 31.13
N LEU C 126 11.22 -2.88 30.91
CA LEU C 126 11.18 -4.30 31.25
C LEU C 126 12.11 -4.54 32.43
N ILE C 127 11.52 -4.77 33.60
CA ILE C 127 12.27 -5.19 34.78
C ILE C 127 12.32 -6.72 34.71
N CYS C 128 13.43 -7.24 34.20
CA CYS C 128 13.54 -8.66 33.89
C CYS C 128 14.20 -9.38 35.06
N GLU C 129 13.43 -10.24 35.71
CA GLU C 129 13.92 -11.09 36.79
C GLU C 129 14.07 -12.50 36.23
N ALA C 130 15.31 -12.95 36.07
CA ALA C 130 15.60 -14.23 35.45
C ALA C 130 15.34 -15.38 36.42
N ASP C 131 15.32 -16.59 35.86
CA ASP C 131 15.20 -17.78 36.69
C ASP C 131 16.25 -17.77 37.81
N ASP C 132 17.46 -17.35 37.48
CA ASP C 132 18.53 -17.14 38.46
C ASP C 132 18.79 -15.64 38.53
N GLU C 133 18.68 -15.07 39.74
CA GLU C 133 18.70 -13.63 39.87
C GLU C 133 19.99 -13.03 39.33
N LYS C 134 21.07 -13.81 39.27
CA LYS C 134 22.32 -13.25 38.74
C LYS C 134 22.14 -12.73 37.31
N ASP C 135 21.20 -13.29 36.57
CA ASP C 135 20.97 -12.94 35.17
C ASP C 135 19.89 -11.88 34.98
N SER C 136 19.42 -11.26 36.06
CA SER C 136 18.40 -10.24 35.94
C SER C 136 18.98 -8.98 35.31
N HIS C 137 18.10 -8.18 34.71
CA HIS C 137 18.50 -6.95 34.05
C HIS C 137 17.27 -6.10 33.81
N ILE C 138 17.50 -4.84 33.42
CA ILE C 138 16.45 -3.88 33.19
C ILE C 138 16.68 -3.18 31.87
N LEU C 139 15.64 -3.11 31.04
CA LEU C 139 15.68 -2.39 29.78
C LEU C 139 14.89 -1.10 29.93
N THR C 140 15.51 0.02 29.58
CA THR C 140 14.79 1.29 29.54
C THR C 140 13.96 1.35 28.26
N TYR C 141 13.01 2.30 28.22
CA TYR C 141 12.20 2.46 27.03
C TYR C 141 13.07 2.79 25.81
N GLY C 142 14.17 3.51 26.01
CA GLY C 142 15.11 3.70 24.93
C GLY C 142 15.78 2.40 24.51
N ASP C 143 16.21 1.60 25.50
CA ASP C 143 16.80 0.30 25.19
C ASP C 143 15.82 -0.58 24.43
N LEU C 144 14.56 -0.61 24.87
CA LEU C 144 13.57 -1.47 24.22
C LEU C 144 13.37 -1.05 22.77
N LEU C 145 13.34 0.26 22.50
CA LEU C 145 13.15 0.72 21.12
C LEU C 145 14.26 0.21 20.20
N ARG C 146 15.50 0.22 20.69
CA ARG C 146 16.61 -0.23 19.85
C ARG C 146 16.55 -1.73 19.61
N GLU C 147 16.26 -2.50 20.67
CA GLU C 147 16.21 -3.96 20.53
C GLU C 147 15.02 -4.39 19.67
N VAL C 148 13.88 -3.71 19.82
CA VAL C 148 12.74 -4.00 18.96
C VAL C 148 13.07 -3.62 17.52
N SER C 149 13.68 -2.44 17.32
CA SER C 149 14.03 -2.02 15.97
C SER C 149 14.96 -3.01 15.30
N LYS C 150 15.93 -3.55 16.04
CA LYS C 150 16.92 -4.44 15.44
C LYS C 150 16.28 -5.77 15.05
N VAL C 151 15.49 -6.37 15.95
CA VAL C 151 14.79 -7.59 15.60
C VAL C 151 13.82 -7.34 14.45
N ALA C 152 13.09 -6.22 14.51
CA ALA C 152 12.19 -5.88 13.42
C ALA C 152 12.94 -5.75 12.11
N GLY C 153 14.16 -5.22 12.17
CA GLY C 153 14.99 -5.13 10.96
C GLY C 153 15.35 -6.50 10.43
N VAL C 154 15.63 -7.46 11.31
CA VAL C 154 15.94 -8.81 10.87
C VAL C 154 14.75 -9.41 10.12
N LEU C 155 13.57 -9.34 10.72
CA LEU C 155 12.38 -9.91 10.08
C LEU C 155 12.07 -9.21 8.77
N GLN C 156 12.22 -7.89 8.71
CA GLN C 156 11.94 -7.17 7.48
C GLN C 156 12.83 -7.65 6.34
N SER C 157 14.11 -7.86 6.61
CA SER C 157 15.01 -8.36 5.58
C SER C 157 14.69 -9.81 5.20
N TRP C 158 14.06 -10.56 6.08
CA TRP C 158 13.63 -11.92 5.75
C TRP C 158 12.34 -11.94 4.92
N GLY C 159 11.72 -10.79 4.71
CA GLY C 159 10.50 -10.72 3.93
C GLY C 159 9.22 -10.72 4.74
N ILE C 160 9.31 -10.67 6.06
CA ILE C 160 8.12 -10.61 6.90
C ILE C 160 7.45 -9.24 6.74
N LYS C 161 6.22 -9.24 6.30
CA LYS C 161 5.48 -8.01 5.99
C LYS C 161 4.12 -8.08 6.64
N LYS C 162 3.46 -6.93 6.71
CA LYS C 162 2.09 -6.87 7.20
C LYS C 162 1.22 -7.95 6.54
N GLY C 163 0.42 -8.62 7.37
CA GLY C 163 -0.40 -9.73 6.94
C GLY C 163 0.17 -11.10 7.28
N ASP C 164 1.49 -11.19 7.43
CA ASP C 164 2.10 -12.45 7.80
C ASP C 164 1.87 -12.73 9.29
N THR C 165 2.06 -13.99 9.67
CA THR C 165 2.08 -14.39 11.07
C THR C 165 3.48 -14.92 11.41
N VAL C 166 3.93 -14.64 12.63
CA VAL C 166 5.23 -15.09 13.10
C VAL C 166 5.04 -15.77 14.45
N ALA C 167 5.50 -17.01 14.55
CA ALA C 167 5.38 -17.76 15.79
C ALA C 167 6.48 -17.36 16.77
N VAL C 168 6.14 -17.42 18.05
CA VAL C 168 7.09 -17.13 19.13
C VAL C 168 7.00 -18.27 20.12
N TYR C 169 8.13 -18.95 20.35
CA TYR C 169 8.22 -20.06 21.29
C TYR C 169 9.38 -19.72 22.23
N LEU C 170 9.09 -18.93 23.25
CA LEU C 170 10.11 -18.39 24.15
C LEU C 170 9.61 -18.44 25.59
N PRO C 171 10.53 -18.50 26.56
CA PRO C 171 10.12 -18.36 27.96
C PRO C 171 9.65 -16.95 28.28
N MET C 172 9.29 -16.71 29.54
CA MET C 172 8.81 -15.39 29.97
C MET C 172 10.03 -14.55 30.33
N ASN C 173 10.61 -13.90 29.33
CA ASN C 173 11.78 -13.07 29.54
C ASN C 173 11.77 -11.92 28.54
N ALA C 174 12.85 -11.14 28.52
CA ALA C 174 12.88 -9.94 27.69
C ALA C 174 12.69 -10.27 26.23
N GLN C 175 13.29 -11.36 25.75
CA GLN C 175 13.24 -11.67 24.33
C GLN C 175 11.81 -11.89 23.86
N ALA C 176 10.98 -12.53 24.68
CA ALA C 176 9.59 -12.76 24.30
C ALA C 176 8.86 -11.46 24.04
N ILE C 177 9.02 -10.48 24.95
CA ILE C 177 8.37 -9.19 24.77
C ILE C 177 8.93 -8.48 23.54
N ILE C 178 10.25 -8.55 23.35
CA ILE C 178 10.87 -7.89 22.19
C ILE C 178 10.37 -8.54 20.90
N ALA C 179 10.28 -9.86 20.88
CA ALA C 179 9.79 -10.55 19.69
C ALA C 179 8.37 -10.12 19.35
N MET C 180 7.48 -10.11 20.35
CA MET C 180 6.09 -9.72 20.09
C MET C 180 6.02 -8.30 19.54
N LEU C 181 6.73 -7.36 20.19
CA LEU C 181 6.68 -5.98 19.73
C LEU C 181 7.36 -5.80 18.37
N ALA C 182 8.42 -6.57 18.11
CA ALA C 182 9.11 -6.46 16.82
C ALA C 182 8.20 -6.94 15.69
N ILE C 183 7.48 -8.04 15.91
CA ILE C 183 6.52 -8.52 14.93
C ILE C 183 5.44 -7.46 14.70
N ALA C 184 4.89 -6.92 15.79
CA ALA C 184 3.84 -5.92 15.66
C ALA C 184 4.37 -4.65 15.00
N ARG C 185 5.66 -4.37 15.16
CA ARG C 185 6.22 -3.16 14.56
C ARG C 185 6.10 -3.19 13.04
N LEU C 186 6.16 -4.38 12.44
CA LEU C 186 6.08 -4.52 11.00
C LEU C 186 4.65 -4.68 10.49
N GLY C 187 3.67 -4.65 11.38
CA GLY C 187 2.31 -4.92 10.96
C GLY C 187 1.97 -6.39 10.85
N ALA C 188 2.90 -7.29 11.17
CA ALA C 188 2.61 -8.71 11.21
C ALA C 188 1.89 -9.05 12.51
N ALA C 189 1.40 -10.29 12.60
CA ALA C 189 0.66 -10.77 13.76
C ALA C 189 1.47 -11.84 14.45
N HIS C 190 1.76 -11.64 15.74
CA HIS C 190 2.51 -12.64 16.48
C HIS C 190 1.57 -13.72 16.99
N SER C 191 2.10 -14.94 17.07
CA SER C 191 1.39 -16.08 17.63
C SER C 191 2.29 -16.67 18.71
N VAL C 192 2.05 -16.30 19.96
CA VAL C 192 2.88 -16.74 21.07
C VAL C 192 2.45 -18.14 21.48
N ILE C 193 3.40 -19.07 21.48
CA ILE C 193 3.17 -20.45 21.89
C ILE C 193 3.85 -20.66 23.23
N PHE C 194 3.08 -21.04 24.23
CA PHE C 194 3.59 -21.26 25.58
C PHE C 194 4.78 -22.22 25.54
N ALA C 195 5.85 -21.85 26.24
CA ALA C 195 7.09 -22.61 26.19
C ALA C 195 6.94 -24.01 26.77
N GLY C 196 5.84 -24.30 27.48
CA GLY C 196 5.59 -25.61 28.02
C GLY C 196 4.84 -26.56 27.11
N PHE C 197 4.57 -26.17 25.87
CA PHE C 197 3.88 -27.05 24.93
C PHE C 197 4.85 -28.05 24.32
N SER C 198 4.33 -29.21 23.94
CA SER C 198 5.14 -30.25 23.34
C SER C 198 5.41 -29.92 21.88
N ALA C 199 6.21 -30.76 21.23
CA ALA C 199 6.53 -30.55 19.82
C ALA C 199 5.27 -30.68 18.95
N GLY C 200 4.39 -31.60 19.31
CA GLY C 200 3.17 -31.78 18.53
C GLY C 200 2.28 -30.56 18.57
N SER C 201 2.13 -29.96 19.76
CA SER C 201 1.30 -28.76 19.89
C SER C 201 1.90 -27.60 19.11
N ILE C 202 3.23 -27.51 19.05
CA ILE C 202 3.87 -26.50 18.22
C ILE C 202 3.50 -26.71 16.76
N LYS C 203 3.57 -27.97 16.30
CA LYS C 203 3.26 -28.29 14.91
C LYS C 203 1.85 -27.83 14.54
N ASP C 204 0.87 -28.12 15.40
CA ASP C 204 -0.52 -27.77 15.11
C ASP C 204 -0.70 -26.27 14.94
N ARG C 205 -0.15 -25.49 15.88
CA ARG C 205 -0.38 -24.04 15.87
C ARG C 205 0.36 -23.37 14.72
N VAL C 206 1.61 -23.76 14.49
CA VAL C 206 2.39 -23.16 13.41
C VAL C 206 1.73 -23.42 12.06
N ASN C 207 1.21 -24.63 11.86
CA ASN C 207 0.65 -24.98 10.56
C ASN C 207 -0.71 -24.30 10.33
N ASP C 208 -1.52 -24.19 11.38
CA ASP C 208 -2.82 -23.56 11.22
C ASP C 208 -2.70 -22.11 10.77
N ALA C 209 -1.73 -21.39 11.33
CA ALA C 209 -1.50 -19.99 10.95
C ALA C 209 -0.62 -19.85 9.71
N SER C 210 0.05 -20.91 9.28
CA SER C 210 0.96 -20.86 8.12
C SER C 210 2.05 -19.81 8.32
N CYS C 211 2.69 -19.87 9.48
CA CYS C 211 3.72 -18.88 9.82
C CYS C 211 4.92 -19.00 8.90
N LYS C 212 5.45 -17.84 8.50
CA LYS C 212 6.63 -17.77 7.66
C LYS C 212 7.92 -17.78 8.45
N ALA C 213 7.88 -17.49 9.75
CA ALA C 213 9.08 -17.43 10.57
C ALA C 213 8.74 -17.79 12.00
N LEU C 214 9.78 -18.15 12.76
CA LEU C 214 9.62 -18.56 14.15
C LEU C 214 10.77 -18.00 14.96
N ILE C 215 10.48 -17.48 16.15
CA ILE C 215 11.49 -16.95 17.05
C ILE C 215 11.50 -17.80 18.32
N THR C 216 12.68 -18.29 18.70
CA THR C 216 12.82 -19.19 19.83
C THR C 216 14.21 -19.01 20.42
N CYS C 217 14.59 -19.90 21.32
CA CYS C 217 15.91 -19.90 21.93
C CYS C 217 16.43 -21.33 21.98
N ASP C 218 17.71 -21.46 22.36
CA ASP C 218 18.33 -22.78 22.39
C ASP C 218 17.80 -23.63 23.54
N GLU C 219 17.79 -23.07 24.74
CA GLU C 219 17.24 -23.77 25.90
C GLU C 219 16.62 -22.75 26.85
N GLY C 220 15.77 -23.24 27.74
CA GLY C 220 15.13 -22.40 28.73
C GLY C 220 15.53 -22.81 30.14
N LYS C 221 15.53 -21.84 31.04
CA LYS C 221 15.79 -22.08 32.45
C LYS C 221 14.51 -21.83 33.24
N ARG C 222 14.08 -22.84 33.99
CA ARG C 222 12.86 -22.76 34.80
C ARG C 222 13.05 -23.57 36.06
N GLY C 223 13.02 -22.88 37.21
CA GLY C 223 13.22 -23.56 38.48
C GLY C 223 14.57 -24.22 38.57
N GLY C 224 15.59 -23.66 37.94
CA GLY C 224 16.90 -24.25 37.88
C GLY C 224 17.04 -25.38 36.88
N ARG C 225 15.94 -25.94 36.39
CA ARG C 225 15.99 -27.01 35.41
C ARG C 225 16.06 -26.44 34.00
N THR C 226 16.72 -27.18 33.11
CA THR C 226 16.92 -26.76 31.73
C THR C 226 15.81 -27.34 30.84
N THR C 227 15.19 -26.47 30.03
CA THR C 227 14.11 -26.84 29.15
C THR C 227 14.62 -27.03 27.73
N ASN C 228 14.09 -28.04 27.04
CA ASN C 228 14.56 -28.39 25.70
C ASN C 228 13.68 -27.67 24.69
N ILE C 229 13.97 -26.38 24.52
CA ILE C 229 13.10 -25.52 23.71
C ILE C 229 13.41 -25.70 22.23
N LYS C 230 14.65 -25.42 21.82
CA LYS C 230 15.03 -25.55 20.42
C LYS C 230 14.87 -26.99 19.92
N LYS C 231 15.02 -27.97 20.82
CA LYS C 231 14.90 -29.36 20.41
C LYS C 231 13.47 -29.69 20.00
N LEU C 232 12.48 -29.23 20.79
CA LEU C 232 11.09 -29.45 20.43
C LEU C 232 10.72 -28.74 19.14
N CYS C 233 11.28 -27.55 18.90
CA CYS C 233 11.00 -26.84 17.66
C CYS C 233 11.40 -27.68 16.46
N ASP C 234 12.63 -28.20 16.47
CA ASP C 234 13.10 -29.00 15.35
C ASP C 234 12.18 -30.19 15.09
N GLU C 235 11.76 -30.89 16.15
CA GLU C 235 10.87 -32.02 15.97
C GLU C 235 9.56 -31.58 15.31
N ALA C 236 9.08 -30.39 15.65
CA ALA C 236 7.85 -29.89 15.07
C ALA C 236 8.08 -29.36 13.65
N LEU C 237 9.20 -28.68 13.43
CA LEU C 237 9.42 -27.99 12.15
C LEU C 237 9.59 -28.94 10.99
N VAL C 238 9.76 -30.25 11.23
CA VAL C 238 9.83 -31.19 10.12
C VAL C 238 8.50 -31.27 9.40
N ASP C 239 7.40 -30.83 10.03
CA ASP C 239 6.08 -30.86 9.44
C ASP C 239 5.49 -29.46 9.28
N CYS C 240 6.34 -28.43 9.18
CA CYS C 240 5.92 -27.05 9.06
C CYS C 240 6.55 -26.46 7.80
N PRO C 241 6.00 -26.78 6.62
CA PRO C 241 6.64 -26.32 5.37
C PRO C 241 6.61 -24.81 5.18
N THR C 242 5.75 -24.09 5.91
CA THR C 242 5.66 -22.65 5.75
C THR C 242 6.78 -21.89 6.44
N VAL C 243 7.42 -22.50 7.44
CA VAL C 243 8.47 -21.80 8.20
C VAL C 243 9.72 -21.73 7.33
N GLU C 244 10.07 -20.52 6.92
CA GLU C 244 11.25 -20.31 6.08
C GLU C 244 12.51 -20.10 6.90
N LYS C 245 12.40 -19.42 8.04
CA LYS C 245 13.57 -19.07 8.83
C LYS C 245 13.21 -19.05 10.31
N VAL C 246 14.23 -19.28 11.14
CA VAL C 246 14.07 -19.33 12.59
C VAL C 246 15.16 -18.47 13.23
N LEU C 247 14.77 -17.60 14.16
CA LEU C 247 15.69 -16.79 14.93
C LEU C 247 15.86 -17.41 16.32
N VAL C 248 17.10 -17.70 16.69
CA VAL C 248 17.42 -18.44 17.91
C VAL C 248 18.27 -17.56 18.81
N TYR C 249 17.78 -17.30 20.02
CA TYR C 249 18.54 -16.55 21.02
C TYR C 249 19.36 -17.50 21.89
N LYS C 250 20.60 -17.11 22.18
CA LYS C 250 21.51 -17.92 22.97
C LYS C 250 21.25 -17.65 24.45
N ARG C 251 20.22 -18.32 24.97
CA ARG C 251 19.85 -18.14 26.38
C ARG C 251 20.84 -18.84 27.30
N THR C 252 21.26 -20.06 26.96
CA THR C 252 22.30 -20.77 27.69
C THR C 252 23.62 -20.84 26.94
N ASN C 253 23.62 -20.59 25.63
CA ASN C 253 24.80 -20.68 24.79
C ASN C 253 25.38 -22.09 24.78
N ASN C 254 24.56 -23.09 25.06
CA ASN C 254 24.98 -24.48 24.98
C ASN C 254 25.45 -24.79 23.57
N PRO C 255 26.74 -25.07 23.36
CA PRO C 255 27.23 -25.24 21.98
C PRO C 255 26.74 -26.52 21.31
N GLU C 256 26.10 -27.43 22.04
CA GLU C 256 25.63 -28.69 21.49
C GLU C 256 24.27 -28.58 20.80
N ILE C 257 23.72 -27.37 20.68
CA ILE C 257 22.39 -27.17 20.10
C ILE C 257 22.54 -26.97 18.59
N HIS C 258 21.93 -27.87 17.82
CA HIS C 258 22.07 -27.85 16.37
C HIS C 258 21.21 -26.76 15.76
N LEU C 259 21.80 -26.02 14.82
CA LEU C 259 21.07 -25.07 13.97
C LEU C 259 21.14 -25.58 12.54
N THR C 260 20.00 -25.61 11.86
CA THR C 260 19.94 -26.11 10.50
C THR C 260 20.45 -25.04 9.54
N GLU C 261 21.50 -25.36 8.79
CA GLU C 261 22.07 -24.40 7.85
C GLU C 261 21.01 -23.91 6.87
N GLY C 262 21.01 -22.60 6.63
CA GLY C 262 20.08 -22.00 5.70
C GLY C 262 18.73 -21.65 6.27
N ARG C 263 18.39 -22.17 7.44
CA ARG C 263 17.09 -21.89 8.07
C ARG C 263 17.21 -21.20 9.41
N ASP C 264 18.15 -21.62 10.25
CA ASP C 264 18.28 -21.11 11.61
C ASP C 264 19.39 -20.08 11.70
N TYR C 265 19.12 -19.00 12.41
CA TYR C 265 20.09 -17.91 12.58
C TYR C 265 20.04 -17.43 14.02
N TYR C 266 21.17 -16.91 14.50
CA TYR C 266 21.30 -16.50 15.88
C TYR C 266 20.80 -15.07 16.09
N TRP C 267 20.07 -14.88 17.19
CA TRP C 267 19.52 -13.56 17.54
C TRP C 267 20.61 -12.51 17.58
N ASP C 268 21.68 -12.77 18.32
CA ASP C 268 22.72 -11.77 18.51
C ASP C 268 23.45 -11.47 17.21
N VAL C 269 23.65 -12.48 16.38
CA VAL C 269 24.41 -12.30 15.14
C VAL C 269 23.64 -11.42 14.17
N GLU C 270 22.34 -11.65 14.03
CA GLU C 270 21.57 -10.93 13.01
C GLU C 270 21.21 -9.51 13.45
N THR C 271 20.83 -9.33 14.71
CA THR C 271 20.47 -7.98 15.18
C THR C 271 21.65 -7.02 15.08
N ALA C 272 22.88 -7.53 15.14
CA ALA C 272 24.05 -6.67 15.04
C ALA C 272 24.17 -6.03 13.66
N LYS C 273 23.49 -6.59 12.65
CA LYS C 273 23.59 -6.09 11.30
C LYS C 273 22.69 -4.90 11.02
N PHE C 274 21.79 -4.54 11.94
CA PHE C 274 20.73 -3.59 11.66
C PHE C 274 20.73 -2.46 12.67
N PRO C 275 20.24 -1.29 12.28
CA PRO C 275 20.33 -0.12 13.16
C PRO C 275 19.30 -0.16 14.29
N GLY C 276 19.58 0.65 15.31
CA GLY C 276 18.75 0.76 16.49
C GLY C 276 17.48 1.55 16.31
N TYR C 277 17.12 1.89 15.08
CA TYR C 277 15.79 2.43 14.80
C TYR C 277 15.28 1.91 13.47
N LEU C 278 13.99 1.53 13.46
CA LEU C 278 13.30 1.08 12.26
C LEU C 278 11.92 1.73 12.31
N PRO C 279 11.45 2.32 11.22
CA PRO C 279 10.12 2.96 11.23
C PRO C 279 9.03 1.94 11.47
N PRO C 280 8.05 2.24 12.34
CA PRO C 280 6.92 1.34 12.49
C PRO C 280 5.96 1.43 11.31
N VAL C 281 5.18 0.37 11.13
CA VAL C 281 4.24 0.26 10.02
C VAL C 281 2.83 0.53 10.54
N SER C 282 2.13 1.46 9.90
CA SER C 282 0.75 1.73 10.28
C SER C 282 -0.15 0.58 9.86
N VAL C 283 -1.04 0.16 10.77
CA VAL C 283 -2.04 -0.85 10.47
C VAL C 283 -3.41 -0.27 10.79
N ASN C 284 -4.42 -0.87 10.18
CA ASN C 284 -5.79 -0.44 10.42
C ASN C 284 -6.24 -0.85 11.82
N SER C 285 -7.16 -0.08 12.39
CA SER C 285 -7.68 -0.42 13.72
C SER C 285 -8.09 -1.89 13.79
N GLU C 286 -8.63 -2.43 12.70
CA GLU C 286 -9.17 -3.77 12.69
C GLU C 286 -8.24 -4.78 12.02
N ASP C 287 -7.00 -4.41 11.76
CA ASP C 287 -6.06 -5.41 11.31
C ASP C 287 -5.68 -6.31 12.48
N PRO C 288 -5.48 -7.61 12.25
CA PRO C 288 -5.18 -8.50 13.38
C PRO C 288 -3.85 -8.14 14.02
N LEU C 289 -3.86 -8.01 15.35
CA LEU C 289 -2.62 -7.81 16.09
C LEU C 289 -1.96 -9.14 16.42
N PHE C 290 -2.73 -10.15 16.82
CA PHE C 290 -2.12 -11.43 17.17
C PHE C 290 -3.15 -12.55 17.16
N LEU C 291 -2.65 -13.77 17.04
CA LEU C 291 -3.40 -15.00 17.26
C LEU C 291 -2.91 -15.65 18.54
N LEU C 292 -3.84 -16.14 19.36
CA LEU C 292 -3.51 -16.88 20.57
C LEU C 292 -4.40 -18.11 20.61
N TYR C 293 -3.79 -19.30 20.53
CA TYR C 293 -4.54 -20.53 20.40
C TYR C 293 -5.00 -21.04 21.77
N THR C 294 -6.29 -21.36 21.87
CA THR C 294 -6.91 -21.78 23.11
C THR C 294 -7.61 -23.12 22.91
N SER C 295 -7.63 -23.92 23.98
CA SER C 295 -8.30 -25.21 23.95
C SER C 295 -9.80 -25.01 24.19
N GLY C 296 -10.62 -25.59 23.31
CA GLY C 296 -12.06 -25.47 23.38
C GLY C 296 -12.73 -26.75 23.87
N SER C 297 -14.04 -26.66 24.05
CA SER C 297 -14.82 -27.79 24.55
C SER C 297 -14.96 -28.91 23.54
N THR C 298 -14.63 -28.68 22.26
CA THR C 298 -14.78 -29.69 21.23
C THR C 298 -13.64 -29.56 20.22
N GLY C 299 -12.92 -30.65 20.01
CA GLY C 299 -11.98 -30.73 18.91
C GLY C 299 -10.59 -30.17 19.16
N THR C 300 -10.04 -29.50 18.13
CA THR C 300 -8.69 -28.97 18.00
C THR C 300 -8.60 -27.55 18.52
N PRO C 301 -7.47 -27.15 19.10
CA PRO C 301 -7.34 -25.78 19.59
C PRO C 301 -7.62 -24.78 18.46
N LYS C 302 -8.15 -23.63 18.84
CA LYS C 302 -8.60 -22.62 17.89
C LYS C 302 -7.80 -21.33 18.07
N GLY C 303 -7.41 -20.72 16.95
CA GLY C 303 -6.65 -19.49 16.99
C GLY C 303 -7.53 -18.26 17.16
N VAL C 304 -7.57 -17.74 18.38
CA VAL C 304 -8.36 -16.55 18.69
C VAL C 304 -7.64 -15.32 18.16
N VAL C 305 -8.35 -14.51 17.37
CA VAL C 305 -7.79 -13.35 16.70
C VAL C 305 -8.26 -12.09 17.42
N HIS C 306 -7.33 -11.18 17.68
CA HIS C 306 -7.65 -9.88 18.27
C HIS C 306 -7.23 -8.76 17.33
N SER C 307 -8.10 -7.76 17.20
CA SER C 307 -7.78 -6.57 16.42
C SER C 307 -6.67 -5.80 17.13
N THR C 308 -6.31 -4.65 16.54
CA THR C 308 -5.24 -3.82 17.09
C THR C 308 -5.79 -2.73 18.01
N ALA C 309 -6.60 -1.83 17.47
CA ALA C 309 -7.01 -0.66 18.25
C ALA C 309 -7.94 -1.06 19.39
N GLY C 310 -8.96 -1.87 19.09
CA GLY C 310 -9.90 -2.26 20.14
C GLY C 310 -9.21 -3.00 21.27
N TYR C 311 -8.31 -3.92 20.93
CA TYR C 311 -7.61 -4.67 21.97
C TYR C 311 -6.70 -3.76 22.79
N LEU C 312 -5.95 -2.87 22.14
CA LEU C 312 -5.04 -2.01 22.87
C LEU C 312 -5.81 -1.08 23.81
N LEU C 313 -6.94 -0.54 23.34
CA LEU C 313 -7.74 0.31 24.21
C LEU C 313 -8.27 -0.48 25.40
N GLY C 314 -8.73 -1.70 25.17
CA GLY C 314 -9.16 -2.53 26.28
C GLY C 314 -8.04 -2.78 27.27
N ALA C 315 -6.84 -3.06 26.74
CA ALA C 315 -5.70 -3.32 27.61
C ALA C 315 -5.35 -2.10 28.45
N ALA C 316 -5.24 -0.93 27.80
CA ALA C 316 -4.89 0.28 28.53
C ALA C 316 -5.98 0.70 29.50
N LEU C 317 -7.25 0.62 29.07
CA LEU C 317 -8.34 1.11 29.90
C LEU C 317 -8.48 0.29 31.17
N SER C 318 -8.45 -1.04 31.06
CA SER C 318 -8.60 -1.87 32.25
C SER C 318 -7.38 -1.75 33.17
N THR C 319 -6.18 -1.77 32.61
CA THR C 319 -4.98 -1.63 33.42
C THR C 319 -5.03 -0.33 34.23
N LYS C 320 -5.54 0.74 33.63
CA LYS C 320 -5.55 2.03 34.31
C LYS C 320 -6.58 2.06 35.42
N TYR C 321 -7.83 1.69 35.10
CA TYR C 321 -8.94 1.89 36.02
C TYR C 321 -9.17 0.74 36.99
N ILE C 322 -8.94 -0.50 36.57
CA ILE C 322 -9.18 -1.61 37.48
C ILE C 322 -8.03 -1.76 38.47
N PHE C 323 -6.80 -1.52 38.04
CA PHE C 323 -5.65 -1.63 38.93
C PHE C 323 -5.23 -0.30 39.53
N ASP C 324 -5.71 0.83 39.00
CA ASP C 324 -5.30 2.17 39.44
C ASP C 324 -3.80 2.37 39.23
N ILE C 325 -3.42 2.39 37.95
CA ILE C 325 -2.03 2.53 37.53
C ILE C 325 -1.75 4.00 37.20
N HIS C 326 -0.65 4.53 37.73
CA HIS C 326 -0.19 5.88 37.43
C HIS C 326 1.23 5.80 36.87
N PRO C 327 1.76 6.88 36.30
CA PRO C 327 3.10 6.80 35.69
C PRO C 327 4.18 6.42 36.69
N GLU C 328 4.01 6.75 37.97
CA GLU C 328 5.01 6.46 38.97
C GLU C 328 4.98 5.02 39.46
N ASP C 329 4.01 4.23 39.01
CA ASP C 329 3.78 2.90 39.56
C ASP C 329 4.65 1.85 38.86
N ILE C 330 4.63 0.64 39.42
CA ILE C 330 5.40 -0.49 38.90
C ILE C 330 4.54 -1.74 39.06
N LEU C 331 4.24 -2.40 37.95
CA LEU C 331 3.33 -3.53 37.91
C LEU C 331 4.10 -4.85 37.80
N PHE C 332 3.72 -5.84 38.60
CA PHE C 332 4.30 -7.17 38.56
C PHE C 332 3.18 -8.17 38.30
N THR C 333 3.02 -8.57 37.04
CA THR C 333 2.07 -9.62 36.66
C THR C 333 2.82 -10.95 36.60
N ALA C 334 2.56 -11.82 37.57
CA ALA C 334 3.23 -13.12 37.65
C ALA C 334 2.54 -14.12 36.72
N GLY C 335 2.57 -13.79 35.43
CA GLY C 335 1.97 -14.64 34.43
C GLY C 335 2.86 -14.73 33.20
N ASP C 336 2.56 -15.72 32.36
CA ASP C 336 3.36 -16.01 31.19
C ASP C 336 2.70 -15.44 29.94
N VAL C 337 3.51 -14.90 29.03
CA VAL C 337 3.00 -14.43 27.75
C VAL C 337 2.45 -15.57 26.91
N GLY C 338 2.73 -16.82 27.28
CA GLY C 338 2.11 -17.94 26.60
C GLY C 338 0.60 -17.93 26.71
N TRP C 339 0.06 -17.16 27.65
CA TRP C 339 -1.37 -17.05 27.88
C TRP C 339 -1.78 -15.58 27.80
N ILE C 340 -3.10 -15.36 27.74
CA ILE C 340 -3.61 -14.01 27.52
C ILE C 340 -3.24 -13.09 28.67
N THR C 341 -3.07 -13.64 29.87
CA THR C 341 -2.75 -12.79 31.02
C THR C 341 -1.44 -12.04 30.80
N GLY C 342 -0.44 -12.71 30.22
CA GLY C 342 0.81 -12.03 29.93
C GLY C 342 0.68 -11.04 28.79
N HIS C 343 -0.06 -11.41 27.73
CA HIS C 343 -0.27 -10.52 26.61
C HIS C 343 -0.78 -9.15 27.08
N THR C 344 -1.85 -9.16 27.86
CA THR C 344 -2.59 -7.93 28.14
C THR C 344 -2.03 -7.15 29.32
N TYR C 345 -1.61 -7.83 30.38
CA TYR C 345 -1.26 -7.16 31.63
C TYR C 345 0.19 -7.32 32.03
N ALA C 346 0.98 -8.11 31.30
CA ALA C 346 2.44 -8.08 31.44
C ALA C 346 3.11 -7.25 30.37
N LEU C 347 2.50 -7.11 29.20
CA LEU C 347 3.11 -6.39 28.10
C LEU C 347 2.27 -5.18 27.69
N TYR C 348 1.17 -5.41 26.97
CA TYR C 348 0.50 -4.31 26.28
C TYR C 348 -0.10 -3.30 27.26
N GLY C 349 -0.73 -3.78 28.33
CA GLY C 349 -1.34 -2.90 29.29
C GLY C 349 -0.37 -1.92 29.89
N PRO C 350 0.62 -2.42 30.63
CA PRO C 350 1.56 -1.51 31.31
C PRO C 350 2.37 -0.64 30.36
N LEU C 351 2.82 -1.18 29.22
CA LEU C 351 3.68 -0.40 28.33
C LEU C 351 2.89 0.72 27.65
N LEU C 352 1.62 0.46 27.30
CA LEU C 352 0.80 1.53 26.74
C LEU C 352 0.74 2.71 27.69
N LEU C 353 0.63 2.45 28.99
CA LEU C 353 0.58 3.49 30.00
C LEU C 353 1.97 4.04 30.34
N GLY C 354 3.04 3.44 29.81
CA GLY C 354 4.37 3.97 30.01
C GLY C 354 4.99 3.65 31.34
N VAL C 355 4.48 2.64 32.05
CA VAL C 355 5.00 2.29 33.37
C VAL C 355 5.92 1.09 33.22
N PRO C 356 6.81 0.82 34.17
CA PRO C 356 7.62 -0.40 34.11
C PRO C 356 6.79 -1.64 34.40
N THR C 357 7.17 -2.74 33.76
CA THR C 357 6.53 -4.04 33.96
C THR C 357 7.59 -5.06 34.31
N ILE C 358 7.30 -5.91 35.28
CA ILE C 358 8.25 -6.91 35.75
C ILE C 358 7.99 -8.22 35.02
N ILE C 359 9.01 -8.71 34.33
CA ILE C 359 8.93 -9.95 33.55
C ILE C 359 9.75 -11.00 34.28
N PHE C 360 9.05 -12.00 34.82
CA PHE C 360 9.67 -13.02 35.67
C PHE C 360 9.74 -14.34 34.91
N GLU C 361 10.96 -14.84 34.72
CA GLU C 361 11.18 -16.06 33.93
C GLU C 361 10.98 -17.33 34.74
N GLY C 362 11.13 -17.26 36.06
CA GLY C 362 11.16 -18.44 36.91
C GLY C 362 9.83 -18.76 37.55
N THR C 363 9.90 -19.41 38.72
CA THR C 363 8.75 -19.87 39.47
C THR C 363 8.75 -19.27 40.87
N PRO C 364 7.61 -19.29 41.57
CA PRO C 364 7.57 -18.74 42.93
C PRO C 364 8.35 -19.54 43.96
N ALA C 365 8.93 -20.69 43.58
CA ALA C 365 9.60 -21.57 44.53
C ALA C 365 11.13 -21.59 44.38
N TYR C 366 11.67 -21.03 43.30
CA TYR C 366 13.10 -21.09 43.07
C TYR C 366 13.72 -19.72 43.24
N PRO C 367 14.80 -19.59 44.03
CA PRO C 367 15.51 -20.63 44.79
C PRO C 367 14.75 -21.05 46.03
N ASP C 368 13.81 -20.21 46.48
CA ASP C 368 13.00 -20.50 47.66
C ASP C 368 11.63 -19.89 47.44
N TYR C 369 10.71 -20.20 48.35
CA TYR C 369 9.32 -19.75 48.24
C TYR C 369 9.15 -18.27 48.59
N GLY C 370 10.24 -17.52 48.71
CA GLY C 370 10.19 -16.08 48.88
C GLY C 370 10.53 -15.30 47.64
N ARG C 371 10.57 -15.93 46.46
CA ARG C 371 11.03 -15.26 45.26
C ARG C 371 10.09 -14.12 44.89
N PHE C 372 8.78 -14.39 44.81
CA PHE C 372 7.83 -13.33 44.53
C PHE C 372 8.07 -12.12 45.43
N TRP C 373 8.26 -12.36 46.72
CA TRP C 373 8.35 -11.26 47.68
C TRP C 373 9.68 -10.55 47.59
N GLN C 374 10.77 -11.29 47.34
CA GLN C 374 12.05 -10.64 47.15
C GLN C 374 12.04 -9.74 45.92
N ILE C 375 11.30 -10.16 44.88
CA ILE C 375 11.19 -9.34 43.66
C ILE C 375 10.41 -8.06 43.97
N VAL C 376 9.27 -8.21 44.64
CA VAL C 376 8.45 -7.04 44.97
C VAL C 376 9.26 -6.04 45.80
N GLU C 377 9.99 -6.55 46.80
CA GLU C 377 10.82 -5.68 47.62
C GLU C 377 11.93 -5.04 46.79
N LYS C 378 12.58 -5.84 45.94
CA LYS C 378 13.73 -5.35 45.19
C LYS C 378 13.38 -4.14 44.33
N HIS C 379 12.22 -4.17 43.68
CA HIS C 379 11.85 -3.14 42.72
C HIS C 379 10.72 -2.24 43.21
N LYS C 380 10.32 -2.38 44.48
CA LYS C 380 9.28 -1.54 45.06
C LYS C 380 8.02 -1.55 44.18
N ALA C 381 7.64 -2.75 43.74
CA ALA C 381 6.44 -2.88 42.93
C ALA C 381 5.23 -2.38 43.71
N THR C 382 4.33 -1.70 43.00
CA THR C 382 3.13 -1.16 43.62
C THR C 382 1.88 -1.99 43.33
N HIS C 383 1.94 -2.87 42.34
CA HIS C 383 0.80 -3.68 41.93
C HIS C 383 1.28 -5.10 41.70
N PHE C 384 0.54 -6.08 42.23
CA PHE C 384 0.89 -7.48 42.10
C PHE C 384 -0.31 -8.23 41.54
N TYR C 385 -0.09 -9.00 40.48
CA TYR C 385 -1.14 -9.70 39.75
C TYR C 385 -0.73 -11.16 39.64
N VAL C 386 -1.51 -12.05 40.24
CA VAL C 386 -1.13 -13.46 40.38
C VAL C 386 -2.37 -14.33 40.32
N ALA C 387 -2.14 -15.64 40.07
CA ALA C 387 -3.22 -16.63 40.04
C ALA C 387 -3.41 -17.26 41.41
N PRO C 388 -4.66 -17.58 41.77
CA PRO C 388 -4.88 -18.23 43.08
C PRO C 388 -4.08 -19.51 43.25
N THR C 389 -3.81 -20.25 42.16
CA THR C 389 -3.04 -21.48 42.28
C THR C 389 -1.71 -21.22 42.98
N ALA C 390 -1.05 -20.11 42.64
CA ALA C 390 0.21 -19.78 43.31
C ALA C 390 -0.04 -19.42 44.76
N LEU C 391 -1.13 -18.71 45.04
CA LEU C 391 -1.46 -18.38 46.43
C LEU C 391 -1.67 -19.63 47.25
N ARG C 392 -2.36 -20.63 46.68
CA ARG C 392 -2.59 -21.87 47.41
C ARG C 392 -1.29 -22.58 47.72
N LEU C 393 -0.36 -22.60 46.75
CA LEU C 393 0.92 -23.27 46.95
C LEU C 393 1.76 -22.53 47.99
N LEU C 394 1.83 -21.20 47.89
CA LEU C 394 2.65 -20.43 48.83
C LEU C 394 2.13 -20.55 50.25
N ARG C 395 0.81 -20.65 50.42
CA ARG C 395 0.25 -20.88 51.75
C ARG C 395 0.66 -22.23 52.29
N LYS C 396 0.90 -23.21 51.40
CA LYS C 396 1.29 -24.54 51.84
C LYS C 396 2.75 -24.61 52.27
N ALA C 397 3.66 -23.99 51.52
CA ALA C 397 5.09 -24.21 51.69
C ALA C 397 5.89 -22.98 52.05
N GLY C 398 5.35 -21.78 51.93
CA GLY C 398 6.16 -20.58 52.08
C GLY C 398 5.49 -19.43 52.82
N GLU C 399 4.52 -19.74 53.67
CA GLU C 399 3.81 -18.68 54.38
C GLU C 399 4.76 -17.86 55.26
N GLN C 400 5.72 -18.53 55.91
CA GLN C 400 6.61 -17.82 56.83
C GLN C 400 7.59 -16.91 56.11
N GLU C 401 7.81 -17.10 54.80
CA GLU C 401 8.79 -16.28 54.09
C GLU C 401 8.31 -14.85 53.85
N ILE C 402 7.00 -14.63 53.88
CA ILE C 402 6.47 -13.31 53.54
C ILE C 402 7.02 -12.25 54.50
N ALA C 403 7.10 -12.58 55.79
CA ALA C 403 7.48 -11.60 56.80
C ALA C 403 8.92 -11.15 56.69
N LYS C 404 9.75 -11.80 55.88
CA LYS C 404 11.15 -11.39 55.77
C LYS C 404 11.33 -10.17 54.87
N TYR C 405 10.32 -9.84 54.06
CA TYR C 405 10.45 -8.83 53.03
C TYR C 405 9.49 -7.68 53.31
N ASP C 406 9.83 -6.51 52.77
CA ASP C 406 9.07 -5.29 53.05
C ASP C 406 7.63 -5.43 52.56
N LEU C 407 7.42 -5.42 51.25
CA LEU C 407 6.11 -5.58 50.62
C LEU C 407 5.19 -4.38 50.85
N SER C 408 5.66 -3.33 51.52
CA SER C 408 4.82 -2.18 51.83
C SER C 408 4.64 -1.23 50.66
N SER C 409 5.32 -1.48 49.53
CA SER C 409 5.11 -0.65 48.35
C SER C 409 3.84 -1.02 47.59
N LEU C 410 3.25 -2.17 47.88
CA LEU C 410 2.05 -2.61 47.20
C LEU C 410 0.83 -1.85 47.72
N ARG C 411 -0.13 -1.62 46.81
CA ARG C 411 -1.46 -1.17 47.20
C ARG C 411 -2.58 -1.89 46.45
N THR C 412 -2.30 -2.54 45.33
CA THR C 412 -3.30 -3.29 44.58
C THR C 412 -2.82 -4.72 44.40
N LEU C 413 -3.68 -5.67 44.75
CA LEU C 413 -3.39 -7.10 44.64
C LEU C 413 -4.44 -7.72 43.71
N GLY C 414 -3.99 -8.35 42.64
CA GLY C 414 -4.87 -8.89 41.62
C GLY C 414 -4.95 -10.41 41.65
N SER C 415 -6.12 -10.93 41.27
CA SER C 415 -6.37 -12.36 41.15
C SER C 415 -6.98 -12.64 39.78
N VAL C 416 -6.53 -13.71 39.14
CA VAL C 416 -6.89 -13.97 37.75
C VAL C 416 -6.80 -15.46 37.47
N GLY C 417 -7.65 -15.92 36.55
CA GLY C 417 -7.53 -17.22 35.94
C GLY C 417 -8.50 -18.26 36.46
N GLU C 418 -9.06 -18.06 37.64
CA GLU C 418 -9.87 -19.07 38.30
C GLU C 418 -10.55 -18.41 39.50
N PRO C 419 -11.62 -19.01 40.00
CA PRO C 419 -12.29 -18.44 41.17
C PRO C 419 -11.36 -18.45 42.38
N ILE C 420 -11.52 -17.44 43.22
CA ILE C 420 -10.75 -17.29 44.45
C ILE C 420 -11.69 -17.51 45.62
N SER C 421 -11.44 -18.55 46.40
CA SER C 421 -12.32 -18.82 47.53
C SER C 421 -12.20 -17.70 48.55
N PRO C 422 -13.25 -17.43 49.31
CA PRO C 422 -13.13 -16.47 50.41
C PRO C 422 -11.96 -16.77 51.35
N ASP C 423 -11.60 -18.05 51.50
CA ASP C 423 -10.44 -18.40 52.32
C ASP C 423 -9.16 -17.80 51.76
N ILE C 424 -8.88 -18.05 50.48
CA ILE C 424 -7.65 -17.54 49.87
C ILE C 424 -7.67 -16.03 49.83
N TRP C 425 -8.83 -15.43 49.58
CA TRP C 425 -8.96 -13.98 49.55
C TRP C 425 -8.49 -13.37 50.86
N GLU C 426 -8.90 -13.94 51.99
CA GLU C 426 -8.50 -13.40 53.28
C GLU C 426 -7.01 -13.59 53.53
N TRP C 427 -6.48 -14.78 53.20
CA TRP C 427 -5.04 -15.01 53.35
C TRP C 427 -4.25 -14.08 52.45
N TYR C 428 -4.68 -13.96 51.19
CA TYR C 428 -4.09 -12.98 50.27
C TYR C 428 -4.11 -11.59 50.88
N ASN C 429 -5.25 -11.19 51.45
CA ASN C 429 -5.39 -9.84 51.98
C ASN C 429 -4.50 -9.62 53.21
N GLU C 430 -4.45 -10.61 54.11
CA GLU C 430 -3.76 -10.41 55.38
C GLU C 430 -2.26 -10.60 55.25
N PHE C 431 -1.82 -11.75 54.71
CA PHE C 431 -0.41 -12.08 54.75
C PHE C 431 0.39 -11.35 53.69
N VAL C 432 -0.19 -11.10 52.53
CA VAL C 432 0.50 -10.34 51.48
C VAL C 432 0.15 -8.86 51.58
N GLY C 433 -1.13 -8.54 51.68
CA GLY C 433 -1.58 -7.16 51.74
C GLY C 433 -1.48 -6.50 53.09
N LYS C 434 -1.14 -7.25 54.14
CA LYS C 434 -1.14 -6.74 55.51
C LYS C 434 -2.48 -6.10 55.86
N ASN C 435 -3.53 -6.53 55.16
CA ASN C 435 -4.88 -5.97 55.35
C ASN C 435 -4.88 -4.48 55.05
N GLN C 436 -3.99 -4.06 54.15
CA GLN C 436 -3.82 -2.66 53.80
C GLN C 436 -3.92 -2.40 52.30
N CYS C 437 -4.17 -3.43 51.49
CA CYS C 437 -4.20 -3.32 50.05
C CYS C 437 -5.60 -3.63 49.54
N HIS C 438 -5.88 -3.16 48.33
CA HIS C 438 -7.11 -3.51 47.63
C HIS C 438 -6.90 -4.77 46.81
N ILE C 439 -7.91 -5.64 46.81
CA ILE C 439 -7.87 -6.90 46.07
C ILE C 439 -8.87 -6.84 44.92
N SER C 440 -8.40 -7.16 43.72
CA SER C 440 -9.21 -7.13 42.51
C SER C 440 -9.25 -8.53 41.92
N ASP C 441 -10.31 -9.28 42.22
CA ASP C 441 -10.54 -10.57 41.59
C ASP C 441 -11.12 -10.31 40.21
N THR C 442 -10.30 -10.46 39.18
CA THR C 442 -10.66 -10.06 37.83
C THR C 442 -11.16 -11.27 37.05
N TYR C 443 -12.42 -11.24 36.63
CA TYR C 443 -12.97 -12.26 35.76
C TYR C 443 -12.86 -11.82 34.31
N TRP C 444 -12.33 -12.71 33.46
CA TRP C 444 -12.27 -12.50 32.03
C TRP C 444 -11.71 -13.75 31.37
N GLN C 445 -11.51 -13.71 30.06
CA GLN C 445 -11.04 -14.88 29.33
C GLN C 445 -10.31 -14.43 28.07
N THR C 446 -9.62 -15.38 27.43
CA THR C 446 -8.81 -15.07 26.26
C THR C 446 -9.61 -14.31 25.21
N GLU C 447 -10.88 -14.66 25.03
CA GLU C 447 -11.68 -14.07 23.97
C GLU C 447 -12.14 -12.66 24.28
N SER C 448 -12.09 -12.24 25.53
CA SER C 448 -12.51 -10.90 25.89
C SER C 448 -11.41 -9.87 25.73
N GLY C 449 -10.16 -10.31 25.62
CA GLY C 449 -9.05 -9.38 25.43
C GLY C 449 -8.61 -8.74 26.73
N SER C 450 -9.58 -8.32 27.55
CA SER C 450 -9.28 -7.65 28.80
C SER C 450 -10.40 -7.96 29.79
N HIS C 451 -10.36 -7.28 30.93
CA HIS C 451 -11.27 -7.58 32.03
C HIS C 451 -12.73 -7.41 31.63
N LEU C 452 -13.57 -8.31 32.12
CA LEU C 452 -15.02 -8.23 31.96
C LEU C 452 -15.73 -7.79 33.24
N ILE C 453 -15.44 -8.46 34.35
CA ILE C 453 -16.02 -8.13 35.65
C ILE C 453 -14.88 -8.10 36.65
N ALA C 454 -14.72 -6.98 37.34
CA ALA C 454 -13.63 -6.86 38.32
C ALA C 454 -13.84 -5.64 39.22
N PRO C 455 -13.37 -5.69 40.46
CA PRO C 455 -13.51 -4.53 41.36
C PRO C 455 -12.44 -3.49 41.09
N LEU C 456 -12.86 -2.28 40.72
CA LEU C 456 -11.91 -1.20 40.49
C LEU C 456 -11.20 -0.83 41.79
N ALA C 457 -9.87 -0.73 41.72
CA ALA C 457 -9.09 -0.46 42.91
C ALA C 457 -9.41 0.92 43.47
N GLY C 458 -9.71 0.97 44.77
CA GLY C 458 -10.04 2.22 45.42
C GLY C 458 -11.42 2.75 45.13
N VAL C 459 -12.30 1.97 44.50
CA VAL C 459 -13.61 2.45 44.10
C VAL C 459 -14.70 1.46 44.53
N VAL C 460 -14.58 0.21 44.13
CA VAL C 460 -15.61 -0.80 44.35
C VAL C 460 -15.26 -1.56 45.60
N PRO C 461 -16.12 -1.58 46.64
CA PRO C 461 -15.88 -2.45 47.79
C PRO C 461 -15.92 -3.92 47.40
N ASN C 462 -15.18 -4.73 48.14
CA ASN C 462 -14.99 -6.13 47.80
C ASN C 462 -15.95 -7.03 48.56
N LYS C 463 -16.37 -8.10 47.89
CA LYS C 463 -16.98 -9.26 48.53
C LYS C 463 -16.09 -10.47 48.25
N PRO C 464 -15.44 -11.05 49.26
CA PRO C 464 -14.49 -12.15 48.96
C PRO C 464 -15.11 -13.27 48.15
N GLY C 465 -14.52 -13.56 46.99
CA GLY C 465 -15.02 -14.59 46.11
C GLY C 465 -15.89 -14.09 44.98
N SER C 466 -16.15 -12.79 44.90
CA SER C 466 -17.00 -12.19 43.88
C SER C 466 -16.20 -11.25 43.00
N ALA C 467 -16.47 -11.31 41.69
CA ALA C 467 -15.84 -10.39 40.75
C ALA C 467 -16.44 -8.99 40.79
N SER C 468 -17.60 -8.83 41.42
CA SER C 468 -18.25 -7.53 41.60
C SER C 468 -18.92 -7.08 40.30
N TYR C 469 -18.64 -5.77 39.83
CA TYR C 469 -19.42 -5.16 38.77
C TYR C 469 -18.79 -5.37 37.40
N PRO C 470 -19.60 -5.40 36.34
CA PRO C 470 -19.03 -5.43 34.98
C PRO C 470 -18.28 -4.14 34.68
N PHE C 471 -17.26 -4.27 33.85
CA PHE C 471 -16.41 -3.14 33.50
C PHE C 471 -17.00 -2.35 32.34
N PHE C 472 -16.43 -1.17 32.11
CA PHE C 472 -16.86 -0.28 31.02
C PHE C 472 -17.09 -1.07 29.74
N GLY C 473 -18.25 -0.85 29.12
CA GLY C 473 -18.58 -1.47 27.86
C GLY C 473 -19.05 -2.91 27.95
N ILE C 474 -19.06 -3.51 29.13
CA ILE C 474 -19.52 -4.89 29.30
C ILE C 474 -20.91 -4.84 29.91
N ASP C 475 -21.92 -5.18 29.12
CA ASP C 475 -23.30 -5.24 29.58
C ASP C 475 -23.59 -6.70 29.91
N ALA C 476 -23.32 -7.08 31.16
CA ALA C 476 -23.44 -8.46 31.57
C ALA C 476 -24.90 -8.84 31.76
N ALA C 477 -25.20 -10.12 31.58
CA ALA C 477 -26.56 -10.63 31.72
C ALA C 477 -26.49 -12.09 32.15
N LEU C 478 -27.61 -12.56 32.70
CA LEU C 478 -27.80 -13.96 33.03
C LEU C 478 -28.94 -14.48 32.17
N ILE C 479 -28.71 -15.62 31.52
CA ILE C 479 -29.68 -16.23 30.62
C ILE C 479 -30.11 -17.57 31.20
N ASP C 480 -31.41 -17.84 31.15
CA ASP C 480 -31.94 -19.13 31.58
C ASP C 480 -31.46 -20.21 30.63
N PRO C 481 -30.63 -21.16 31.06
CA PRO C 481 -30.08 -22.11 30.08
C PRO C 481 -31.12 -22.97 29.41
N VAL C 482 -32.26 -23.21 30.07
CA VAL C 482 -33.28 -24.11 29.52
C VAL C 482 -34.13 -23.38 28.50
N THR C 483 -34.46 -22.10 28.76
CA THR C 483 -35.33 -21.33 27.89
C THR C 483 -34.58 -20.32 27.04
N GLY C 484 -33.30 -20.09 27.33
CA GLY C 484 -32.55 -19.10 26.58
C GLY C 484 -33.03 -17.68 26.73
N VAL C 485 -33.79 -17.39 27.79
CA VAL C 485 -34.36 -16.07 28.01
C VAL C 485 -33.58 -15.37 29.12
N GLU C 486 -33.26 -14.10 28.90
CA GLU C 486 -32.51 -13.34 29.89
C GLU C 486 -33.30 -13.22 31.18
N ILE C 487 -32.59 -13.38 32.30
CA ILE C 487 -33.19 -13.33 33.64
C ILE C 487 -33.14 -11.90 34.14
N GLU C 488 -34.32 -11.30 34.35
CA GLU C 488 -34.40 -9.98 34.96
C GLU C 488 -34.37 -10.10 36.47
N GLY C 489 -33.91 -9.04 37.13
CA GLY C 489 -33.89 -9.00 38.57
C GLY C 489 -32.69 -9.71 39.16
N ASN C 490 -32.44 -9.44 40.43
CA ASN C 490 -31.28 -9.96 41.12
C ASN C 490 -31.65 -11.24 41.88
N ASP C 491 -30.71 -11.77 42.65
CA ASP C 491 -30.86 -13.07 43.29
C ASP C 491 -31.14 -14.15 42.24
N ALA C 492 -30.30 -14.17 41.20
CA ALA C 492 -30.52 -15.00 40.04
C ALA C 492 -29.27 -15.79 39.70
N GLU C 493 -29.46 -16.86 38.92
CA GLU C 493 -28.37 -17.70 38.45
C GLU C 493 -28.63 -18.11 37.01
N GLY C 494 -27.55 -18.28 36.26
CA GLY C 494 -27.66 -18.74 34.89
C GLY C 494 -26.33 -18.65 34.18
N VAL C 495 -26.39 -18.82 32.87
CA VAL C 495 -25.20 -18.70 32.03
C VAL C 495 -24.86 -17.22 31.87
N LEU C 496 -23.59 -16.88 32.05
CA LEU C 496 -23.13 -15.50 31.94
C LEU C 496 -22.97 -15.14 30.47
N ALA C 497 -23.67 -14.08 30.05
CA ALA C 497 -23.64 -13.62 28.67
C ALA C 497 -23.58 -12.11 28.64
N ILE C 498 -23.07 -11.57 27.53
CA ILE C 498 -22.92 -10.14 27.34
C ILE C 498 -23.80 -9.70 26.18
N LYS C 499 -24.45 -8.56 26.34
CA LYS C 499 -25.54 -8.13 25.48
C LYS C 499 -25.09 -7.30 24.30
N ASP C 500 -23.84 -6.82 24.30
CA ASP C 500 -23.28 -6.11 23.16
C ASP C 500 -21.78 -6.32 23.17
N HIS C 501 -21.16 -6.18 22.01
CA HIS C 501 -19.72 -6.39 21.94
C HIS C 501 -18.99 -5.17 22.49
N TRP C 502 -17.71 -5.35 22.76
CA TRP C 502 -16.86 -4.36 23.41
C TRP C 502 -15.56 -4.23 22.64
N PRO C 503 -14.82 -3.14 22.87
CA PRO C 503 -13.65 -2.87 21.99
C PRO C 503 -12.68 -4.02 21.86
N SER C 504 -12.33 -4.69 22.96
CA SER C 504 -11.30 -5.72 22.94
C SER C 504 -11.84 -7.11 22.66
N MET C 505 -13.10 -7.23 22.25
CA MET C 505 -13.65 -8.54 21.98
C MET C 505 -12.95 -9.18 20.79
N ALA C 506 -12.61 -10.47 20.92
CA ALA C 506 -12.03 -11.19 19.79
C ALA C 506 -12.95 -11.10 18.58
N ARG C 507 -12.35 -11.01 17.40
CA ARG C 507 -13.11 -10.71 16.18
C ARG C 507 -13.42 -11.94 15.36
N THR C 508 -12.67 -13.04 15.52
CA THR C 508 -12.93 -14.25 14.77
C THR C 508 -11.99 -15.35 15.30
N VAL C 509 -12.15 -16.55 14.73
CA VAL C 509 -11.21 -17.64 14.89
C VAL C 509 -10.52 -17.86 13.55
N TYR C 510 -9.19 -17.95 13.57
CA TYR C 510 -8.41 -17.85 12.35
C TYR C 510 -8.93 -18.79 11.27
N LYS C 511 -9.38 -18.21 10.15
CA LYS C 511 -9.87 -18.95 9.00
C LYS C 511 -10.95 -19.97 9.39
N ASN C 512 -11.67 -19.70 10.48
CA ASN C 512 -12.79 -20.53 10.87
C ASN C 512 -13.81 -19.66 11.60
N HIS C 513 -14.33 -18.65 10.90
CA HIS C 513 -15.34 -17.78 11.49
C HIS C 513 -16.58 -18.55 11.89
N THR C 514 -16.85 -19.70 11.27
CA THR C 514 -18.02 -20.49 11.63
C THR C 514 -17.89 -21.06 13.04
N LYS C 515 -16.69 -21.55 13.38
CA LYS C 515 -16.44 -22.01 14.75
C LYS C 515 -16.61 -20.85 15.73
N TYR C 516 -16.12 -19.67 15.35
CA TYR C 516 -16.32 -18.48 16.18
C TYR C 516 -17.81 -18.23 16.42
N MET C 517 -18.61 -18.22 15.36
CA MET C 517 -20.04 -17.97 15.51
C MET C 517 -20.72 -19.06 16.33
N ASP C 518 -20.45 -20.32 16.00
CA ASP C 518 -21.12 -21.41 16.70
C ASP C 518 -20.77 -21.44 18.18
N THR C 519 -19.62 -20.89 18.56
CA THR C 519 -19.17 -20.94 19.94
C THR C 519 -19.70 -19.79 20.79
N TYR C 520 -19.70 -18.56 20.25
CA TYR C 520 -19.98 -17.37 21.04
C TYR C 520 -21.28 -16.68 20.68
N MET C 521 -21.65 -16.64 19.41
CA MET C 521 -22.76 -15.81 18.95
C MET C 521 -24.04 -16.58 18.68
N ASN C 522 -23.94 -17.85 18.29
CA ASN C 522 -25.10 -18.63 17.86
C ASN C 522 -25.83 -19.34 19.00
N PRO C 523 -25.14 -19.82 20.05
CA PRO C 523 -25.87 -20.51 21.12
C PRO C 523 -27.01 -19.70 21.70
N TYR C 524 -26.81 -18.40 21.91
CA TYR C 524 -27.84 -17.50 22.42
C TYR C 524 -27.85 -16.27 21.52
N PRO C 525 -28.62 -16.30 20.44
CA PRO C 525 -28.57 -15.19 19.47
C PRO C 525 -28.82 -13.84 20.12
N GLY C 526 -28.04 -12.85 19.69
CA GLY C 526 -28.07 -11.53 20.29
C GLY C 526 -27.12 -11.33 21.44
N TYR C 527 -26.53 -12.41 21.96
CA TYR C 527 -25.61 -12.34 23.09
C TYR C 527 -24.25 -12.94 22.72
N TYR C 528 -23.26 -12.63 23.55
CA TYR C 528 -21.98 -13.30 23.55
C TYR C 528 -21.98 -14.30 24.70
N PHE C 529 -21.66 -15.56 24.41
CA PHE C 529 -21.74 -16.64 25.38
C PHE C 529 -20.37 -16.90 25.97
N THR C 530 -20.22 -16.65 27.27
CA THR C 530 -18.94 -16.79 27.94
C THR C 530 -18.55 -18.24 28.18
N GLY C 531 -19.49 -19.18 28.10
CA GLY C 531 -19.22 -20.53 28.51
C GLY C 531 -19.18 -20.74 30.01
N ASP C 532 -19.50 -19.71 30.78
CA ASP C 532 -19.44 -19.74 32.23
C ASP C 532 -20.83 -19.53 32.83
N GLY C 533 -21.03 -20.08 34.01
CA GLY C 533 -22.20 -19.79 34.81
C GLY C 533 -21.84 -18.82 35.92
N ALA C 534 -22.81 -17.99 36.29
CA ALA C 534 -22.58 -16.97 37.31
C ALA C 534 -23.88 -16.68 38.04
N ALA C 535 -23.78 -15.90 39.10
CA ALA C 535 -24.92 -15.50 39.91
C ALA C 535 -24.84 -14.00 40.17
N ARG C 536 -26.01 -13.38 40.32
CA ARG C 536 -26.12 -11.95 40.58
C ARG C 536 -26.96 -11.77 41.85
N ASP C 537 -26.35 -11.15 42.87
CA ASP C 537 -26.99 -11.01 44.16
C ASP C 537 -27.74 -9.69 44.26
N HIS C 538 -28.30 -9.42 45.45
CA HIS C 538 -29.19 -8.28 45.64
C HIS C 538 -28.48 -6.95 45.39
N ASP C 539 -27.14 -6.94 45.41
CA ASP C 539 -26.36 -5.72 45.22
C ASP C 539 -25.80 -5.57 43.82
N GLY C 540 -26.11 -6.50 42.91
CA GLY C 540 -25.57 -6.47 41.58
C GLY C 540 -24.21 -7.11 41.41
N TYR C 541 -23.60 -7.59 42.49
CA TYR C 541 -22.30 -8.24 42.40
C TYR C 541 -22.45 -9.60 41.74
N TYR C 542 -21.49 -9.92 40.87
CA TYR C 542 -21.49 -11.18 40.14
C TYR C 542 -20.57 -12.19 40.81
N TRP C 543 -21.06 -13.43 40.92
CA TRP C 543 -20.30 -14.54 41.50
C TRP C 543 -20.10 -15.58 40.41
N ILE C 544 -18.85 -15.75 39.98
CA ILE C 544 -18.54 -16.72 38.93
C ILE C 544 -18.57 -18.12 39.51
N ARG C 545 -19.34 -19.00 38.87
CA ARG C 545 -19.52 -20.36 39.35
C ARG C 545 -18.80 -21.41 38.51
N GLY C 546 -18.17 -21.02 37.42
CA GLY C 546 -17.34 -21.92 36.64
C GLY C 546 -17.98 -22.29 35.31
N ARG C 547 -17.23 -23.07 34.54
CA ARG C 547 -17.61 -23.40 33.18
C ARG C 547 -18.81 -24.35 33.17
N VAL C 548 -19.64 -24.20 32.13
CA VAL C 548 -20.77 -25.10 31.92
C VAL C 548 -20.47 -26.14 30.84
N ASP C 549 -19.50 -25.88 29.97
CA ASP C 549 -19.05 -26.86 28.99
C ASP C 549 -18.03 -27.79 29.63
N ASP C 550 -17.36 -28.61 28.83
CA ASP C 550 -16.44 -29.63 29.33
C ASP C 550 -15.00 -29.12 29.31
N VAL C 551 -14.78 -27.94 29.89
CA VAL C 551 -13.48 -27.31 29.97
C VAL C 551 -13.08 -27.20 31.43
N VAL C 552 -11.85 -27.59 31.74
CA VAL C 552 -11.32 -27.61 33.11
C VAL C 552 -10.19 -26.59 33.19
N ASN C 553 -10.18 -25.78 34.25
CA ASN C 553 -9.12 -24.81 34.49
C ASN C 553 -8.21 -25.39 35.57
N VAL C 554 -7.11 -26.02 35.15
CA VAL C 554 -6.13 -26.61 36.05
C VAL C 554 -4.96 -25.63 36.19
N SER C 555 -4.70 -25.19 37.41
CA SER C 555 -3.61 -24.26 37.70
C SER C 555 -3.70 -23.00 36.85
N GLY C 556 -4.93 -22.59 36.51
CA GLY C 556 -5.13 -21.42 35.69
C GLY C 556 -5.08 -21.69 34.20
N HIS C 557 -4.77 -22.92 33.80
CA HIS C 557 -4.63 -23.26 32.38
C HIS C 557 -5.95 -23.86 31.91
N ARG C 558 -6.50 -23.30 30.84
CA ARG C 558 -7.74 -23.83 30.29
C ARG C 558 -7.46 -25.10 29.52
N LEU C 559 -8.00 -26.22 30.00
CA LEU C 559 -7.83 -27.50 29.33
C LEU C 559 -9.16 -27.99 28.78
N SER C 560 -9.07 -28.84 27.76
CA SER C 560 -10.21 -29.46 27.10
C SER C 560 -10.23 -30.94 27.43
N THR C 561 -11.28 -31.38 28.15
CA THR C 561 -11.39 -32.80 28.44
C THR C 561 -11.44 -33.63 27.17
N ALA C 562 -11.99 -33.07 26.09
CA ALA C 562 -11.95 -33.76 24.80
C ALA C 562 -10.53 -33.88 24.26
N GLU C 563 -9.71 -32.86 24.48
CA GLU C 563 -8.34 -32.87 23.97
C GLU C 563 -7.47 -33.89 24.69
N ILE C 564 -7.68 -34.08 25.99
CA ILE C 564 -6.94 -35.10 26.72
C ILE C 564 -7.42 -36.48 26.34
N GLU C 565 -8.74 -36.66 26.22
CA GLU C 565 -9.29 -37.94 25.78
C GLU C 565 -8.73 -38.34 24.42
N ALA C 566 -8.62 -37.38 23.50
CA ALA C 566 -8.08 -37.68 22.18
C ALA C 566 -6.63 -38.14 22.26
N ALA C 567 -5.85 -37.53 23.16
CA ALA C 567 -4.46 -37.95 23.32
C ALA C 567 -4.38 -39.38 23.85
N LEU C 568 -5.25 -39.74 24.80
CA LEU C 568 -5.24 -41.09 25.34
C LEU C 568 -5.57 -42.12 24.27
N ILE C 569 -6.53 -41.80 23.39
CA ILE C 569 -6.96 -42.77 22.39
C ILE C 569 -5.87 -43.01 21.36
N GLU C 570 -5.02 -42.01 21.10
CA GLU C 570 -3.94 -42.18 20.14
C GLU C 570 -3.12 -43.41 20.44
N ASP C 571 -2.93 -43.72 21.73
CA ASP C 571 -2.28 -44.96 22.12
C ASP C 571 -3.04 -46.16 21.57
N LYS C 572 -2.32 -47.07 20.92
CA LYS C 572 -2.96 -48.22 20.31
C LYS C 572 -3.61 -49.14 21.34
N LYS C 573 -3.16 -49.11 22.59
CA LYS C 573 -3.75 -49.95 23.62
C LYS C 573 -5.15 -49.48 24.00
N VAL C 574 -5.37 -48.18 24.01
CA VAL C 574 -6.62 -47.61 24.52
C VAL C 574 -7.69 -47.69 23.45
N SER C 575 -8.92 -48.03 23.87
CA SER C 575 -10.09 -48.03 23.01
C SER C 575 -11.17 -47.06 23.47
N GLU C 576 -11.26 -46.77 24.77
CA GLU C 576 -12.22 -45.81 25.29
C GLU C 576 -11.55 -44.98 26.38
N ALA C 577 -11.85 -43.68 26.40
CA ALA C 577 -11.25 -42.78 27.36
C ALA C 577 -12.22 -41.65 27.67
N ALA C 578 -12.31 -41.29 28.95
CA ALA C 578 -13.18 -40.21 29.40
C ALA C 578 -12.49 -39.47 30.53
N VAL C 579 -12.43 -38.14 30.43
CA VAL C 579 -11.72 -37.29 31.39
C VAL C 579 -12.75 -36.47 32.15
N VAL C 580 -12.62 -36.46 33.48
CA VAL C 580 -13.51 -35.68 34.34
C VAL C 580 -12.67 -34.71 35.16
N GLY C 581 -13.31 -34.00 36.08
CA GLY C 581 -12.60 -33.06 36.94
C GLY C 581 -12.99 -33.25 38.39
N ILE C 582 -12.02 -33.09 39.28
CA ILE C 582 -12.22 -33.19 40.71
C ILE C 582 -11.65 -31.92 41.36
N HIS C 583 -11.87 -31.79 42.66
CA HIS C 583 -11.37 -30.63 43.40
C HIS C 583 -9.99 -30.97 43.94
N ASP C 584 -9.05 -30.02 43.78
CA ASP C 584 -7.69 -30.17 44.27
C ASP C 584 -7.30 -28.92 45.04
N ASP C 585 -6.69 -29.11 46.21
CA ASP C 585 -6.36 -28.00 47.09
C ASP C 585 -5.10 -27.24 46.64
N ILE C 586 -4.42 -27.69 45.58
CA ILE C 586 -3.27 -27.00 45.03
C ILE C 586 -3.44 -26.67 43.56
N THR C 587 -3.95 -27.61 42.76
CA THR C 587 -4.14 -27.38 41.34
C THR C 587 -5.50 -26.76 41.02
N GLY C 588 -6.33 -26.51 42.04
CA GLY C 588 -7.64 -25.93 41.84
C GLY C 588 -8.64 -26.92 41.29
N GLN C 589 -8.39 -27.37 40.07
CA GLN C 589 -9.15 -28.43 39.42
C GLN C 589 -8.14 -29.45 38.94
N ALA C 590 -8.34 -30.72 39.30
CA ALA C 590 -7.53 -31.79 38.76
C ALA C 590 -8.35 -32.59 37.76
N VAL C 591 -7.65 -33.26 36.85
CA VAL C 591 -8.26 -34.09 35.82
C VAL C 591 -7.91 -35.54 36.11
N ILE C 592 -8.91 -36.40 36.11
CA ILE C 592 -8.75 -37.83 36.32
C ILE C 592 -9.20 -38.54 35.06
N ALA C 593 -8.32 -39.37 34.49
CA ALA C 593 -8.59 -40.07 33.25
C ALA C 593 -9.05 -41.49 33.54
N TYR C 594 -10.12 -41.90 32.86
CA TYR C 594 -10.64 -43.26 32.91
C TYR C 594 -10.44 -43.91 31.56
N VAL C 595 -9.58 -44.92 31.50
CA VAL C 595 -9.22 -45.58 30.25
C VAL C 595 -9.68 -47.03 30.31
N ALA C 596 -10.27 -47.49 29.20
CA ALA C 596 -10.67 -48.89 29.04
C ALA C 596 -10.00 -49.43 27.78
N LEU C 597 -9.18 -50.46 27.95
CA LEU C 597 -8.34 -50.95 26.87
C LEU C 597 -9.08 -51.97 26.00
N LEU C 615 2.31 -40.43 29.95
CA LEU C 615 3.35 -39.93 29.05
C LEU C 615 2.79 -39.59 27.67
N GLN C 616 1.67 -40.23 27.31
CA GLN C 616 1.06 -39.96 26.01
C GLN C 616 0.46 -38.55 25.98
N VAL C 617 -0.13 -38.11 27.09
CA VAL C 617 -0.66 -36.75 27.15
C VAL C 617 0.48 -35.73 27.23
N ARG C 618 1.59 -36.08 27.87
CA ARG C 618 2.71 -35.15 27.97
C ARG C 618 3.38 -34.89 26.63
N LYS C 619 3.28 -35.81 25.67
CA LYS C 619 3.86 -35.63 24.34
C LYS C 619 2.86 -35.12 23.32
N THR C 620 1.56 -35.09 23.65
CA THR C 620 0.53 -34.61 22.74
C THR C 620 0.11 -33.18 23.06
N ILE C 621 -0.11 -32.88 24.33
CA ILE C 621 -0.54 -31.56 24.76
C ILE C 621 0.60 -30.81 25.47
N GLY C 622 1.29 -31.47 26.39
CA GLY C 622 2.37 -30.86 27.12
C GLY C 622 2.40 -31.34 28.55
N PRO C 623 3.56 -31.25 29.21
CA PRO C 623 3.64 -31.73 30.60
C PRO C 623 2.60 -31.12 31.53
N PHE C 624 2.28 -29.83 31.34
CA PHE C 624 1.30 -29.18 32.20
C PHE C 624 -0.10 -29.73 32.04
N ALA C 625 -0.41 -30.36 30.90
CA ALA C 625 -1.72 -30.92 30.64
C ALA C 625 -1.81 -32.39 30.98
N ALA C 626 -0.81 -32.96 31.64
CA ALA C 626 -0.83 -34.37 31.96
C ALA C 626 -1.94 -34.67 32.97
N PRO C 627 -2.58 -35.84 32.87
CA PRO C 627 -3.59 -36.21 33.87
C PRO C 627 -2.93 -36.37 35.24
N LYS C 628 -3.67 -35.99 36.28
CA LYS C 628 -3.18 -36.22 37.63
C LYS C 628 -2.84 -37.70 37.82
N SER C 629 -3.80 -38.58 37.54
CA SER C 629 -3.59 -40.03 37.58
C SER C 629 -4.57 -40.66 36.59
N VAL C 630 -4.13 -41.72 35.93
CA VAL C 630 -4.94 -42.45 34.96
C VAL C 630 -5.46 -43.71 35.63
N ILE C 631 -6.78 -43.87 35.63
CA ILE C 631 -7.46 -45.00 36.25
C ILE C 631 -7.79 -46.02 35.18
N ILE C 632 -7.27 -47.23 35.32
CA ILE C 632 -7.50 -48.31 34.37
C ILE C 632 -8.74 -49.06 34.81
N VAL C 633 -9.78 -49.09 33.97
CA VAL C 633 -11.02 -49.76 34.30
C VAL C 633 -11.32 -50.88 33.31
#